data_6M5E
#
_entry.id   6M5E
#
_cell.length_a   197.050
_cell.length_b   125.680
_cell.length_c   125.740
_cell.angle_alpha   90.000
_cell.angle_beta   90.320
_cell.angle_gamma   90.000
#
_symmetry.space_group_name_H-M   'C 1 2 1'
#
loop_
_entity.id
_entity.type
_entity.pdbx_description
1 polymer 'Serum albumin'
2 polymer dalbavancin
3 polymer dalbavancin
4 non-polymer "O-(O-(2-AMINOPROPYL)-O'-(2-METHOXYETHYL)POLYPROPYLENE GLYCOL 500)"
5 non-polymer '(2S,5S)-5-azanyl-3,4,6-tris(oxidanyl)oxane-2-carboxylic acid'
6 non-polymer '10-METHYLUNDECANOIC ACID'
7 non-polymer alpha-D-mannopyranose
8 non-polymer '2-amino-2-deoxy-beta-D-altropyranuronic acid'
9 non-polymer beta-L-allopyranose
10 water water
#
loop_
_entity_poly.entity_id
_entity_poly.type
_entity_poly.pdbx_seq_one_letter_code
_entity_poly.pdbx_strand_id
1 'polypeptide(L)'
;DAHKSEVAHRFKDLGEENFKALVLIAFAQYLQQCPFEDHVKLVNEVTEFAKTCVADESAENCDKSLHTLFGDKLCTVATL
RETYGEMADCCAKQEPERNECFLQHKDDNPNLPRLVRPEVDVMCTAFHDNEETFLKKYLYEIARRHPYFYAPELLFFAKR
YKAAFTECCQAADKAACLLPKLDELRDEGKASSAKQRLKCASLQKFGERAFKAWAVARLSQRFPKAEFAEVSKLVTDLTK
VHTECCHGDLLECADDRADLAKYICENQDSISSKLKECCEKPLLEKSHCIAEVENDEMPADLPSLAADFVESKDVCKNYA
EAKDVFLGMFLYEYARRHPDYSVVLLLRLAKTYETTLEKCCAAADPHECYAKVFDEFKPLVEEPQNLIKQNCELFEQLGE
YKFQNALLVRYTKKVPQVSTPTLVEVSRNLGKVGSKCCKHPEAKRMPCAEDYLSVVLNQLCVLHEKTPVSDRVTKCCTES
LVNRRPCFSALEVDETYVPKEFNAETFTFHADICTLSEKERQIKKQTALVELVKHKPKATKEQLKAVMDDFAAFVEKCCK
ADDKETCFAEEGKKLVAASQAALGL
;
A,B,C
2 'polypeptide(L)' (5PG)Y(HCL)(D4P)(D4P)(OMZ)(D3P)(DIB) F,G,H
3 'polypeptide(L)' (5PG)Y(HCL)(D4P)(D4P)(F93)(D3P)(DIB) I,J
#
loop_
_chem_comp.id
_chem_comp.type
_chem_comp.name
_chem_comp.formula
DIB non-polymer 3-AMINO-(DIMETHYLPROPYLAMINE) 'C5 H14 N2'
F8F non-polymer '(2S,5S)-5-azanyl-3,4,6-tris(oxidanyl)oxane-2-carboxylic acid' 'C6 H11 N O6'
F8X D-saccharide, beta linking '2-amino-2-deoxy-beta-D-altropyranuronic acid' 'C6 H11 N O6'
JEF non-polymer 'O-(O-(2-AMINOPROPYL)-O'-(2-METHOXYETHYL)POLYPROPYLENE GLYCOL 500)' 'C30 H63 N O10'
M12 non-polymer '10-METHYLUNDECANOIC ACID' 'C12 H24 O2'
MAN D-saccharide, alpha linking alpha-D-mannopyranose 'C6 H12 O6'
WOO L-saccharide, beta linking beta-L-allopyranose 'C6 H12 O6'
#
# COMPACT_ATOMS: atom_id res chain seq x y z
N ALA A 2 36.69 59.83 6.76
CA ALA A 2 37.66 60.32 5.79
C ALA A 2 38.80 59.31 5.60
N HIS A 3 39.00 58.85 4.35
CA HIS A 3 39.95 57.78 4.01
C HIS A 3 40.85 58.28 2.89
N LYS A 4 41.86 59.07 3.25
CA LYS A 4 42.66 59.74 2.23
C LYS A 4 43.37 58.73 1.34
N SER A 5 43.50 57.48 1.78
CA SER A 5 44.20 56.46 1.03
C SER A 5 43.31 55.24 0.88
N GLU A 6 42.92 54.93 -0.35
CA GLU A 6 42.00 53.83 -0.57
C GLU A 6 42.66 52.49 -0.26
N VAL A 7 43.91 52.30 -0.70
CA VAL A 7 44.56 51.00 -0.50
C VAL A 7 44.66 50.66 0.98
N ALA A 8 44.98 51.66 1.82
CA ALA A 8 45.05 51.41 3.26
C ALA A 8 43.67 51.07 3.79
N HIS A 9 42.65 51.78 3.31
CA HIS A 9 41.30 51.50 3.76
C HIS A 9 40.94 50.05 3.46
N ARG A 10 41.19 49.61 2.24
CA ARG A 10 40.84 48.26 1.89
C ARG A 10 41.68 47.25 2.63
N PHE A 11 42.98 47.54 2.81
CA PHE A 11 43.84 46.65 3.59
C PHE A 11 43.31 46.48 5.02
N LYS A 12 42.97 47.59 5.69
CA LYS A 12 42.45 47.52 7.06
C LYS A 12 41.14 46.74 7.11
N ASP A 13 40.25 46.94 6.14
CA ASP A 13 38.94 46.29 6.19
C ASP A 13 39.05 44.78 5.96
N LEU A 14 39.94 44.35 5.06
CA LEU A 14 39.99 42.94 4.67
C LEU A 14 41.03 42.14 5.44
N GLY A 15 42.05 42.77 6.03
CA GLY A 15 43.13 42.01 6.63
C GLY A 15 44.17 41.55 5.62
N GLU A 16 45.42 41.43 6.09
CA GLU A 16 46.52 41.12 5.17
C GLU A 16 46.27 39.84 4.39
N GLU A 17 45.76 38.79 5.03
CA GLU A 17 45.65 37.51 4.35
C GLU A 17 44.66 37.60 3.18
N ASN A 18 43.45 38.10 3.42
CA ASN A 18 42.47 38.16 2.34
C ASN A 18 42.85 39.15 1.25
N PHE A 19 43.53 40.24 1.64
CA PHE A 19 43.99 41.23 0.68
C PHE A 19 45.02 40.62 -0.28
N LYS A 20 46.08 40.02 0.26
CA LYS A 20 47.06 39.37 -0.61
C LYS A 20 46.39 38.41 -1.59
N ALA A 21 45.44 37.60 -1.09
CA ALA A 21 44.80 36.63 -1.97
C ALA A 21 43.97 37.33 -3.05
N LEU A 22 43.19 38.34 -2.65
CA LEU A 22 42.36 39.04 -3.63
C LEU A 22 43.21 39.71 -4.70
N VAL A 23 44.33 40.34 -4.30
CA VAL A 23 45.21 40.96 -5.28
C VAL A 23 45.69 39.92 -6.28
N LEU A 24 46.24 38.80 -5.78
CA LEU A 24 46.66 37.74 -6.69
C LEU A 24 45.54 37.38 -7.65
N ILE A 25 44.31 37.27 -7.15
CA ILE A 25 43.20 36.93 -8.04
C ILE A 25 43.00 38.04 -9.07
N ALA A 26 42.95 39.28 -8.61
CA ALA A 26 42.63 40.37 -9.52
C ALA A 26 43.58 40.40 -10.71
N PHE A 27 44.87 40.13 -10.49
CA PHE A 27 45.83 40.19 -11.58
C PHE A 27 45.81 38.94 -12.46
N ALA A 28 45.62 37.76 -11.87
CA ALA A 28 45.67 36.55 -12.67
C ALA A 28 44.47 36.44 -13.63
N GLN A 29 43.33 37.02 -13.25
CA GLN A 29 42.15 36.94 -14.10
C GLN A 29 42.31 37.78 -15.35
N TYR A 30 43.08 38.87 -15.27
CA TYR A 30 43.39 39.66 -16.47
C TYR A 30 44.66 39.16 -17.15
N LEU A 31 45.73 38.95 -16.38
CA LEU A 31 47.01 38.53 -16.94
C LEU A 31 47.16 37.01 -16.92
N GLN A 32 46.26 36.34 -17.62
CA GLN A 32 46.14 34.90 -17.50
C GLN A 32 47.32 34.11 -18.09
N GLN A 33 48.11 34.70 -18.98
CA GLN A 33 49.24 33.98 -19.57
C GLN A 33 50.57 34.32 -18.91
N CYS A 34 50.57 35.24 -17.93
CA CYS A 34 51.82 35.50 -17.23
C CYS A 34 52.10 34.37 -16.24
N PRO A 35 53.35 33.94 -16.13
CA PRO A 35 53.66 32.76 -15.31
C PRO A 35 53.45 33.04 -13.82
N PHE A 36 53.45 31.96 -13.05
CA PHE A 36 53.16 32.06 -11.63
C PHE A 36 54.10 33.03 -10.92
N GLU A 37 55.41 32.87 -11.13
CA GLU A 37 56.38 33.69 -10.41
C GLU A 37 56.15 35.18 -10.63
N ASP A 38 55.74 35.58 -11.82
CA ASP A 38 55.50 37.01 -12.05
C ASP A 38 54.42 37.54 -11.11
N HIS A 39 53.36 36.77 -10.92
CA HIS A 39 52.27 37.18 -10.05
C HIS A 39 52.69 37.18 -8.59
N VAL A 40 53.52 36.23 -8.20
CA VAL A 40 54.04 36.21 -6.84
C VAL A 40 54.75 37.52 -6.55
N LYS A 41 55.75 37.84 -7.39
CA LYS A 41 56.52 39.07 -7.26
C LYS A 41 55.65 40.32 -7.12
N LEU A 42 54.65 40.48 -8.00
CA LEU A 42 53.85 41.68 -7.93
C LEU A 42 52.98 41.68 -6.69
N VAL A 43 52.42 40.53 -6.31
CA VAL A 43 51.64 40.48 -5.08
C VAL A 43 52.46 40.99 -3.90
N ASN A 44 53.71 40.51 -3.76
CA ASN A 44 54.54 40.97 -2.64
C ASN A 44 54.77 42.48 -2.71
N GLU A 45 54.97 43.03 -3.91
CA GLU A 45 55.17 44.48 -4.03
C GLU A 45 53.93 45.25 -3.60
N VAL A 46 52.76 44.81 -4.04
CA VAL A 46 51.53 45.48 -3.64
C VAL A 46 51.36 45.46 -2.13
N THR A 47 51.62 44.30 -1.51
CA THR A 47 51.49 44.19 -0.07
C THR A 47 52.46 45.13 0.63
N GLU A 48 53.74 45.10 0.21
CA GLU A 48 54.73 46.02 0.76
C GLU A 48 54.20 47.46 0.72
N PHE A 49 53.65 47.87 -0.44
CA PHE A 49 53.13 49.21 -0.61
C PHE A 49 51.93 49.48 0.31
N ALA A 50 50.95 48.57 0.34
CA ALA A 50 49.78 48.78 1.17
C ALA A 50 50.16 48.92 2.65
N LYS A 51 51.04 48.04 3.12
CA LYS A 51 51.49 48.14 4.50
C LYS A 51 52.15 49.48 4.75
N THR A 52 52.85 50.00 3.75
CA THR A 52 53.49 51.31 3.87
C THR A 52 52.47 52.38 4.22
N CYS A 53 51.28 52.28 3.63
CA CYS A 53 50.25 53.31 3.75
C CYS A 53 49.40 53.16 4.99
N VAL A 54 49.16 51.94 5.42
CA VAL A 54 48.49 51.77 6.70
C VAL A 54 49.22 52.55 7.79
N ALA A 55 50.56 52.62 7.69
CA ALA A 55 51.35 53.37 8.64
C ALA A 55 51.25 54.88 8.41
N ASP A 56 51.66 55.33 7.22
CA ASP A 56 51.75 56.74 6.86
C ASP A 56 50.93 56.95 5.60
N GLU A 57 49.73 57.52 5.74
CA GLU A 57 48.88 57.68 4.57
C GLU A 57 49.42 58.69 3.57
N SER A 58 50.33 59.57 3.97
CA SER A 58 50.93 60.54 3.08
C SER A 58 52.13 59.98 2.30
N ALA A 59 52.41 58.69 2.40
CA ALA A 59 53.54 58.11 1.71
C ALA A 59 53.30 58.12 0.21
N GLU A 60 54.36 57.81 -0.55
CA GLU A 60 54.28 57.91 -2.00
C GLU A 60 53.12 57.10 -2.55
N ASN A 61 52.30 57.74 -3.38
CA ASN A 61 51.30 57.08 -4.22
C ASN A 61 50.09 56.55 -3.45
N CYS A 62 49.96 56.86 -2.16
CA CYS A 62 48.87 56.27 -1.41
C CYS A 62 47.56 57.01 -1.55
N ASP A 63 47.60 58.27 -1.91
CA ASP A 63 46.39 59.04 -2.14
C ASP A 63 45.83 58.82 -3.54
N LYS A 64 46.46 57.98 -4.35
CA LYS A 64 45.94 57.58 -5.65
C LYS A 64 44.80 56.56 -5.51
N SER A 65 44.04 56.42 -6.59
CA SER A 65 42.87 55.58 -6.65
C SER A 65 43.23 54.12 -6.92
N LEU A 66 42.27 53.22 -6.65
CA LEU A 66 42.52 51.82 -6.98
C LEU A 66 42.63 51.64 -8.49
N HIS A 67 41.77 52.30 -9.25
CA HIS A 67 41.84 52.16 -10.70
C HIS A 67 43.19 52.63 -11.23
N THR A 68 43.63 53.82 -10.79
CA THR A 68 44.90 54.35 -11.27
C THR A 68 46.05 53.45 -10.85
N LEU A 69 46.06 52.99 -9.60
CA LEU A 69 47.11 52.09 -9.12
C LEU A 69 47.07 50.75 -9.85
N PHE A 70 45.90 50.12 -9.88
CA PHE A 70 45.78 48.84 -10.58
C PHE A 70 46.18 48.99 -12.04
N GLY A 71 45.62 49.99 -12.72
CA GLY A 71 46.02 50.21 -14.10
C GLY A 71 47.52 50.32 -14.27
N ASP A 72 48.15 51.20 -13.48
CA ASP A 72 49.59 51.39 -13.62
C ASP A 72 50.33 50.07 -13.47
N LYS A 73 49.93 49.25 -12.50
CA LYS A 73 50.70 48.06 -12.20
C LYS A 73 50.49 46.98 -13.26
N LEU A 74 49.23 46.78 -13.67
CA LEU A 74 48.91 45.85 -14.75
C LEU A 74 49.69 46.22 -16.00
N CYS A 75 49.81 47.51 -16.28
CA CYS A 75 50.41 47.86 -17.54
C CYS A 75 51.90 47.57 -17.51
N THR A 76 52.62 47.93 -16.43
CA THR A 76 54.06 47.71 -16.47
C THR A 76 54.39 46.23 -16.43
N VAL A 77 53.55 45.41 -15.79
CA VAL A 77 53.77 43.97 -15.81
C VAL A 77 53.48 43.41 -17.20
N ALA A 78 52.29 43.68 -17.73
CA ALA A 78 51.87 43.08 -18.99
C ALA A 78 52.74 43.50 -20.18
N THR A 79 53.29 44.71 -20.19
CA THR A 79 54.12 45.14 -21.31
C THR A 79 55.60 44.73 -21.19
N LEU A 80 56.01 44.16 -20.06
CA LEU A 80 57.43 43.86 -19.85
C LEU A 80 58.01 43.03 -21.00
N ARG A 81 57.43 41.85 -21.22
CA ARG A 81 57.78 41.01 -22.38
C ARG A 81 57.00 41.38 -23.64
N GLU A 82 55.66 41.56 -23.57
CA GLU A 82 54.85 41.81 -24.77
C GLU A 82 54.67 43.33 -24.88
N THR A 83 55.47 43.94 -25.77
CA THR A 83 55.54 45.38 -25.93
C THR A 83 54.40 45.97 -26.74
N TYR A 84 53.91 45.22 -27.72
CA TYR A 84 52.74 45.56 -28.53
C TYR A 84 51.74 44.43 -28.40
N GLY A 85 50.54 44.75 -27.94
CA GLY A 85 49.54 43.72 -27.79
C GLY A 85 48.22 44.38 -27.48
N GLU A 86 47.23 43.56 -27.16
CA GLU A 86 45.97 44.18 -26.82
C GLU A 86 46.11 44.99 -25.52
N MET A 87 46.90 44.51 -24.56
CA MET A 87 47.09 45.31 -23.35
C MET A 87 47.95 46.54 -23.65
N ALA A 88 48.84 46.44 -24.63
CA ALA A 88 49.59 47.63 -25.00
C ALA A 88 48.66 48.71 -25.49
N ASP A 89 47.62 48.33 -26.23
CA ASP A 89 46.66 49.28 -26.74
C ASP A 89 45.92 49.94 -25.57
N CYS A 90 45.45 49.12 -24.63
CA CYS A 90 44.73 49.67 -23.49
C CYS A 90 45.60 50.65 -22.72
N CYS A 91 46.89 50.36 -22.60
CA CYS A 91 47.79 51.15 -21.79
C CYS A 91 48.21 52.44 -22.47
N ALA A 92 47.87 52.64 -23.73
CA ALA A 92 48.05 53.97 -24.28
C ALA A 92 46.94 54.91 -23.86
N LYS A 93 45.89 54.38 -23.27
CA LYS A 93 44.77 55.21 -22.88
C LYS A 93 45.02 55.81 -21.49
N GLN A 94 44.36 56.93 -21.22
CA GLN A 94 44.33 57.40 -19.84
C GLN A 94 43.09 56.84 -19.16
N GLU A 95 43.09 56.95 -17.84
CA GLU A 95 41.85 56.67 -17.12
C GLU A 95 40.82 57.75 -17.46
N PRO A 96 39.54 57.40 -17.49
CA PRO A 96 39.07 56.07 -17.14
C PRO A 96 38.95 55.13 -18.34
N GLU A 97 39.22 55.60 -19.56
CA GLU A 97 39.01 54.71 -20.71
C GLU A 97 39.89 53.47 -20.60
N ARG A 98 41.08 53.62 -20.01
CA ARG A 98 42.00 52.51 -19.83
C ARG A 98 41.37 51.38 -18.99
N ASN A 99 40.81 51.74 -17.84
CA ASN A 99 40.31 50.66 -16.99
C ASN A 99 39.24 49.85 -17.71
N GLU A 100 38.39 50.53 -18.48
CA GLU A 100 37.32 49.85 -19.19
C GLU A 100 37.85 48.98 -20.31
N CYS A 101 38.94 49.42 -20.94
CA CYS A 101 39.52 48.64 -22.04
C CYS A 101 39.97 47.26 -21.58
N PHE A 102 40.51 47.16 -20.36
CA PHE A 102 40.89 45.87 -19.82
C PHE A 102 39.77 44.84 -19.95
N LEU A 103 38.51 45.27 -19.77
CA LEU A 103 37.40 44.31 -19.75
C LEU A 103 37.42 43.32 -20.93
N GLN A 104 37.82 43.77 -22.11
CA GLN A 104 37.76 42.85 -23.25
C GLN A 104 38.89 41.82 -23.28
N HIS A 105 39.88 41.92 -22.39
CA HIS A 105 41.10 41.12 -22.44
C HIS A 105 41.07 39.95 -21.43
N LYS A 106 39.89 39.58 -20.92
CA LYS A 106 39.70 38.31 -20.22
C LYS A 106 39.35 37.23 -21.24
N ASP A 107 40.20 36.21 -21.38
CA ASP A 107 39.90 35.10 -22.26
C ASP A 107 39.06 34.08 -21.50
N ASP A 108 37.95 33.65 -22.11
CA ASP A 108 37.00 32.82 -21.38
C ASP A 108 37.40 31.35 -21.34
N ASN A 109 37.80 30.78 -22.46
CA ASN A 109 38.30 29.42 -22.47
C ASN A 109 39.70 29.50 -23.09
N PRO A 110 40.69 29.86 -22.27
CA PRO A 110 42.06 30.03 -22.78
C PRO A 110 42.74 28.72 -23.13
N ASN A 111 43.76 28.82 -23.98
CA ASN A 111 44.50 27.61 -24.37
C ASN A 111 45.49 27.34 -23.25
N LEU A 112 45.04 26.57 -22.26
CA LEU A 112 45.85 26.36 -21.09
C LEU A 112 45.85 24.87 -20.78
N PRO A 113 47.00 24.33 -20.41
CA PRO A 113 47.12 22.87 -20.23
C PRO A 113 46.15 22.35 -19.18
N ARG A 114 45.75 21.08 -19.34
CA ARG A 114 45.02 20.42 -18.27
C ARG A 114 45.82 20.40 -16.96
N LEU A 115 45.10 20.45 -15.85
CA LEU A 115 45.68 20.48 -14.51
C LEU A 115 45.68 19.05 -13.97
N VAL A 116 46.85 18.45 -13.87
CA VAL A 116 46.98 17.04 -13.48
C VAL A 116 47.59 16.94 -12.10
N ARG A 117 46.84 16.28 -11.13
CA ARG A 117 47.34 16.27 -9.76
C ARG A 117 48.48 15.27 -9.62
N PRO A 118 49.50 15.59 -8.81
CA PRO A 118 50.57 14.62 -8.53
C PRO A 118 50.09 13.54 -7.58
N GLU A 119 50.99 12.67 -7.16
CA GLU A 119 50.63 11.69 -6.15
C GLU A 119 50.21 12.39 -4.86
N VAL A 120 49.43 11.68 -4.04
CA VAL A 120 48.99 12.26 -2.78
C VAL A 120 50.19 12.59 -1.89
N ASP A 121 51.18 11.69 -1.83
CA ASP A 121 52.38 11.91 -1.02
C ASP A 121 53.15 13.16 -1.46
N VAL A 122 53.26 13.39 -2.77
CA VAL A 122 54.00 14.54 -3.24
C VAL A 122 53.28 15.83 -2.86
N MET A 123 51.96 15.86 -3.00
CA MET A 123 51.23 17.08 -2.67
C MET A 123 51.44 17.46 -1.22
N CYS A 124 51.34 16.51 -0.30
CA CYS A 124 51.43 16.87 1.12
C CYS A 124 52.83 17.29 1.53
N THR A 125 53.87 16.66 0.99
CA THR A 125 55.19 17.18 1.30
C THR A 125 55.28 18.63 0.85
N ALA A 126 54.79 18.93 -0.34
CA ALA A 126 54.79 20.31 -0.81
C ALA A 126 53.96 21.19 0.11
N PHE A 127 52.79 20.70 0.53
CA PHE A 127 51.94 21.47 1.45
C PHE A 127 52.66 21.71 2.77
N HIS A 128 53.34 20.69 3.30
CA HIS A 128 54.11 20.87 4.52
C HIS A 128 55.38 21.66 4.25
N ASP A 129 56.06 21.38 3.13
CA ASP A 129 57.37 21.97 2.84
C ASP A 129 57.30 23.46 2.51
N ASN A 130 56.19 23.93 1.97
CA ASN A 130 56.00 25.38 1.81
C ASN A 130 54.51 25.62 1.60
N GLU A 131 53.82 25.92 2.70
CA GLU A 131 52.38 26.10 2.66
C GLU A 131 51.98 27.26 1.77
N GLU A 132 52.57 28.44 1.98
CA GLU A 132 52.05 29.65 1.31
C GLU A 132 52.11 29.52 -0.20
N THR A 133 53.22 29.00 -0.72
CA THR A 133 53.36 28.86 -2.15
C THR A 133 52.39 27.82 -2.70
N PHE A 134 52.27 26.68 -2.03
CA PHE A 134 51.29 25.66 -2.42
C PHE A 134 49.89 26.24 -2.56
N LEU A 135 49.50 27.11 -1.62
CA LEU A 135 48.15 27.62 -1.69
C LEU A 135 48.02 28.72 -2.74
N LYS A 136 49.01 29.61 -2.87
CA LYS A 136 48.96 30.61 -3.93
C LYS A 136 48.84 29.93 -5.30
N LYS A 137 49.60 28.85 -5.52
CA LYS A 137 49.45 28.15 -6.79
C LYS A 137 48.02 27.66 -7.00
N TYR A 138 47.34 27.26 -5.91
CA TYR A 138 45.93 26.90 -6.04
C TYR A 138 45.12 28.09 -6.56
N LEU A 139 45.24 29.25 -5.90
CA LEU A 139 44.54 30.43 -6.39
C LEU A 139 44.92 30.76 -7.83
N TYR A 140 46.22 30.78 -8.14
CA TYR A 140 46.65 31.22 -9.46
C TYR A 140 46.06 30.32 -10.54
N GLU A 141 46.24 29.01 -10.41
CA GLU A 141 45.83 28.14 -11.50
C GLU A 141 44.33 28.22 -11.74
N ILE A 142 43.56 28.55 -10.69
CA ILE A 142 42.11 28.66 -10.83
C ILE A 142 41.70 30.00 -11.41
N ALA A 143 42.17 31.09 -10.79
CA ALA A 143 41.71 32.38 -11.28
C ALA A 143 41.94 32.48 -12.78
N ARG A 144 43.11 32.06 -13.25
CA ARG A 144 43.38 32.32 -14.66
C ARG A 144 42.54 31.46 -15.59
N ARG A 145 42.01 30.34 -15.12
CA ARG A 145 41.17 29.52 -15.99
C ARG A 145 39.71 29.94 -15.92
N HIS A 146 39.35 30.71 -14.90
CA HIS A 146 37.98 31.13 -14.68
C HIS A 146 38.02 32.61 -14.39
N PRO A 147 38.25 33.44 -15.40
CA PRO A 147 38.50 34.87 -15.14
C PRO A 147 37.30 35.61 -14.61
N TYR A 148 36.14 34.94 -14.51
CA TYR A 148 34.96 35.57 -13.95
C TYR A 148 34.54 34.93 -12.61
N PHE A 149 35.43 34.19 -11.98
CA PHE A 149 35.13 33.55 -10.71
C PHE A 149 34.71 34.61 -9.70
N TYR A 150 33.64 34.32 -8.95
CA TYR A 150 33.22 35.20 -7.87
C TYR A 150 34.33 35.28 -6.79
N ALA A 151 35.12 36.35 -6.78
CA ALA A 151 36.35 36.32 -5.99
C ALA A 151 36.12 36.02 -4.51
N PRO A 152 35.16 36.65 -3.84
CA PRO A 152 34.92 36.28 -2.43
C PRO A 152 34.63 34.80 -2.27
N GLU A 153 33.93 34.19 -3.23
CA GLU A 153 33.67 32.75 -3.13
C GLU A 153 34.96 31.96 -3.35
N LEU A 154 35.84 32.43 -4.23
CA LEU A 154 37.10 31.73 -4.43
C LEU A 154 37.92 31.65 -3.13
N LEU A 155 37.99 32.77 -2.39
CA LEU A 155 38.60 32.78 -1.06
C LEU A 155 38.01 31.66 -0.18
N PHE A 156 36.69 31.46 -0.26
CA PHE A 156 36.05 30.39 0.52
C PHE A 156 36.59 29.01 0.11
N PHE A 157 36.64 28.74 -1.20
CA PHE A 157 37.23 27.49 -1.68
C PHE A 157 38.64 27.35 -1.17
N ALA A 158 39.41 28.42 -1.25
CA ALA A 158 40.78 28.38 -0.77
C ALA A 158 40.83 27.97 0.69
N LYS A 159 39.87 28.43 1.49
CA LYS A 159 39.83 28.05 2.90
C LYS A 159 39.59 26.55 3.02
N ARG A 160 38.68 26.01 2.19
CA ARG A 160 38.34 24.60 2.25
C ARG A 160 39.44 23.73 1.65
N TYR A 161 40.13 24.22 0.60
CA TYR A 161 41.25 23.49 0.03
C TYR A 161 42.34 23.31 1.09
N LYS A 162 42.73 24.42 1.74
CA LYS A 162 43.70 24.34 2.83
C LYS A 162 43.22 23.38 3.92
N ALA A 163 41.96 23.49 4.33
CA ALA A 163 41.50 22.65 5.42
C ALA A 163 41.54 21.17 5.03
N ALA A 164 41.26 20.86 3.77
CA ALA A 164 41.37 19.48 3.32
C ALA A 164 42.77 18.95 3.56
N PHE A 165 43.80 19.73 3.20
CA PHE A 165 45.16 19.22 3.38
C PHE A 165 45.52 19.15 4.85
N THR A 166 45.14 20.15 5.64
CA THR A 166 45.46 20.12 7.06
C THR A 166 44.87 18.89 7.73
N GLU A 167 43.69 18.46 7.30
CA GLU A 167 43.09 17.27 7.90
C GLU A 167 43.71 15.99 7.33
N CYS A 168 43.75 15.86 6.00
CA CYS A 168 43.97 14.55 5.40
C CYS A 168 45.41 14.09 5.45
N CYS A 169 46.37 14.96 5.68
CA CYS A 169 47.74 14.48 5.77
C CYS A 169 48.18 14.13 7.17
N GLN A 170 47.38 14.42 8.19
CA GLN A 170 47.58 13.80 9.48
C GLN A 170 46.85 12.45 9.57
N ALA A 171 46.10 12.08 8.53
CA ALA A 171 45.21 10.93 8.48
C ALA A 171 45.96 9.62 8.26
N ALA A 172 45.33 8.52 8.69
CA ALA A 172 45.89 7.19 8.51
C ALA A 172 45.83 6.69 7.07
N ASP A 173 44.78 7.03 6.31
CA ASP A 173 44.71 6.67 4.89
C ASP A 173 44.60 7.97 4.11
N LYS A 174 45.75 8.59 3.80
CA LYS A 174 45.74 9.95 3.27
C LYS A 174 44.96 10.06 1.96
N ALA A 175 45.15 9.12 1.03
CA ALA A 175 44.53 9.31 -0.28
C ALA A 175 43.04 9.06 -0.21
N ALA A 176 42.61 8.07 0.58
CA ALA A 176 41.19 7.80 0.72
C ALA A 176 40.45 8.96 1.37
N CYS A 177 41.18 9.78 2.14
CA CYS A 177 40.65 10.97 2.80
C CYS A 177 40.61 12.16 1.83
N LEU A 178 41.73 12.39 1.12
CA LEU A 178 41.97 13.66 0.45
C LEU A 178 41.30 13.75 -0.92
N LEU A 179 41.45 12.72 -1.76
CA LEU A 179 40.97 12.82 -3.14
C LEU A 179 39.47 13.04 -3.24
N PRO A 180 38.62 12.33 -2.49
CA PRO A 180 37.20 12.72 -2.50
C PRO A 180 36.97 14.17 -2.11
N LYS A 181 37.68 14.67 -1.09
CA LYS A 181 37.46 16.07 -0.69
C LYS A 181 37.85 17.00 -1.81
N LEU A 182 38.91 16.66 -2.54
CA LEU A 182 39.43 17.53 -3.58
C LEU A 182 38.54 17.54 -4.82
N ASP A 183 38.14 16.35 -5.30
CA ASP A 183 37.32 16.27 -6.50
C ASP A 183 36.00 17.00 -6.34
N GLU A 184 35.40 16.92 -5.15
CA GLU A 184 34.18 17.68 -4.90
C GLU A 184 34.45 19.19 -4.99
N LEU A 185 35.52 19.69 -4.38
CA LEU A 185 35.81 21.10 -4.54
C LEU A 185 35.95 21.45 -6.01
N ARG A 186 36.66 20.60 -6.77
CA ARG A 186 36.84 20.86 -8.19
C ARG A 186 35.47 21.01 -8.86
N ASP A 187 34.56 20.06 -8.61
CA ASP A 187 33.26 20.15 -9.24
C ASP A 187 32.47 21.36 -8.73
N GLU A 188 32.49 21.61 -7.43
CA GLU A 188 31.83 22.80 -6.92
C GLU A 188 32.43 24.07 -7.53
N GLY A 189 33.77 24.16 -7.60
CA GLY A 189 34.38 25.32 -8.25
C GLY A 189 33.90 25.53 -9.67
N LYS A 190 33.81 24.46 -10.45
CA LYS A 190 33.33 24.62 -11.83
C LYS A 190 31.88 25.09 -11.85
N ALA A 191 31.03 24.55 -10.95
CA ALA A 191 29.64 25.00 -10.90
C ALA A 191 29.51 26.44 -10.39
N SER A 192 30.31 26.81 -9.38
CA SER A 192 30.32 28.20 -8.93
C SER A 192 30.69 29.14 -10.05
N SER A 193 31.71 28.78 -10.85
CA SER A 193 32.21 29.70 -11.85
C SER A 193 31.18 29.92 -12.94
N ALA A 194 30.43 28.88 -13.32
CA ALA A 194 29.41 29.04 -14.34
C ALA A 194 28.26 29.92 -13.84
N LYS A 195 27.94 29.86 -12.54
CA LYS A 195 26.89 30.73 -12.03
C LYS A 195 27.25 32.19 -12.21
N GLN A 196 28.49 32.58 -11.82
CA GLN A 196 28.87 33.99 -11.96
C GLN A 196 28.90 34.37 -13.42
N ARG A 197 29.42 33.48 -14.26
CA ARG A 197 29.55 33.84 -15.65
C ARG A 197 28.20 34.28 -16.21
N LEU A 198 27.11 33.65 -15.74
CA LEU A 198 25.76 34.07 -16.11
C LEU A 198 25.42 35.46 -15.54
N LYS A 199 25.84 35.72 -14.31
CA LYS A 199 25.62 37.04 -13.73
C LYS A 199 26.34 38.10 -14.55
N CYS A 200 27.61 37.88 -14.85
CA CYS A 200 28.37 38.87 -15.59
C CYS A 200 27.83 39.02 -17.00
N ALA A 201 27.44 37.92 -17.62
CA ALA A 201 26.89 37.98 -18.97
C ALA A 201 25.59 38.74 -18.99
N SER A 202 24.73 38.47 -18.01
CA SER A 202 23.46 39.19 -17.92
C SER A 202 23.71 40.68 -17.77
N LEU A 203 24.58 41.04 -16.82
CA LEU A 203 24.89 42.44 -16.57
C LEU A 203 25.40 43.09 -17.84
N GLN A 204 26.27 42.40 -18.57
CA GLN A 204 26.95 43.00 -19.72
C GLN A 204 26.05 43.07 -20.96
N LYS A 205 25.37 41.98 -21.28
CA LYS A 205 24.61 41.88 -22.52
C LYS A 205 23.17 42.34 -22.35
N PHE A 206 22.74 42.65 -21.13
CA PHE A 206 21.33 43.02 -20.93
C PHE A 206 21.11 44.17 -19.96
N GLY A 207 22.12 44.58 -19.21
CA GLY A 207 22.01 45.83 -18.47
C GLY A 207 21.71 45.61 -17.00
N GLU A 208 21.95 46.68 -16.22
CA GLU A 208 21.69 46.65 -14.80
C GLU A 208 20.23 46.32 -14.50
N ARG A 209 19.29 46.93 -15.21
CA ARG A 209 17.86 46.72 -14.94
C ARG A 209 17.50 45.24 -15.01
N ALA A 210 18.04 44.54 -16.00
CA ALA A 210 17.74 43.12 -16.16
C ALA A 210 18.24 42.33 -14.96
N PHE A 211 19.47 42.59 -14.56
CA PHE A 211 20.01 41.91 -13.40
C PHE A 211 19.19 42.21 -12.14
N LYS A 212 18.88 43.48 -11.92
CA LYS A 212 18.06 43.87 -10.77
C LYS A 212 16.73 43.11 -10.75
N ALA A 213 16.09 42.93 -11.93
CA ALA A 213 14.84 42.17 -12.00
C ALA A 213 15.07 40.74 -11.55
N TRP A 214 16.05 40.09 -12.15
CA TRP A 214 16.43 38.77 -11.70
C TRP A 214 16.59 38.74 -10.17
N ALA A 215 17.32 39.72 -9.59
CA ALA A 215 17.57 39.73 -8.16
C ALA A 215 16.29 39.94 -7.35
N VAL A 216 15.43 40.85 -7.78
CA VAL A 216 14.16 41.03 -7.10
C VAL A 216 13.40 39.70 -7.04
N ALA A 217 13.39 38.98 -8.17
CA ALA A 217 12.71 37.69 -8.17
C ALA A 217 13.33 36.73 -7.17
N ARG A 218 14.64 36.50 -7.25
CA ARG A 218 15.21 35.44 -6.42
C ARG A 218 15.12 35.79 -4.95
N LEU A 219 15.36 37.05 -4.59
CA LEU A 219 15.34 37.42 -3.19
C LEU A 219 13.92 37.43 -2.65
N SER A 220 12.90 37.70 -3.49
CA SER A 220 11.54 37.62 -2.98
C SER A 220 11.08 36.19 -2.74
N GLN A 221 11.53 35.25 -3.57
CA GLN A 221 11.26 33.84 -3.29
C GLN A 221 11.92 33.41 -1.98
N ARG A 222 13.15 33.85 -1.75
CA ARG A 222 13.95 33.41 -0.61
C ARG A 222 13.52 34.06 0.68
N PHE A 223 13.15 35.34 0.61
CA PHE A 223 12.85 36.14 1.79
C PHE A 223 11.41 36.65 1.74
N PRO A 224 10.42 35.75 1.60
CA PRO A 224 9.06 36.21 1.29
C PRO A 224 8.39 37.01 2.39
N LYS A 225 8.88 36.93 3.64
CA LYS A 225 8.28 37.76 4.68
C LYS A 225 8.80 39.18 4.66
N ALA A 226 9.91 39.43 3.97
CA ALA A 226 10.53 40.73 4.00
C ALA A 226 9.60 41.77 3.35
N GLU A 227 9.60 42.98 3.89
CA GLU A 227 8.90 44.05 3.19
C GLU A 227 9.57 44.32 1.83
N PHE A 228 8.76 44.76 0.87
CA PHE A 228 9.28 45.05 -0.47
C PHE A 228 10.48 46.00 -0.40
N ALA A 229 10.39 47.06 0.41
CA ALA A 229 11.51 47.99 0.47
C ALA A 229 12.79 47.33 0.97
N GLU A 230 12.69 46.32 1.86
CA GLU A 230 13.91 45.61 2.27
C GLU A 230 14.51 44.87 1.10
N VAL A 231 13.68 44.12 0.37
CA VAL A 231 14.18 43.40 -0.79
C VAL A 231 14.87 44.36 -1.75
N SER A 232 14.24 45.52 -2.01
CA SER A 232 14.85 46.50 -2.91
C SER A 232 16.21 46.97 -2.40
N LYS A 233 16.35 47.23 -1.10
CA LYS A 233 17.67 47.57 -0.55
C LYS A 233 18.67 46.46 -0.82
N LEU A 234 18.32 45.22 -0.45
CA LEU A 234 19.25 44.12 -0.66
C LEU A 234 19.60 44.01 -2.15
N VAL A 235 18.59 44.08 -3.03
CA VAL A 235 18.85 43.98 -4.46
C VAL A 235 19.85 45.04 -4.88
N THR A 236 19.69 46.25 -4.37
CA THR A 236 20.59 47.32 -4.76
C THR A 236 22.02 47.02 -4.30
N ASP A 237 22.20 46.60 -3.05
CA ASP A 237 23.52 46.26 -2.53
C ASP A 237 24.09 45.05 -3.27
N LEU A 238 23.24 44.04 -3.49
CA LEU A 238 23.68 42.83 -4.17
C LEU A 238 24.11 43.10 -5.60
N THR A 239 23.41 44.00 -6.28
CA THR A 239 23.80 44.41 -7.62
C THR A 239 25.11 45.20 -7.61
N LYS A 240 25.33 46.02 -6.58
CA LYS A 240 26.59 46.74 -6.57
C LYS A 240 27.76 45.79 -6.37
N VAL A 241 27.55 44.74 -5.56
CA VAL A 241 28.60 43.75 -5.30
C VAL A 241 29.02 43.07 -6.61
N HIS A 242 28.03 42.58 -7.39
CA HIS A 242 28.38 41.85 -8.62
C HIS A 242 28.87 42.74 -9.73
N THR A 243 28.39 43.97 -9.80
CA THR A 243 28.99 44.88 -10.75
C THR A 243 30.45 45.08 -10.44
N GLU A 244 30.78 45.20 -9.15
CA GLU A 244 32.17 45.46 -8.82
C GLU A 244 33.05 44.28 -9.15
N CYS A 245 32.59 43.04 -8.90
CA CYS A 245 33.49 41.93 -9.22
C CYS A 245 33.52 41.68 -10.74
N CYS A 246 32.38 41.78 -11.43
CA CYS A 246 32.38 41.49 -12.86
C CYS A 246 33.20 42.50 -13.65
N HIS A 247 33.53 43.65 -13.07
CA HIS A 247 34.33 44.68 -13.73
C HIS A 247 35.72 44.78 -13.12
N GLY A 248 36.10 43.76 -12.32
CA GLY A 248 37.43 43.56 -11.84
C GLY A 248 37.76 44.20 -10.51
N ASP A 249 36.82 44.90 -9.89
CA ASP A 249 37.12 45.66 -8.67
C ASP A 249 36.98 44.73 -7.46
N LEU A 250 37.94 43.82 -7.36
CA LEU A 250 37.82 42.71 -6.43
C LEU A 250 37.89 43.18 -4.99
N LEU A 251 38.85 44.05 -4.65
CA LEU A 251 38.91 44.51 -3.26
C LEU A 251 37.60 45.15 -2.86
N GLU A 252 37.04 45.98 -3.72
CA GLU A 252 35.80 46.65 -3.34
C GLU A 252 34.67 45.64 -3.23
N CYS A 253 34.60 44.66 -4.14
CA CYS A 253 33.42 43.82 -4.05
C CYS A 253 33.52 42.84 -2.88
N ALA A 254 34.74 42.42 -2.52
CA ALA A 254 34.91 41.60 -1.33
C ALA A 254 34.51 42.38 -0.08
N ASP A 255 35.03 43.60 0.07
CA ASP A 255 34.60 44.39 1.22
C ASP A 255 33.09 44.59 1.20
N ASP A 256 32.52 44.92 0.04
CA ASP A 256 31.09 45.23 0.02
C ASP A 256 30.23 43.98 0.19
N ARG A 257 30.74 42.79 -0.14
CA ARG A 257 29.96 41.60 0.16
C ARG A 257 29.90 41.33 1.67
N ALA A 258 31.04 41.45 2.37
CA ALA A 258 31.04 41.29 3.82
C ALA A 258 30.07 42.26 4.49
N ASP A 259 30.16 43.55 4.17
CA ASP A 259 29.20 44.49 4.72
C ASP A 259 27.78 44.01 4.49
N LEU A 260 27.53 43.35 3.35
CA LEU A 260 26.18 42.91 3.01
C LEU A 260 25.77 41.73 3.88
N ALA A 261 26.68 40.80 4.09
CA ALA A 261 26.41 39.73 5.04
C ALA A 261 26.15 40.29 6.42
N LYS A 262 27.02 41.21 6.87
CA LYS A 262 26.84 41.86 8.17
C LYS A 262 25.46 42.55 8.28
N TYR A 263 25.07 43.32 7.27
CA TYR A 263 23.75 43.94 7.32
C TYR A 263 22.67 42.88 7.52
N ILE A 264 22.73 41.81 6.73
CA ILE A 264 21.66 40.82 6.77
C ILE A 264 21.56 40.20 8.15
N CYS A 265 22.71 39.82 8.72
CA CYS A 265 22.68 39.21 10.04
C CYS A 265 22.20 40.19 11.10
N GLU A 266 22.53 41.47 10.96
CA GLU A 266 22.00 42.46 11.90
C GLU A 266 20.50 42.66 11.75
N ASN A 267 19.90 42.30 10.63
CA ASN A 267 18.47 42.50 10.40
C ASN A 267 17.74 41.22 10.07
N GLN A 268 18.08 40.12 10.74
CA GLN A 268 17.38 38.86 10.47
C GLN A 268 15.86 39.03 10.58
N ASP A 269 15.40 39.69 11.64
CA ASP A 269 13.97 39.77 11.89
C ASP A 269 13.22 40.43 10.73
N SER A 270 13.82 41.41 10.10
CA SER A 270 13.20 42.05 8.95
C SER A 270 13.39 41.27 7.67
N ILE A 271 13.98 40.07 7.70
CA ILE A 271 14.36 39.41 6.45
C ILE A 271 13.95 37.94 6.38
N SER A 272 14.49 37.11 7.27
CA SER A 272 14.17 35.69 7.19
C SER A 272 14.40 35.01 8.53
N SER A 273 13.68 33.92 8.71
CA SER A 273 13.86 33.10 9.90
C SER A 273 14.85 31.96 9.69
N LYS A 274 15.42 31.83 8.50
CA LYS A 274 16.31 30.72 8.20
C LYS A 274 17.79 31.10 8.28
N LEU A 275 18.10 32.33 8.67
CA LEU A 275 19.47 32.81 8.66
C LEU A 275 20.22 32.60 9.97
N LYS A 276 19.59 32.01 10.98
CA LYS A 276 20.19 31.98 12.30
C LYS A 276 21.49 31.17 12.30
N GLU A 277 21.50 29.99 11.65
CA GLU A 277 22.73 29.21 11.62
C GLU A 277 23.78 29.86 10.73
N CYS A 278 23.36 30.37 9.56
CA CYS A 278 24.30 31.10 8.72
C CYS A 278 25.03 32.19 9.48
N CYS A 279 24.32 32.92 10.34
CA CYS A 279 24.88 34.13 10.92
C CYS A 279 25.79 33.89 12.11
N GLU A 280 25.90 32.66 12.59
CA GLU A 280 26.87 32.32 13.63
C GLU A 280 28.19 31.81 13.06
N LYS A 281 28.32 31.72 11.74
CA LYS A 281 29.51 31.23 11.08
C LYS A 281 30.55 32.33 10.89
N PRO A 282 31.80 31.96 10.64
CA PRO A 282 32.84 32.97 10.40
C PRO A 282 32.68 33.61 9.03
N LEU A 283 33.49 34.66 8.80
CA LEU A 283 33.14 35.66 7.80
C LEU A 283 32.90 35.03 6.42
N LEU A 284 33.84 34.19 5.94
CA LEU A 284 33.71 33.66 4.58
C LEU A 284 32.60 32.62 4.47
N GLU A 285 32.43 31.78 5.48
CA GLU A 285 31.34 30.82 5.44
C GLU A 285 29.99 31.50 5.62
N LYS A 286 29.96 32.59 6.40
CA LYS A 286 28.73 33.34 6.58
C LYS A 286 28.15 33.80 5.23
N SER A 287 28.95 34.52 4.44
CA SER A 287 28.45 35.01 3.15
C SER A 287 28.06 33.86 2.25
N HIS A 288 28.80 32.74 2.32
CA HIS A 288 28.48 31.59 1.49
C HIS A 288 27.16 30.96 1.92
N CYS A 289 27.00 30.70 3.23
CA CYS A 289 25.78 30.10 3.75
C CYS A 289 24.56 30.96 3.39
N ILE A 290 24.65 32.27 3.60
CA ILE A 290 23.52 33.14 3.33
C ILE A 290 23.06 33.00 1.88
N ALA A 291 24.01 32.92 0.95
CA ALA A 291 23.57 32.89 -0.44
C ALA A 291 23.00 31.55 -0.86
N GLU A 292 23.07 30.54 0.00
CA GLU A 292 22.59 29.18 -0.27
C GLU A 292 21.37 28.84 0.57
N VAL A 293 20.83 29.80 1.32
CA VAL A 293 19.86 29.50 2.38
C VAL A 293 18.51 29.09 1.81
N GLU A 294 17.78 28.29 2.58
CA GLU A 294 16.48 27.78 2.18
C GLU A 294 15.46 28.91 2.09
N ASN A 295 14.42 28.73 1.26
CA ASN A 295 13.32 29.70 1.24
C ASN A 295 12.61 29.71 2.57
N ASP A 296 12.30 30.91 3.06
CA ASP A 296 11.47 31.05 4.25
C ASP A 296 10.06 30.62 3.89
N GLU A 297 9.28 30.28 4.90
CA GLU A 297 7.85 30.08 4.67
C GLU A 297 7.23 31.37 4.20
N MET A 298 6.31 31.28 3.26
CA MET A 298 5.67 32.52 2.90
C MET A 298 4.58 32.89 3.90
N PRO A 299 4.29 34.17 4.05
CA PRO A 299 3.26 34.58 5.00
C PRO A 299 1.92 33.89 4.70
N ALA A 300 1.07 33.89 5.72
CA ALA A 300 -0.09 33.01 5.81
C ALA A 300 -1.12 33.26 4.70
N ASP A 301 -1.84 34.37 4.75
CA ASP A 301 -3.02 34.46 3.92
C ASP A 301 -2.89 35.57 2.89
N LEU A 302 -1.91 35.43 2.00
CA LEU A 302 -1.62 36.47 1.05
C LEU A 302 -2.76 36.64 0.06
N PRO A 303 -3.23 37.87 -0.18
CA PRO A 303 -4.28 38.09 -1.15
C PRO A 303 -3.82 37.73 -2.55
N SER A 304 -4.79 37.37 -3.37
CA SER A 304 -4.55 37.26 -4.80
C SER A 304 -4.16 38.62 -5.36
N LEU A 305 -3.28 38.60 -6.38
CA LEU A 305 -2.80 39.83 -7.00
C LEU A 305 -3.87 40.52 -7.86
N ALA A 306 -4.97 39.82 -8.15
CA ALA A 306 -5.97 40.32 -9.08
C ALA A 306 -6.50 41.69 -8.68
N ALA A 307 -6.63 41.94 -7.37
CA ALA A 307 -7.18 43.22 -6.95
C ALA A 307 -6.27 44.37 -7.36
N ASP A 308 -4.99 44.29 -6.99
CA ASP A 308 -4.16 45.46 -7.23
C ASP A 308 -3.69 45.58 -8.67
N PHE A 309 -3.47 44.48 -9.38
CA PHE A 309 -2.79 44.52 -10.68
C PHE A 309 -3.66 44.18 -11.88
N VAL A 310 -4.94 43.88 -11.70
CA VAL A 310 -5.78 43.54 -12.84
C VAL A 310 -7.16 44.16 -12.76
N GLU A 311 -7.78 44.14 -11.58
CA GLU A 311 -9.17 44.54 -11.50
C GLU A 311 -9.36 46.00 -11.16
N SER A 312 -8.38 46.63 -10.51
CA SER A 312 -8.47 48.06 -10.26
C SER A 312 -8.56 48.82 -11.58
N LYS A 313 -9.40 49.86 -11.61
CA LYS A 313 -9.49 50.72 -12.79
C LYS A 313 -8.33 51.71 -12.87
N ASP A 314 -7.49 51.78 -11.83
CA ASP A 314 -6.38 52.69 -11.73
C ASP A 314 -5.04 52.04 -12.07
N VAL A 315 -5.02 50.85 -12.67
CA VAL A 315 -3.74 50.21 -12.94
C VAL A 315 -2.84 51.12 -13.76
N CYS A 316 -3.39 51.75 -14.79
CA CYS A 316 -2.52 52.50 -15.70
C CYS A 316 -1.94 53.74 -15.01
N LYS A 317 -2.78 54.49 -14.27
CA LYS A 317 -2.31 55.68 -13.57
C LYS A 317 -1.26 55.31 -12.53
N ASN A 318 -1.47 54.21 -11.82
CA ASN A 318 -0.50 53.80 -10.79
C ASN A 318 0.77 53.27 -11.41
N TYR A 319 0.70 52.67 -12.60
CA TYR A 319 1.90 52.25 -13.29
C TYR A 319 2.74 53.45 -13.75
N ALA A 320 2.10 54.49 -14.29
CA ALA A 320 2.81 55.62 -14.87
C ALA A 320 3.50 56.48 -13.81
N GLU A 321 3.00 56.47 -12.57
CA GLU A 321 3.63 57.24 -11.49
C GLU A 321 5.02 56.72 -11.16
N ALA A 322 5.25 55.44 -11.37
CA ALA A 322 6.55 54.85 -11.07
C ALA A 322 6.64 53.46 -11.71
N LYS A 323 6.90 53.42 -13.02
CA LYS A 323 6.85 52.15 -13.73
C LYS A 323 7.80 51.13 -13.11
N ASP A 324 9.04 51.50 -12.86
CA ASP A 324 9.91 50.45 -12.35
C ASP A 324 9.49 50.03 -10.94
N VAL A 325 8.89 50.93 -10.17
CA VAL A 325 8.42 50.51 -8.85
C VAL A 325 7.20 49.63 -9.00
N PHE A 326 6.26 50.01 -9.86
CA PHE A 326 5.07 49.20 -10.05
C PHE A 326 5.41 47.78 -10.54
N LEU A 327 6.27 47.67 -11.57
CA LEU A 327 6.61 46.32 -12.04
C LEU A 327 7.42 45.58 -11.00
N GLY A 328 8.32 46.28 -10.31
CA GLY A 328 9.05 45.65 -9.22
C GLY A 328 8.12 45.07 -8.17
N MET A 329 7.09 45.83 -7.76
CA MET A 329 6.14 45.31 -6.80
C MET A 329 5.47 44.06 -7.32
N PHE A 330 4.98 44.11 -8.58
CA PHE A 330 4.33 42.96 -9.20
C PHE A 330 5.26 41.75 -9.21
N LEU A 331 6.50 41.96 -9.62
CA LEU A 331 7.44 40.86 -9.58
C LEU A 331 7.62 40.34 -8.16
N TYR A 332 7.79 41.25 -7.20
CA TYR A 332 7.96 40.86 -5.81
C TYR A 332 6.76 40.04 -5.32
N GLU A 333 5.56 40.53 -5.60
CA GLU A 333 4.36 39.84 -5.14
C GLU A 333 4.22 38.48 -5.80
N TYR A 334 4.50 38.40 -7.11
CA TYR A 334 4.35 37.12 -7.79
C TYR A 334 5.42 36.13 -7.34
N ALA A 335 6.66 36.60 -7.27
CA ALA A 335 7.76 35.75 -6.82
C ALA A 335 7.55 35.25 -5.39
N ARG A 336 7.19 36.12 -4.45
CA ARG A 336 7.12 35.64 -3.06
C ARG A 336 6.02 34.60 -2.87
N ARG A 337 5.01 34.57 -3.73
CA ARG A 337 3.97 33.56 -3.62
C ARG A 337 4.27 32.27 -4.39
N HIS A 338 5.38 32.21 -5.14
CA HIS A 338 5.65 31.10 -6.06
C HIS A 338 7.10 30.67 -6.02
N PRO A 339 7.55 30.09 -4.91
CA PRO A 339 8.89 29.52 -4.90
C PRO A 339 9.03 28.35 -5.85
N ASP A 340 7.92 27.70 -6.22
CA ASP A 340 7.93 26.59 -7.16
C ASP A 340 8.12 27.04 -8.60
N TYR A 341 8.12 28.34 -8.90
CA TYR A 341 8.40 28.79 -10.26
C TYR A 341 9.89 29.11 -10.37
N SER A 342 10.46 28.85 -11.53
CA SER A 342 11.82 29.28 -11.78
C SER A 342 11.92 30.80 -11.84
N VAL A 343 13.10 31.33 -11.55
CA VAL A 343 13.30 32.77 -11.68
C VAL A 343 13.05 33.21 -13.12
N VAL A 344 13.61 32.51 -14.11
CA VAL A 344 13.41 32.99 -15.48
C VAL A 344 11.93 32.94 -15.86
N LEU A 345 11.15 32.02 -15.29
CA LEU A 345 9.73 32.02 -15.60
C LEU A 345 9.05 33.24 -14.98
N LEU A 346 9.42 33.59 -13.74
CA LEU A 346 8.86 34.79 -13.12
C LEU A 346 9.19 36.02 -13.95
N LEU A 347 10.44 36.12 -14.39
CA LEU A 347 10.79 37.19 -15.29
C LEU A 347 9.97 37.11 -16.57
N ARG A 348 9.79 35.90 -17.11
CA ARG A 348 8.97 35.74 -18.30
C ARG A 348 7.57 36.25 -18.05
N LEU A 349 7.06 36.01 -16.84
CA LEU A 349 5.71 36.44 -16.51
C LEU A 349 5.65 37.94 -16.36
N ALA A 350 6.64 38.52 -15.67
CA ALA A 350 6.64 39.97 -15.47
C ALA A 350 6.80 40.69 -16.80
N LYS A 351 7.70 40.21 -17.65
CA LYS A 351 7.82 40.84 -18.96
C LYS A 351 6.52 40.73 -19.74
N THR A 352 5.76 39.66 -19.56
CA THR A 352 4.46 39.58 -20.25
C THR A 352 3.50 40.64 -19.73
N TYR A 353 3.46 40.81 -18.40
CA TYR A 353 2.62 41.82 -17.78
C TYR A 353 2.99 43.21 -18.27
N GLU A 354 4.29 43.57 -18.19
CA GLU A 354 4.75 44.85 -18.69
C GLU A 354 4.32 45.06 -20.13
N THR A 355 4.61 44.09 -21.00
CA THR A 355 4.19 44.23 -22.38
C THR A 355 2.69 44.49 -22.48
N THR A 356 1.89 43.77 -21.71
CA THR A 356 0.45 44.00 -21.83
C THR A 356 0.08 45.41 -21.39
N LEU A 357 0.66 45.90 -20.28
CA LEU A 357 0.28 47.22 -19.79
C LEU A 357 0.68 48.33 -20.78
N GLU A 358 1.89 48.24 -21.32
CA GLU A 358 2.31 49.22 -22.31
C GLU A 358 1.32 49.27 -23.48
N LYS A 359 0.89 48.09 -23.95
CA LYS A 359 -0.12 48.04 -25.01
C LYS A 359 -1.47 48.54 -24.52
N CYS A 360 -1.91 48.07 -23.34
CA CYS A 360 -3.28 48.32 -22.94
C CYS A 360 -3.51 49.74 -22.44
N CYS A 361 -2.53 50.33 -21.77
CA CYS A 361 -2.72 51.68 -21.25
C CYS A 361 -2.71 52.74 -22.32
N ALA A 362 -2.30 52.38 -23.55
CA ALA A 362 -2.38 53.23 -24.74
C ALA A 362 -3.66 53.03 -25.53
N ALA A 363 -4.47 52.03 -25.20
CA ALA A 363 -5.66 51.74 -25.96
C ALA A 363 -6.84 52.49 -25.37
N ALA A 364 -8.02 52.28 -25.96
CA ALA A 364 -9.17 53.13 -25.67
C ALA A 364 -9.70 52.91 -24.25
N ASP A 365 -10.04 51.66 -23.92
CA ASP A 365 -10.57 51.24 -22.63
C ASP A 365 -9.56 50.30 -21.98
N PRO A 366 -8.59 50.81 -21.22
CA PRO A 366 -7.53 49.93 -20.74
C PRO A 366 -8.05 48.84 -19.82
N HIS A 367 -9.08 49.13 -19.01
CA HIS A 367 -9.54 48.17 -18.02
C HIS A 367 -10.04 46.87 -18.66
N GLU A 368 -10.80 46.98 -19.76
CA GLU A 368 -11.31 45.78 -20.44
C GLU A 368 -10.20 45.03 -21.18
N CYS A 369 -9.10 45.70 -21.46
CA CYS A 369 -8.00 45.15 -22.23
C CYS A 369 -7.03 44.37 -21.35
N TYR A 370 -6.69 44.87 -20.15
CA TYR A 370 -5.78 44.11 -19.31
C TYR A 370 -6.49 43.16 -18.35
N ALA A 371 -7.82 43.13 -18.37
CA ALA A 371 -8.56 42.25 -17.47
C ALA A 371 -8.17 40.79 -17.65
N LYS A 372 -7.70 40.38 -18.84
CA LYS A 372 -7.46 38.97 -19.09
C LYS A 372 -6.00 38.60 -18.95
N VAL A 373 -5.18 39.47 -18.37
CA VAL A 373 -3.75 39.30 -18.56
C VAL A 373 -3.24 38.05 -17.86
N PHE A 374 -3.90 37.58 -16.81
CA PHE A 374 -3.38 36.38 -16.18
C PHE A 374 -3.62 35.13 -17.01
N ASP A 375 -4.62 35.14 -17.89
CA ASP A 375 -4.84 34.01 -18.79
C ASP A 375 -3.63 33.78 -19.68
N GLU A 376 -2.88 34.85 -19.95
CA GLU A 376 -1.65 34.71 -20.73
C GLU A 376 -0.56 33.94 -19.98
N PHE A 377 -0.65 33.85 -18.65
CA PHE A 377 0.39 33.16 -17.90
C PHE A 377 0.24 31.64 -17.96
N LYS A 378 -0.98 31.11 -18.08
CA LYS A 378 -1.15 29.65 -18.05
C LYS A 378 -0.27 28.94 -19.07
N PRO A 379 -0.28 29.27 -20.36
CA PRO A 379 0.64 28.60 -21.28
C PRO A 379 2.09 28.74 -20.86
N LEU A 380 2.50 29.91 -20.36
CA LEU A 380 3.88 30.12 -19.97
C LEU A 380 4.30 29.25 -18.79
N VAL A 381 3.34 28.86 -17.97
CA VAL A 381 3.67 28.03 -16.82
C VAL A 381 3.76 26.57 -17.23
N GLU A 382 2.84 26.11 -18.09
CA GLU A 382 2.78 24.70 -18.46
C GLU A 382 3.95 24.31 -19.36
N GLU A 383 4.48 25.22 -20.16
CA GLU A 383 5.58 24.82 -21.03
C GLU A 383 6.73 24.21 -20.25
N PRO A 384 7.29 24.89 -19.26
CA PRO A 384 8.42 24.29 -18.54
C PRO A 384 8.01 23.11 -17.69
N GLN A 385 6.84 23.15 -17.08
CA GLN A 385 6.41 22.03 -16.25
C GLN A 385 6.38 20.74 -17.06
N ASN A 386 5.97 20.81 -18.34
CA ASN A 386 5.94 19.63 -19.19
C ASN A 386 7.32 19.27 -19.70
N LEU A 387 8.20 20.25 -19.92
CA LEU A 387 9.56 19.95 -20.30
C LEU A 387 10.27 19.13 -19.23
N ILE A 388 10.25 19.62 -17.98
CA ILE A 388 10.89 18.93 -16.86
C ILE A 388 10.28 17.55 -16.67
N LYS A 389 8.95 17.47 -16.67
CA LYS A 389 8.32 16.18 -16.44
C LYS A 389 8.69 15.18 -17.53
N GLN A 390 8.65 15.61 -18.78
CA GLN A 390 9.01 14.68 -19.81
C GLN A 390 10.47 14.29 -19.70
N ASN A 391 11.36 15.25 -19.40
CA ASN A 391 12.76 14.86 -19.43
C ASN A 391 13.18 14.08 -18.19
N CYS A 392 12.51 14.28 -17.06
CA CYS A 392 12.87 13.50 -15.87
C CYS A 392 12.45 12.06 -16.05
N GLU A 393 11.31 11.83 -16.70
CA GLU A 393 10.93 10.48 -17.06
C GLU A 393 11.98 9.83 -17.96
N LEU A 394 12.48 10.58 -18.94
CA LEU A 394 13.58 10.08 -19.76
C LEU A 394 14.80 9.73 -18.90
N PHE A 395 15.23 10.66 -18.05
CA PHE A 395 16.40 10.39 -17.21
C PHE A 395 16.16 9.20 -16.27
N GLU A 396 14.94 9.05 -15.77
CA GLU A 396 14.70 7.98 -14.84
C GLU A 396 15.00 6.58 -15.37
N GLN A 397 14.70 6.30 -16.64
CA GLN A 397 14.98 4.98 -17.15
C GLN A 397 16.33 4.89 -17.84
N LEU A 398 16.99 6.02 -18.09
CA LEU A 398 18.15 6.03 -18.94
C LEU A 398 19.45 6.19 -18.15
N GLY A 399 19.44 6.92 -17.05
CA GLY A 399 20.66 7.25 -16.35
C GLY A 399 21.36 8.43 -17.01
N GLU A 400 22.34 9.00 -16.29
CA GLU A 400 23.03 10.20 -16.75
C GLU A 400 23.75 9.99 -18.08
N TYR A 401 24.49 8.88 -18.24
CA TYR A 401 25.24 8.73 -19.49
C TYR A 401 24.30 8.67 -20.69
N LYS A 402 23.41 7.69 -20.72
CA LYS A 402 22.50 7.57 -21.84
C LYS A 402 21.54 8.75 -21.93
N PHE A 403 21.27 9.46 -20.82
CA PHE A 403 20.46 10.66 -20.91
C PHE A 403 21.23 11.77 -21.60
N GLN A 404 22.53 11.88 -21.33
CA GLN A 404 23.35 12.79 -22.10
C GLN A 404 23.32 12.46 -23.60
N ASN A 405 23.43 11.16 -23.96
CA ASN A 405 23.39 10.81 -25.37
C ASN A 405 22.09 11.27 -26.00
N ALA A 406 20.98 11.18 -25.25
CA ALA A 406 19.71 11.60 -25.82
C ALA A 406 19.75 13.08 -26.16
N LEU A 407 20.22 13.90 -25.21
CA LEU A 407 20.33 15.34 -25.43
C LEU A 407 21.37 15.67 -26.49
N LEU A 408 22.42 14.82 -26.62
CA LEU A 408 23.41 14.98 -27.68
C LEU A 408 22.78 14.89 -29.05
N VAL A 409 22.02 13.81 -29.30
CA VAL A 409 21.33 13.67 -30.58
C VAL A 409 20.37 14.84 -30.79
N ARG A 410 19.61 15.18 -29.76
CA ARG A 410 18.61 16.23 -29.88
C ARG A 410 19.24 17.55 -30.30
N TYR A 411 20.30 17.96 -29.60
CA TYR A 411 20.86 19.28 -29.89
C TYR A 411 21.73 19.26 -31.15
N THR A 412 22.34 18.11 -31.48
CA THR A 412 23.07 18.03 -32.74
C THR A 412 22.11 18.21 -33.92
N LYS A 413 20.91 17.62 -33.82
CA LYS A 413 19.91 17.78 -34.87
C LYS A 413 19.31 19.18 -34.85
N LYS A 414 19.34 19.85 -33.69
CA LYS A 414 18.88 21.22 -33.63
C LYS A 414 19.88 22.17 -34.25
N VAL A 415 21.16 22.03 -33.94
CA VAL A 415 22.14 23.03 -34.34
C VAL A 415 23.39 22.32 -34.89
N PRO A 416 23.27 21.57 -35.98
CA PRO A 416 24.42 20.77 -36.45
C PRO A 416 25.60 21.59 -36.84
N GLN A 417 25.42 22.90 -37.06
CA GLN A 417 26.57 23.69 -37.48
C GLN A 417 27.58 23.84 -36.36
N VAL A 418 27.17 23.57 -35.11
CA VAL A 418 28.04 23.76 -33.96
C VAL A 418 29.15 22.71 -33.95
N SER A 419 30.35 23.11 -33.51
CA SER A 419 31.49 22.19 -33.48
C SER A 419 31.19 20.99 -32.60
N THR A 420 31.76 19.85 -32.97
CA THR A 420 31.51 18.63 -32.21
C THR A 420 31.95 18.75 -30.77
N PRO A 421 33.16 19.25 -30.47
CA PRO A 421 33.58 19.38 -29.06
C PRO A 421 32.59 20.18 -28.21
N THR A 422 32.15 21.33 -28.73
CA THR A 422 31.19 22.13 -28.01
C THR A 422 29.89 21.39 -27.79
N LEU A 423 29.41 20.68 -28.83
CA LEU A 423 28.17 19.93 -28.67
C LEU A 423 28.30 18.87 -27.57
N VAL A 424 29.45 18.22 -27.50
CA VAL A 424 29.64 17.19 -26.48
C VAL A 424 29.63 17.81 -25.10
N GLU A 425 30.25 18.98 -24.93
CA GLU A 425 30.34 19.57 -23.59
C GLU A 425 28.98 20.08 -23.12
N VAL A 426 28.29 20.84 -23.96
CA VAL A 426 26.98 21.35 -23.59
C VAL A 426 26.03 20.20 -23.29
N SER A 427 25.97 19.21 -24.19
CA SER A 427 25.10 18.08 -23.98
C SER A 427 25.42 17.35 -22.67
N ARG A 428 26.70 17.16 -22.35
CA ARG A 428 27.04 16.52 -21.08
C ARG A 428 26.59 17.39 -19.90
N ASN A 429 26.79 18.70 -19.99
CA ASN A 429 26.32 19.57 -18.92
C ASN A 429 24.80 19.66 -18.88
N LEU A 430 24.10 19.82 -20.02
CA LEU A 430 22.63 19.74 -19.98
C LEU A 430 22.17 18.47 -19.25
N GLY A 431 22.81 17.34 -19.53
CA GLY A 431 22.35 16.09 -18.96
C GLY A 431 22.54 15.98 -17.46
N LYS A 432 23.35 16.82 -16.87
CA LYS A 432 23.45 16.77 -15.41
C LYS A 432 22.22 17.33 -14.68
N VAL A 433 21.25 17.97 -15.39
CA VAL A 433 19.99 18.29 -14.69
C VAL A 433 19.35 17.04 -14.14
N GLY A 434 19.50 15.91 -14.83
CA GLY A 434 18.95 14.67 -14.35
C GLY A 434 19.35 14.41 -12.92
N SER A 435 20.63 14.10 -12.67
CA SER A 435 21.05 13.88 -11.29
C SER A 435 20.69 15.06 -10.40
N LYS A 436 20.91 16.28 -10.89
CA LYS A 436 20.80 17.44 -10.03
C LYS A 436 19.36 17.66 -9.54
N CYS A 437 18.36 17.49 -10.40
CA CYS A 437 17.05 18.03 -10.12
C CYS A 437 15.91 17.02 -10.04
N CYS A 438 15.99 15.90 -10.74
CA CYS A 438 14.79 15.08 -10.78
C CYS A 438 14.50 14.36 -9.47
N LYS A 439 15.46 14.32 -8.53
CA LYS A 439 15.20 13.73 -7.23
C LYS A 439 14.23 14.59 -6.43
N HIS A 440 14.34 15.91 -6.53
CA HIS A 440 13.48 16.78 -5.72
C HIS A 440 12.02 16.46 -6.02
N PRO A 441 11.11 16.71 -5.09
CA PRO A 441 9.70 16.54 -5.40
C PRO A 441 9.34 17.58 -6.44
N GLU A 442 8.38 17.25 -7.30
CA GLU A 442 8.11 18.11 -8.45
C GLU A 442 7.87 19.56 -8.02
N ALA A 443 7.40 19.76 -6.78
CA ALA A 443 7.13 21.10 -6.26
C ALA A 443 8.37 21.98 -6.18
N LYS A 444 9.56 21.43 -6.40
CA LYS A 444 10.81 22.18 -6.41
C LYS A 444 11.65 21.93 -7.67
N ARG A 445 11.19 21.06 -8.57
CA ARG A 445 11.97 20.67 -9.74
C ARG A 445 12.18 21.84 -10.68
N MET A 446 11.16 22.65 -10.91
CA MET A 446 11.28 23.63 -11.97
C MET A 446 12.35 24.68 -11.65
N PRO A 447 12.41 25.25 -10.45
CA PRO A 447 13.52 26.17 -10.15
C PRO A 447 14.88 25.50 -10.25
N CYS A 448 15.06 24.33 -9.65
CA CYS A 448 16.32 23.62 -9.85
C CYS A 448 16.64 23.49 -11.34
N ALA A 449 15.70 22.96 -12.13
CA ALA A 449 16.05 22.61 -13.50
C ALA A 449 16.16 23.84 -14.39
N GLU A 450 15.14 24.68 -14.46
CA GLU A 450 15.26 25.71 -15.48
C GLU A 450 16.37 26.70 -15.14
N ASP A 451 16.63 26.94 -13.86
CA ASP A 451 17.72 27.86 -13.51
C ASP A 451 19.10 27.28 -13.83
N TYR A 452 19.32 25.98 -13.56
CA TYR A 452 20.56 25.33 -13.96
C TYR A 452 20.71 25.34 -15.50
N LEU A 453 19.65 25.04 -16.23
CA LEU A 453 19.78 25.06 -17.68
C LEU A 453 20.19 26.45 -18.17
N SER A 454 19.71 27.49 -17.50
CA SER A 454 20.14 28.83 -17.89
C SER A 454 21.65 28.97 -17.83
N VAL A 455 22.27 28.45 -16.76
CA VAL A 455 23.72 28.51 -16.65
C VAL A 455 24.40 27.77 -17.81
N VAL A 456 23.98 26.54 -18.09
CA VAL A 456 24.61 25.74 -19.15
C VAL A 456 24.48 26.43 -20.51
N LEU A 457 23.26 26.80 -20.90
CA LEU A 457 23.08 27.50 -22.17
C LEU A 457 23.95 28.74 -22.25
N ASN A 458 24.13 29.45 -21.13
CA ASN A 458 24.99 30.63 -21.21
C ASN A 458 26.42 30.25 -21.55
N GLN A 459 26.88 29.10 -21.10
CA GLN A 459 28.20 28.66 -21.55
C GLN A 459 28.21 28.39 -23.05
N LEU A 460 27.15 27.79 -23.59
CA LEU A 460 27.09 27.59 -25.04
C LEU A 460 27.19 28.93 -25.77
N CYS A 461 26.40 29.91 -25.34
CA CYS A 461 26.43 31.22 -25.97
C CYS A 461 27.82 31.84 -25.87
N VAL A 462 28.45 31.74 -24.71
CA VAL A 462 29.78 32.34 -24.56
C VAL A 462 30.79 31.62 -25.42
N LEU A 463 30.72 30.28 -25.46
CA LEU A 463 31.60 29.56 -26.37
C LEU A 463 31.34 29.97 -27.80
N HIS A 464 30.06 29.96 -28.19
CA HIS A 464 29.71 30.15 -29.59
C HIS A 464 30.08 31.54 -30.07
N GLU A 465 29.88 32.57 -29.24
CA GLU A 465 30.16 33.93 -29.70
C GLU A 465 31.60 34.07 -30.15
N LYS A 466 32.49 33.29 -29.54
CA LYS A 466 33.90 33.41 -29.87
C LYS A 466 34.14 33.01 -31.32
N THR A 467 33.55 31.90 -31.76
CA THR A 467 33.65 31.44 -33.15
C THR A 467 32.26 31.04 -33.64
N PRO A 468 31.49 31.99 -34.20
CA PRO A 468 30.09 31.71 -34.51
C PRO A 468 29.90 30.95 -35.82
N VAL A 469 28.96 30.00 -35.80
CA VAL A 469 28.76 29.18 -36.99
C VAL A 469 27.29 28.85 -37.19
N SER A 470 26.48 29.03 -36.14
CA SER A 470 25.06 28.68 -36.20
C SER A 470 24.23 29.94 -35.97
N ASP A 471 23.58 30.40 -37.03
CA ASP A 471 22.73 31.58 -36.92
C ASP A 471 21.63 31.37 -35.91
N ARG A 472 21.12 30.14 -35.82
CA ARG A 472 20.04 29.85 -34.89
C ARG A 472 20.51 30.00 -33.45
N VAL A 473 21.73 29.53 -33.16
CA VAL A 473 22.34 29.72 -31.84
C VAL A 473 22.47 31.20 -31.53
N THR A 474 22.94 32.00 -32.48
CA THR A 474 23.09 33.43 -32.23
C THR A 474 21.77 34.08 -31.91
N LYS A 475 20.70 33.70 -32.62
CA LYS A 475 19.40 34.31 -32.35
C LYS A 475 18.95 33.97 -30.93
N CYS A 476 19.08 32.71 -30.53
CA CYS A 476 18.58 32.29 -29.24
C CYS A 476 19.35 32.94 -28.10
N CYS A 477 20.62 33.23 -28.32
CA CYS A 477 21.43 33.79 -27.24
C CYS A 477 21.22 35.28 -27.09
N THR A 478 20.93 35.98 -28.18
CA THR A 478 20.90 37.42 -28.18
C THR A 478 19.51 38.00 -27.97
N GLU A 479 18.44 37.24 -28.22
CA GLU A 479 17.10 37.82 -28.34
C GLU A 479 16.48 38.16 -26.99
N SER A 480 16.88 37.47 -25.94
CA SER A 480 16.26 37.57 -24.64
C SER A 480 16.99 36.67 -23.66
N LEU A 481 17.64 37.28 -22.66
CA LEU A 481 18.27 36.50 -21.60
C LEU A 481 17.26 35.54 -20.97
N VAL A 482 16.09 36.05 -20.65
CA VAL A 482 15.06 35.30 -19.93
C VAL A 482 14.47 34.16 -20.77
N ASN A 483 14.44 34.28 -22.10
CA ASN A 483 13.80 33.26 -22.92
C ASN A 483 14.76 32.31 -23.64
N ARG A 484 16.05 32.30 -23.29
CA ARG A 484 16.99 31.45 -24.00
C ARG A 484 16.51 30.00 -24.00
N ARG A 485 16.18 29.48 -22.84
CA ARG A 485 15.82 28.07 -22.77
C ARG A 485 14.61 27.73 -23.63
N PRO A 486 13.49 28.45 -23.54
CA PRO A 486 12.40 28.15 -24.46
C PRO A 486 12.81 28.34 -25.92
N CYS A 487 13.60 29.36 -26.22
CA CYS A 487 14.04 29.52 -27.61
C CYS A 487 14.73 28.25 -28.12
N PHE A 488 15.61 27.64 -27.32
CA PHE A 488 16.28 26.43 -27.79
C PHE A 488 15.32 25.24 -27.85
N SER A 489 14.53 25.03 -26.80
CA SER A 489 13.58 23.92 -26.82
C SER A 489 12.65 23.98 -28.04
N ALA A 490 12.30 25.17 -28.50
CA ALA A 490 11.37 25.27 -29.61
C ALA A 490 12.00 24.94 -30.96
N LEU A 491 13.33 24.92 -31.04
CA LEU A 491 14.00 24.69 -32.33
C LEU A 491 13.61 23.33 -32.91
N GLU A 492 13.22 23.35 -34.19
CA GLU A 492 12.98 22.10 -34.88
C GLU A 492 14.31 21.58 -35.45
N VAL A 493 14.29 20.33 -35.93
CA VAL A 493 15.47 19.79 -36.58
C VAL A 493 15.84 20.66 -37.78
N ASP A 494 17.14 20.88 -37.97
CA ASP A 494 17.61 21.72 -39.07
C ASP A 494 17.63 20.92 -40.37
N GLU A 495 16.58 21.05 -41.19
CA GLU A 495 16.53 20.29 -42.44
C GLU A 495 17.29 20.93 -43.59
N THR A 496 17.85 22.12 -43.40
CA THR A 496 18.73 22.70 -44.42
C THR A 496 20.16 22.18 -44.32
N TYR A 497 20.49 21.41 -43.29
CA TYR A 497 21.86 21.03 -43.05
C TYR A 497 22.25 19.95 -44.03
N VAL A 498 23.38 20.11 -44.71
CA VAL A 498 23.90 19.12 -45.63
C VAL A 498 24.71 18.09 -44.83
N PRO A 499 24.38 16.80 -44.89
CA PRO A 499 25.10 15.82 -44.08
C PRO A 499 26.60 15.89 -44.34
N LYS A 500 27.37 15.63 -43.28
CA LYS A 500 28.81 15.46 -43.45
C LYS A 500 29.13 14.20 -44.24
N GLU A 501 30.14 14.31 -45.10
CA GLU A 501 30.55 13.18 -45.92
C GLU A 501 31.10 12.04 -45.06
N PHE A 502 30.87 10.79 -45.48
CA PHE A 502 31.42 9.66 -44.72
C PHE A 502 32.94 9.66 -44.80
N ASN A 503 33.57 9.82 -43.65
CA ASN A 503 35.01 9.64 -43.49
C ASN A 503 35.23 8.48 -42.54
N ALA A 504 35.89 7.43 -43.04
CA ALA A 504 36.04 6.18 -42.28
C ALA A 504 36.98 6.32 -41.09
N GLU A 505 37.73 7.42 -40.99
CA GLU A 505 38.66 7.57 -39.88
C GLU A 505 37.91 7.98 -38.61
N THR A 506 36.89 8.83 -38.76
CA THR A 506 36.08 9.20 -37.61
C THR A 506 35.60 7.98 -36.84
N PHE A 507 35.26 6.91 -37.54
CA PHE A 507 34.65 5.76 -36.90
C PHE A 507 35.62 4.59 -36.80
N THR A 508 36.91 4.88 -36.80
CA THR A 508 37.93 3.89 -36.52
C THR A 508 38.48 4.20 -35.12
N PHE A 509 38.76 3.13 -34.36
CA PHE A 509 39.10 3.28 -32.95
C PHE A 509 40.25 2.34 -32.62
N HIS A 510 41.02 2.69 -31.63
CA HIS A 510 42.23 1.93 -31.36
C HIS A 510 42.22 1.48 -29.91
N ALA A 511 43.26 0.73 -29.53
CA ALA A 511 43.33 0.25 -28.15
C ALA A 511 43.72 1.36 -27.19
N ASP A 512 44.20 2.50 -27.70
CA ASP A 512 44.50 3.65 -26.86
C ASP A 512 43.27 4.17 -26.10
N ILE A 513 42.06 3.75 -26.48
CA ILE A 513 40.84 4.17 -25.77
C ILE A 513 40.68 3.40 -24.46
N CYS A 514 41.33 2.24 -24.33
CA CYS A 514 41.23 1.43 -23.12
C CYS A 514 42.12 1.94 -21.99
N THR A 515 43.02 2.87 -22.27
CA THR A 515 43.87 3.47 -21.24
C THR A 515 43.30 4.74 -20.63
N LEU A 516 42.17 5.21 -21.12
CA LEU A 516 41.67 6.52 -20.75
C LEU A 516 40.87 6.44 -19.47
N SER A 517 40.70 7.59 -18.82
CA SER A 517 39.79 7.62 -17.69
C SER A 517 38.38 7.37 -18.19
N GLU A 518 37.49 7.03 -17.27
CA GLU A 518 36.11 6.79 -17.69
C GLU A 518 35.54 8.06 -18.34
N LYS A 519 35.86 9.23 -17.78
CA LYS A 519 35.30 10.48 -18.32
C LYS A 519 35.81 10.73 -19.73
N GLU A 520 37.11 10.48 -19.95
CA GLU A 520 37.68 10.77 -21.25
C GLU A 520 37.30 9.70 -22.27
N ARG A 521 36.91 8.51 -21.82
CA ARG A 521 36.43 7.49 -22.74
C ARG A 521 35.00 7.78 -23.21
N GLN A 522 34.14 8.24 -22.30
CA GLN A 522 32.79 8.58 -22.71
C GLN A 522 32.80 9.76 -23.69
N ILE A 523 33.67 10.74 -23.45
CA ILE A 523 33.74 11.87 -24.38
C ILE A 523 34.14 11.40 -25.77
N LYS A 524 35.02 10.40 -25.86
CA LYS A 524 35.34 9.89 -27.19
C LYS A 524 34.18 9.11 -27.76
N LYS A 525 33.44 8.38 -26.92
CA LYS A 525 32.26 7.70 -27.44
C LYS A 525 31.21 8.71 -27.88
N GLN A 526 31.09 9.83 -27.17
CA GLN A 526 30.04 10.77 -27.49
C GLN A 526 30.41 11.63 -28.70
N THR A 527 31.71 11.96 -28.84
CA THR A 527 32.17 12.57 -30.07
C THR A 527 31.70 11.79 -31.28
N ALA A 528 31.83 10.46 -31.22
CA ALA A 528 31.46 9.63 -32.37
C ALA A 528 29.96 9.70 -32.63
N LEU A 529 29.15 9.66 -31.58
CA LEU A 529 27.71 9.79 -31.75
C LEU A 529 27.35 11.09 -32.43
N VAL A 530 28.03 12.19 -32.06
CA VAL A 530 27.75 13.46 -32.73
C VAL A 530 28.11 13.36 -34.20
N GLU A 531 29.30 12.83 -34.50
CA GLU A 531 29.69 12.75 -35.90
C GLU A 531 28.84 11.75 -36.67
N LEU A 532 28.24 10.75 -36.01
CA LEU A 532 27.29 9.90 -36.71
C LEU A 532 26.03 10.68 -37.08
N VAL A 533 25.46 11.41 -36.11
CA VAL A 533 24.26 12.22 -36.36
C VAL A 533 24.51 13.28 -37.43
N LYS A 534 25.71 13.87 -37.44
CA LYS A 534 26.05 14.83 -38.48
C LYS A 534 26.19 14.15 -39.82
N HIS A 535 26.46 12.84 -39.82
CA HIS A 535 26.57 12.12 -41.07
C HIS A 535 25.20 11.70 -41.59
N LYS A 536 24.28 11.29 -40.69
CA LYS A 536 22.94 10.85 -41.09
C LYS A 536 21.90 11.53 -40.21
N PRO A 537 21.65 12.83 -40.41
CA PRO A 537 20.79 13.56 -39.47
C PRO A 537 19.37 13.04 -39.42
N LYS A 538 18.94 12.25 -40.39
CA LYS A 538 17.60 11.66 -40.35
C LYS A 538 17.52 10.36 -39.54
N ALA A 539 18.65 9.76 -39.16
CA ALA A 539 18.59 8.57 -38.33
C ALA A 539 17.75 8.82 -37.08
N THR A 540 16.93 7.83 -36.72
CA THR A 540 15.93 7.93 -35.64
C THR A 540 16.53 7.70 -34.26
N LYS A 541 15.86 8.25 -33.24
CA LYS A 541 16.24 7.96 -31.85
C LYS A 541 16.43 6.47 -31.64
N GLU A 542 15.55 5.65 -32.22
CA GLU A 542 15.64 4.20 -32.05
C GLU A 542 16.91 3.66 -32.70
N GLN A 543 17.12 3.98 -33.98
CA GLN A 543 18.30 3.44 -34.67
C GLN A 543 19.60 3.91 -34.03
N LEU A 544 19.64 5.14 -33.48
CA LEU A 544 20.89 5.63 -32.91
C LEU A 544 21.15 4.96 -31.55
N LYS A 545 20.10 4.68 -30.78
CA LYS A 545 20.29 3.92 -29.54
C LYS A 545 20.87 2.55 -29.82
N ALA A 546 20.35 1.84 -30.82
CA ALA A 546 20.85 0.52 -31.17
C ALA A 546 22.34 0.56 -31.47
N VAL A 547 22.78 1.56 -32.25
CA VAL A 547 24.18 1.70 -32.61
C VAL A 547 25.04 1.92 -31.37
N MET A 548 24.64 2.86 -30.51
CA MET A 548 25.42 3.17 -29.33
C MET A 548 25.50 2.01 -28.35
N ASP A 549 24.54 1.08 -28.41
CA ASP A 549 24.63 -0.10 -27.55
C ASP A 549 25.62 -1.08 -28.15
N ASP A 550 25.58 -1.25 -29.46
CA ASP A 550 26.63 -2.02 -30.14
C ASP A 550 28.00 -1.41 -29.88
N PHE A 551 28.07 -0.07 -29.92
CA PHE A 551 29.34 0.61 -29.75
C PHE A 551 29.90 0.30 -28.37
N ALA A 552 29.13 0.55 -27.31
CA ALA A 552 29.63 0.31 -25.96
C ALA A 552 30.05 -1.15 -25.79
N ALA A 553 29.29 -2.08 -26.39
CA ALA A 553 29.70 -3.47 -26.36
C ALA A 553 31.07 -3.63 -26.98
N PHE A 554 31.18 -3.27 -28.26
CA PHE A 554 32.44 -3.25 -28.99
C PHE A 554 33.62 -2.77 -28.15
N VAL A 555 33.47 -1.62 -27.47
CA VAL A 555 34.59 -1.02 -26.75
C VAL A 555 34.94 -1.85 -25.52
N GLU A 556 33.95 -2.21 -24.70
CA GLU A 556 34.24 -3.08 -23.57
C GLU A 556 34.54 -4.51 -24.02
N LYS A 557 33.98 -4.94 -25.15
CA LYS A 557 34.33 -6.25 -25.70
C LYS A 557 35.69 -6.28 -26.37
N CYS A 558 36.41 -5.15 -26.43
CA CYS A 558 37.79 -5.18 -26.91
C CYS A 558 38.80 -4.82 -25.83
N CYS A 559 38.38 -4.23 -24.71
CA CYS A 559 39.36 -3.92 -23.67
C CYS A 559 39.70 -5.17 -22.87
N LYS A 560 38.69 -5.96 -22.51
CA LYS A 560 38.91 -7.21 -21.80
C LYS A 560 39.75 -8.19 -22.59
N ALA A 561 39.90 -7.98 -23.90
CA ALA A 561 40.56 -8.97 -24.74
C ALA A 561 42.05 -9.04 -24.45
N ASP A 562 42.73 -7.89 -24.42
CA ASP A 562 44.19 -7.81 -24.43
C ASP A 562 44.77 -8.85 -25.39
N ASP A 563 44.45 -8.65 -26.67
CA ASP A 563 45.00 -9.46 -27.75
C ASP A 563 46.08 -8.65 -28.44
N LYS A 564 46.30 -8.91 -29.74
CA LYS A 564 47.19 -8.09 -30.55
C LYS A 564 46.54 -6.78 -30.89
N GLU A 565 45.41 -6.54 -30.23
CA GLU A 565 44.65 -5.30 -30.30
C GLU A 565 44.16 -5.03 -31.71
N THR A 566 44.45 -5.98 -32.61
CA THR A 566 43.78 -6.09 -33.90
C THR A 566 42.26 -6.22 -33.71
N CYS A 567 41.80 -6.43 -32.45
CA CYS A 567 40.36 -6.48 -32.17
C CYS A 567 39.66 -5.22 -32.64
N PHE A 568 40.30 -4.06 -32.47
CA PHE A 568 39.64 -2.83 -32.90
C PHE A 568 39.54 -2.76 -34.42
N ALA A 569 40.67 -3.02 -35.12
CA ALA A 569 40.67 -2.95 -36.58
C ALA A 569 39.64 -3.90 -37.19
N GLU A 570 39.55 -5.14 -36.70
CA GLU A 570 38.64 -6.12 -37.29
C GLU A 570 37.22 -6.03 -36.72
N GLU A 571 37.07 -6.22 -35.41
CA GLU A 571 35.72 -6.12 -34.82
C GLU A 571 35.13 -4.74 -35.05
N GLY A 572 35.94 -3.73 -35.29
CA GLY A 572 35.47 -2.37 -35.49
C GLY A 572 34.90 -2.13 -36.87
N LYS A 573 35.56 -2.65 -37.91
CA LYS A 573 34.95 -2.64 -39.23
C LYS A 573 33.74 -3.57 -39.30
N LYS A 574 33.67 -4.59 -38.43
CA LYS A 574 32.46 -5.40 -38.28
C LYS A 574 31.35 -4.60 -37.59
N LEU A 575 31.71 -3.73 -36.63
CA LEU A 575 30.74 -2.86 -36.01
C LEU A 575 30.17 -1.88 -37.02
N VAL A 576 31.01 -1.38 -37.93
CA VAL A 576 30.55 -0.38 -38.89
C VAL A 576 29.60 -0.97 -39.91
N ALA A 577 29.79 -2.24 -40.30
CA ALA A 577 28.79 -2.85 -41.15
C ALA A 577 27.46 -2.99 -40.40
N ALA A 578 27.51 -3.44 -39.14
CA ALA A 578 26.29 -3.63 -38.36
C ALA A 578 25.54 -2.32 -38.15
N SER A 579 26.28 -1.23 -37.87
CA SER A 579 25.63 0.07 -37.69
C SER A 579 24.92 0.49 -38.97
N GLN A 580 25.51 0.15 -40.12
CA GLN A 580 24.88 0.47 -41.39
C GLN A 580 23.56 -0.25 -41.53
N ALA A 581 23.49 -1.50 -41.03
CA ALA A 581 22.23 -2.24 -40.99
C ALA A 581 21.08 -1.38 -40.46
N ALA A 582 21.37 -0.42 -39.58
CA ALA A 582 20.37 0.61 -39.25
C ALA A 582 20.98 2.05 -39.38
N ALA B 2 31.72 -28.46 -3.41
CA ALA B 2 31.08 -27.37 -2.69
C ALA B 2 32.10 -26.53 -1.92
N HIS B 3 33.38 -26.63 -2.30
CA HIS B 3 34.42 -25.99 -1.50
C HIS B 3 35.33 -25.05 -2.28
N LYS B 4 36.05 -25.56 -3.29
CA LYS B 4 37.12 -24.75 -3.86
C LYS B 4 36.61 -23.49 -4.56
N SER B 5 35.40 -23.50 -5.10
CA SER B 5 34.87 -22.30 -5.78
C SER B 5 33.44 -22.05 -5.31
N GLU B 6 33.23 -20.95 -4.60
CA GLU B 6 31.91 -20.69 -4.00
C GLU B 6 30.88 -20.30 -5.06
N VAL B 7 31.23 -19.41 -5.98
CA VAL B 7 30.26 -18.96 -6.98
C VAL B 7 29.79 -20.14 -7.82
N ALA B 8 30.70 -21.05 -8.20
CA ALA B 8 30.26 -22.21 -8.97
C ALA B 8 29.34 -23.09 -8.14
N HIS B 9 29.62 -23.23 -6.83
CA HIS B 9 28.79 -24.02 -5.94
C HIS B 9 27.35 -23.53 -5.91
N ARG B 10 27.17 -22.23 -5.69
CA ARG B 10 25.81 -21.71 -5.64
C ARG B 10 25.14 -21.81 -7.01
N PHE B 11 25.90 -21.62 -8.08
CA PHE B 11 25.32 -21.76 -9.42
C PHE B 11 24.75 -23.16 -9.60
N LYS B 12 25.53 -24.19 -9.23
CA LYS B 12 25.03 -25.55 -9.34
C LYS B 12 23.82 -25.76 -8.42
N ASP B 13 23.85 -25.19 -7.21
CA ASP B 13 22.78 -25.47 -6.26
C ASP B 13 21.47 -24.83 -6.64
N LEU B 14 21.50 -23.60 -7.13
CA LEU B 14 20.29 -22.84 -7.39
C LEU B 14 19.78 -22.94 -8.82
N GLY B 15 20.62 -23.35 -9.77
CA GLY B 15 20.23 -23.29 -11.17
C GLY B 15 20.38 -21.91 -11.76
N GLU B 16 20.72 -21.85 -13.06
CA GLU B 16 21.05 -20.58 -13.70
C GLU B 16 19.91 -19.57 -13.56
N GLU B 17 18.66 -20.01 -13.75
CA GLU B 17 17.56 -19.04 -13.78
C GLU B 17 17.41 -18.33 -12.44
N ASN B 18 17.37 -19.07 -11.34
CA ASN B 18 17.25 -18.41 -10.03
C ASN B 18 18.53 -17.67 -9.66
N PHE B 19 19.69 -18.21 -10.05
CA PHE B 19 20.94 -17.53 -9.81
C PHE B 19 20.93 -16.14 -10.45
N LYS B 20 20.59 -16.09 -11.74
CA LYS B 20 20.46 -14.83 -12.47
C LYS B 20 19.56 -13.86 -11.72
N ALA B 21 18.42 -14.37 -11.22
CA ALA B 21 17.45 -13.51 -10.54
C ALA B 21 18.00 -12.97 -9.23
N LEU B 22 18.60 -13.83 -8.42
CA LEU B 22 19.11 -13.42 -7.13
C LEU B 22 20.21 -12.40 -7.28
N VAL B 23 21.09 -12.59 -8.28
CA VAL B 23 22.11 -11.58 -8.58
C VAL B 23 21.47 -10.23 -8.88
N LEU B 24 20.49 -10.19 -9.79
CA LEU B 24 19.78 -8.94 -10.08
C LEU B 24 19.25 -8.31 -8.79
N ILE B 25 18.65 -9.12 -7.91
CA ILE B 25 18.13 -8.58 -6.66
C ILE B 25 19.26 -7.99 -5.81
N ALA B 26 20.36 -8.74 -5.65
CA ALA B 26 21.44 -8.31 -4.76
C ALA B 26 21.97 -6.94 -5.15
N PHE B 27 22.21 -6.72 -6.43
CA PHE B 27 22.77 -5.45 -6.84
C PHE B 27 21.72 -4.35 -6.80
N ALA B 28 20.47 -4.68 -7.14
CA ALA B 28 19.48 -3.63 -7.17
C ALA B 28 19.18 -3.10 -5.78
N GLN B 29 19.26 -3.96 -4.77
CA GLN B 29 18.89 -3.52 -3.43
C GLN B 29 19.90 -2.54 -2.88
N TYR B 30 21.15 -2.63 -3.32
CA TYR B 30 22.16 -1.65 -2.92
C TYR B 30 22.24 -0.47 -3.88
N LEU B 31 22.30 -0.76 -5.18
CA LEU B 31 22.43 0.26 -6.22
C LEU B 31 21.05 0.67 -6.71
N GLN B 32 20.27 1.21 -5.79
CA GLN B 32 18.87 1.47 -6.10
C GLN B 32 18.65 2.60 -7.08
N GLN B 33 19.65 3.45 -7.36
CA GLN B 33 19.43 4.55 -8.29
C GLN B 33 20.01 4.26 -9.69
N CYS B 34 20.64 3.12 -9.90
CA CYS B 34 21.21 2.77 -11.20
C CYS B 34 20.12 2.31 -12.17
N PRO B 35 20.24 2.67 -13.45
CA PRO B 35 19.18 2.33 -14.40
C PRO B 35 19.15 0.85 -14.73
N PHE B 36 18.00 0.42 -15.26
CA PHE B 36 17.75 -0.99 -15.53
C PHE B 36 18.80 -1.59 -16.46
N GLU B 37 19.09 -0.92 -17.57
CA GLU B 37 20.04 -1.45 -18.55
C GLU B 37 21.37 -1.80 -17.89
N ASP B 38 21.80 -0.98 -16.92
CA ASP B 38 23.08 -1.21 -16.25
C ASP B 38 23.05 -2.49 -15.42
N HIS B 39 21.94 -2.77 -14.71
CA HIS B 39 21.88 -4.01 -13.94
C HIS B 39 21.81 -5.23 -14.84
N VAL B 40 21.10 -5.13 -15.97
CA VAL B 40 21.09 -6.21 -16.95
C VAL B 40 22.51 -6.56 -17.38
N LYS B 41 23.26 -5.58 -17.88
CA LYS B 41 24.66 -5.83 -18.25
C LYS B 41 25.43 -6.47 -17.12
N LEU B 42 25.17 -6.05 -15.89
CA LEU B 42 25.92 -6.56 -14.73
C LEU B 42 25.61 -8.03 -14.48
N VAL B 43 24.32 -8.38 -14.49
CA VAL B 43 23.89 -9.77 -14.38
C VAL B 43 24.56 -10.65 -15.44
N ASN B 44 24.55 -10.20 -16.70
CA ASN B 44 25.13 -11.00 -17.77
C ASN B 44 26.62 -11.27 -17.53
N GLU B 45 27.36 -10.27 -17.05
CA GLU B 45 28.77 -10.51 -16.79
C GLU B 45 28.94 -11.52 -15.66
N VAL B 46 28.14 -11.38 -14.60
CA VAL B 46 28.23 -12.32 -13.49
C VAL B 46 27.88 -13.73 -13.95
N THR B 47 26.81 -13.90 -14.73
CA THR B 47 26.47 -15.24 -15.22
C THR B 47 27.59 -15.82 -16.09
N GLU B 48 28.10 -15.05 -17.05
CA GLU B 48 29.26 -15.48 -17.83
C GLU B 48 30.39 -15.92 -16.91
N PHE B 49 30.66 -15.15 -15.87
CA PHE B 49 31.73 -15.51 -14.95
C PHE B 49 31.43 -16.82 -14.23
N ALA B 50 30.19 -16.99 -13.74
CA ALA B 50 29.84 -18.20 -13.02
C ALA B 50 29.95 -19.44 -13.90
N LYS B 51 29.43 -19.37 -15.12
CA LYS B 51 29.45 -20.52 -16.00
C LYS B 51 30.87 -21.00 -16.27
N THR B 52 31.83 -20.08 -16.42
CA THR B 52 33.19 -20.53 -16.63
C THR B 52 33.67 -21.33 -15.44
N CYS B 53 33.31 -20.89 -14.23
CA CYS B 53 33.85 -21.52 -13.03
C CYS B 53 33.22 -22.88 -12.81
N VAL B 54 31.94 -23.00 -13.12
CA VAL B 54 31.32 -24.31 -13.16
C VAL B 54 32.06 -25.23 -14.14
N ALA B 55 32.53 -24.68 -15.25
CA ALA B 55 33.29 -25.49 -16.20
C ALA B 55 34.68 -25.83 -15.66
N ASP B 56 35.47 -24.80 -15.39
CA ASP B 56 36.87 -24.94 -15.00
C ASP B 56 37.05 -24.20 -13.68
N GLU B 57 37.07 -24.94 -12.58
CA GLU B 57 37.13 -24.27 -11.28
C GLU B 57 38.45 -23.53 -11.07
N SER B 58 39.49 -23.84 -11.86
CA SER B 58 40.78 -23.16 -11.76
C SER B 58 40.87 -21.87 -12.59
N ALA B 59 39.76 -21.43 -13.19
CA ALA B 59 39.75 -20.26 -14.05
C ALA B 59 39.96 -18.99 -13.26
N GLU B 60 40.09 -17.88 -13.98
CA GLU B 60 40.36 -16.60 -13.35
C GLU B 60 39.32 -16.30 -12.30
N ASN B 61 39.78 -16.00 -11.08
CA ASN B 61 38.95 -15.42 -10.01
C ASN B 61 37.96 -16.37 -9.38
N CYS B 62 37.97 -17.64 -9.73
CA CYS B 62 36.86 -18.49 -9.30
C CYS B 62 36.99 -18.91 -7.84
N ASP B 63 38.19 -18.84 -7.29
CA ASP B 63 38.51 -19.18 -5.91
C ASP B 63 38.35 -18.04 -4.91
N LYS B 64 37.96 -16.85 -5.36
CA LYS B 64 37.70 -15.76 -4.43
C LYS B 64 36.37 -15.99 -3.71
N SER B 65 36.17 -15.26 -2.62
CA SER B 65 34.95 -15.43 -1.84
C SER B 65 33.84 -14.61 -2.48
N LEU B 66 32.59 -14.91 -2.09
CA LEU B 66 31.47 -14.15 -2.63
C LEU B 66 31.54 -12.69 -2.20
N HIS B 67 31.97 -12.44 -0.97
CA HIS B 67 32.10 -11.06 -0.53
C HIS B 67 33.10 -10.30 -1.39
N THR B 68 34.31 -10.85 -1.57
CA THR B 68 35.30 -10.08 -2.34
C THR B 68 34.79 -9.85 -3.76
N LEU B 69 34.17 -10.88 -4.37
CA LEU B 69 33.63 -10.75 -5.73
C LEU B 69 32.54 -9.67 -5.80
N PHE B 70 31.56 -9.73 -4.90
CA PHE B 70 30.46 -8.77 -4.88
C PHE B 70 30.93 -7.35 -4.64
N GLY B 71 31.69 -7.13 -3.56
CA GLY B 71 32.29 -5.82 -3.31
C GLY B 71 33.11 -5.30 -4.48
N ASP B 72 33.94 -6.16 -5.07
CA ASP B 72 34.72 -5.72 -6.22
C ASP B 72 33.82 -5.21 -7.34
N LYS B 73 32.74 -5.94 -7.65
CA LYS B 73 31.90 -5.55 -8.78
C LYS B 73 31.11 -4.29 -8.46
N LEU B 74 30.54 -4.23 -7.26
CA LEU B 74 29.80 -3.05 -6.82
C LEU B 74 30.66 -1.79 -6.89
N CYS B 75 31.91 -1.88 -6.48
CA CYS B 75 32.70 -0.68 -6.36
C CYS B 75 33.13 -0.15 -7.72
N THR B 76 33.49 -1.02 -8.65
CA THR B 76 33.86 -0.49 -9.98
C THR B 76 32.66 0.17 -10.63
N VAL B 77 31.45 -0.33 -10.35
CA VAL B 77 30.23 0.27 -10.88
C VAL B 77 29.93 1.60 -10.21
N ALA B 78 29.82 1.58 -8.87
CA ALA B 78 29.38 2.76 -8.12
C ALA B 78 30.36 3.93 -8.18
N THR B 79 31.66 3.66 -8.33
CA THR B 79 32.60 4.77 -8.44
C THR B 79 32.62 5.38 -9.82
N LEU B 80 31.87 4.78 -10.77
CA LEU B 80 31.79 5.29 -12.12
C LEU B 80 31.35 6.73 -12.13
N ARG B 81 30.19 6.99 -11.54
CA ARG B 81 29.69 8.34 -11.32
C ARG B 81 30.85 9.30 -11.06
N GLU B 82 31.56 9.07 -9.96
CA GLU B 82 32.51 10.03 -9.40
C GLU B 82 33.16 9.41 -8.16
N THR B 83 34.24 10.05 -7.73
CA THR B 83 35.04 9.61 -6.59
C THR B 83 34.39 10.00 -5.25
N TYR B 84 33.45 10.94 -5.23
CA TYR B 84 32.84 11.33 -3.97
C TYR B 84 31.36 11.01 -3.94
N GLY B 85 30.99 9.79 -4.32
CA GLY B 85 29.62 9.35 -4.21
C GLY B 85 29.33 8.81 -2.81
N GLU B 86 28.11 8.29 -2.64
CA GLU B 86 27.74 7.78 -1.33
C GLU B 86 28.54 6.52 -0.98
N MET B 87 28.75 5.64 -1.97
CA MET B 87 29.50 4.39 -1.78
C MET B 87 31.00 4.59 -1.66
N ALA B 88 31.51 5.75 -2.06
CA ALA B 88 32.95 5.91 -2.13
C ALA B 88 33.63 5.59 -0.81
N ASP B 89 33.06 6.02 0.31
CA ASP B 89 33.73 5.75 1.58
C ASP B 89 33.85 4.25 1.79
N CYS B 90 32.80 3.50 1.45
CA CYS B 90 32.87 2.05 1.62
C CYS B 90 33.99 1.42 0.78
N CYS B 91 34.15 1.87 -0.46
CA CYS B 91 35.07 1.22 -1.39
C CYS B 91 36.54 1.51 -1.15
N ALA B 92 36.87 2.46 -0.27
CA ALA B 92 38.24 2.61 0.19
C ALA B 92 38.60 1.59 1.26
N LYS B 93 37.61 0.90 1.81
CA LYS B 93 37.88 -0.07 2.85
C LYS B 93 38.23 -1.38 2.18
N GLN B 94 38.97 -2.22 2.88
CA GLN B 94 39.14 -3.59 2.46
C GLN B 94 38.14 -4.46 3.18
N GLU B 95 38.00 -5.68 2.70
CA GLU B 95 37.18 -6.64 3.40
C GLU B 95 37.85 -7.01 4.73
N PRO B 96 37.05 -7.30 5.77
CA PRO B 96 35.61 -7.40 5.76
C PRO B 96 34.86 -6.10 6.07
N GLU B 97 35.57 -5.02 6.40
CA GLU B 97 34.85 -3.81 6.78
C GLU B 97 34.05 -3.26 5.61
N ARG B 98 34.58 -3.44 4.40
CA ARG B 98 33.91 -2.94 3.21
C ARG B 98 32.49 -3.51 3.09
N ASN B 99 32.36 -4.82 3.24
CA ASN B 99 31.05 -5.40 3.04
C ASN B 99 30.08 -4.88 4.09
N GLU B 100 30.55 -4.75 5.32
CA GLU B 100 29.65 -4.27 6.36
C GLU B 100 29.27 -2.82 6.11
N CYS B 101 30.17 -2.03 5.51
CA CYS B 101 29.87 -0.64 5.23
C CYS B 101 28.70 -0.52 4.26
N PHE B 102 28.57 -1.44 3.30
CA PHE B 102 27.40 -1.43 2.42
C PHE B 102 26.08 -1.38 3.20
N LEU B 103 26.01 -2.10 4.33
CA LEU B 103 24.75 -2.22 5.06
C LEU B 103 24.05 -0.89 5.27
N GLN B 104 24.82 0.17 5.51
CA GLN B 104 24.15 1.43 5.79
C GLN B 104 23.58 2.07 4.53
N HIS B 105 23.87 1.51 3.36
CA HIS B 105 23.54 2.17 2.10
C HIS B 105 22.31 1.59 1.40
N LYS B 106 21.44 0.91 2.13
CA LYS B 106 20.08 0.63 1.66
C LYS B 106 19.16 1.78 2.09
N ASP B 107 18.60 2.50 1.14
CA ASP B 107 17.63 3.55 1.47
C ASP B 107 16.23 2.93 1.61
N ASP B 108 15.54 3.25 2.71
CA ASP B 108 14.34 2.51 3.04
C ASP B 108 13.11 2.97 2.24
N ASN B 109 12.90 4.28 2.11
CA ASN B 109 11.89 4.79 1.20
C ASN B 109 12.64 5.66 0.20
N PRO B 110 13.24 5.05 -0.82
CA PRO B 110 14.10 5.80 -1.74
C PRO B 110 13.30 6.80 -2.53
N ASN B 111 14.01 7.77 -3.05
CA ASN B 111 13.34 8.86 -3.75
C ASN B 111 13.11 8.41 -5.19
N LEU B 112 12.00 7.74 -5.44
CA LEU B 112 11.82 7.12 -6.72
C LEU B 112 10.40 7.35 -7.18
N PRO B 113 10.20 7.66 -8.46
CA PRO B 113 8.86 7.95 -8.96
C PRO B 113 7.89 6.83 -8.61
N ARG B 114 6.62 7.20 -8.45
CA ARG B 114 5.60 6.20 -8.30
C ARG B 114 5.63 5.28 -9.51
N LEU B 115 5.23 4.05 -9.33
CA LEU B 115 5.20 3.05 -10.40
C LEU B 115 3.76 2.96 -10.91
N VAL B 116 3.50 3.42 -12.13
CA VAL B 116 2.14 3.51 -12.66
C VAL B 116 1.95 2.43 -13.72
N ARG B 117 1.00 1.51 -13.48
CA ARG B 117 1.06 0.50 -14.54
C ARG B 117 0.22 0.95 -15.75
N PRO B 118 0.74 0.64 -16.94
CA PRO B 118 0.09 1.02 -18.19
C PRO B 118 -1.15 0.24 -18.57
N GLU B 119 -1.69 0.51 -19.75
CA GLU B 119 -2.85 -0.22 -20.25
C GLU B 119 -2.53 -1.70 -20.32
N VAL B 120 -3.57 -2.53 -20.13
CA VAL B 120 -3.36 -3.98 -20.14
C VAL B 120 -2.85 -4.44 -21.50
N ASP B 121 -3.41 -3.89 -22.58
CA ASP B 121 -2.94 -4.28 -23.89
C ASP B 121 -1.45 -3.95 -24.05
N VAL B 122 -1.02 -2.82 -23.50
CA VAL B 122 0.37 -2.41 -23.67
C VAL B 122 1.30 -3.38 -22.93
N MET B 123 0.91 -3.76 -21.72
CA MET B 123 1.71 -4.70 -20.94
C MET B 123 1.82 -6.04 -21.66
N CYS B 124 0.69 -6.55 -22.17
CA CYS B 124 0.73 -7.87 -22.78
C CYS B 124 1.59 -7.87 -24.02
N THR B 125 1.52 -6.77 -24.81
CA THR B 125 2.43 -6.64 -25.95
C THR B 125 3.87 -6.69 -25.50
N ALA B 126 4.20 -5.94 -24.44
CA ALA B 126 5.56 -5.95 -23.91
C ALA B 126 5.94 -7.34 -23.41
N PHE B 127 5.02 -8.03 -22.72
CA PHE B 127 5.34 -9.35 -22.20
C PHE B 127 5.64 -10.33 -23.33
N HIS B 128 4.82 -10.32 -24.39
CA HIS B 128 5.07 -11.23 -25.52
C HIS B 128 6.34 -10.83 -26.25
N ASP B 129 6.61 -9.52 -26.35
CA ASP B 129 7.75 -9.11 -27.15
C ASP B 129 9.04 -9.57 -26.54
N ASN B 130 9.11 -9.66 -25.22
CA ASN B 130 10.30 -10.25 -24.61
C ASN B 130 9.99 -10.57 -23.14
N GLU B 131 9.56 -11.80 -22.90
CA GLU B 131 9.20 -12.25 -21.56
C GLU B 131 10.36 -12.07 -20.58
N GLU B 132 11.57 -12.49 -20.98
CA GLU B 132 12.70 -12.49 -20.05
C GLU B 132 13.02 -11.07 -19.57
N THR B 133 12.95 -10.08 -20.48
CA THR B 133 13.21 -8.70 -20.11
C THR B 133 12.09 -8.14 -19.23
N PHE B 134 10.85 -8.36 -19.65
CA PHE B 134 9.68 -7.96 -18.85
C PHE B 134 9.80 -8.48 -17.43
N LEU B 135 10.24 -9.73 -17.27
CA LEU B 135 10.36 -10.25 -15.92
C LEU B 135 11.56 -9.69 -15.18
N LYS B 136 12.70 -9.53 -15.85
CA LYS B 136 13.82 -8.87 -15.18
C LYS B 136 13.39 -7.49 -14.72
N LYS B 137 12.62 -6.79 -15.55
CA LYS B 137 12.17 -5.46 -15.15
C LYS B 137 11.26 -5.49 -13.92
N TYR B 138 10.45 -6.55 -13.74
CA TYR B 138 9.65 -6.67 -12.51
C TYR B 138 10.55 -6.75 -11.29
N LEU B 139 11.48 -7.71 -11.30
CA LEU B 139 12.39 -7.87 -10.17
C LEU B 139 13.13 -6.57 -9.85
N TYR B 140 13.62 -5.89 -10.88
CA TYR B 140 14.39 -4.69 -10.62
C TYR B 140 13.55 -3.63 -9.90
N GLU B 141 12.37 -3.33 -10.44
CA GLU B 141 11.61 -2.20 -9.89
C GLU B 141 11.16 -2.46 -8.45
N ILE B 142 10.94 -3.73 -8.08
CA ILE B 142 10.57 -4.08 -6.70
C ILE B 142 11.79 -4.11 -5.79
N ALA B 143 12.84 -4.82 -6.20
CA ALA B 143 14.02 -4.89 -5.37
C ALA B 143 14.51 -3.50 -4.97
N ARG B 144 14.60 -2.57 -5.92
CA ARG B 144 15.21 -1.32 -5.51
C ARG B 144 14.29 -0.49 -4.60
N ARG B 145 12.99 -0.76 -4.63
CA ARG B 145 12.05 0.00 -3.79
C ARG B 145 11.88 -0.62 -2.42
N HIS B 146 12.28 -1.87 -2.29
CA HIS B 146 12.15 -2.66 -1.07
C HIS B 146 13.50 -3.35 -0.87
N PRO B 147 14.50 -2.60 -0.41
CA PRO B 147 15.86 -3.16 -0.38
C PRO B 147 16.03 -4.26 0.64
N TYR B 148 15.00 -4.56 1.43
CA TYR B 148 15.05 -5.64 2.41
C TYR B 148 14.08 -6.76 2.10
N PHE B 149 13.55 -6.79 0.88
CA PHE B 149 12.64 -7.83 0.47
C PHE B 149 13.30 -9.17 0.63
N TYR B 150 12.55 -10.11 1.20
CA TYR B 150 13.02 -11.48 1.37
C TYR B 150 13.24 -12.12 0.00
N ALA B 151 14.50 -12.21 -0.40
CA ALA B 151 14.84 -12.53 -1.78
C ALA B 151 14.28 -13.86 -2.25
N PRO B 152 14.37 -14.95 -1.47
CA PRO B 152 13.73 -16.19 -1.93
C PRO B 152 12.23 -16.02 -2.17
N GLU B 153 11.53 -15.22 -1.34
CA GLU B 153 10.11 -14.99 -1.54
C GLU B 153 9.87 -14.21 -2.81
N LEU B 154 10.79 -13.29 -3.12
CA LEU B 154 10.66 -12.47 -4.30
C LEU B 154 10.62 -13.36 -5.53
N LEU B 155 11.51 -14.36 -5.59
CA LEU B 155 11.49 -15.35 -6.65
C LEU B 155 10.10 -15.97 -6.79
N PHE B 156 9.47 -16.31 -5.68
CA PHE B 156 8.12 -16.84 -5.72
C PHE B 156 7.15 -15.81 -6.31
N PHE B 157 7.19 -14.57 -5.82
CA PHE B 157 6.28 -13.60 -6.43
C PHE B 157 6.54 -13.51 -7.93
N ALA B 158 7.81 -13.52 -8.34
CA ALA B 158 8.13 -13.45 -9.75
C ALA B 158 7.53 -14.65 -10.50
N LYS B 159 7.53 -15.82 -9.87
CA LYS B 159 6.98 -16.99 -10.56
C LYS B 159 5.51 -16.77 -10.87
N ARG B 160 4.77 -16.14 -9.93
CA ARG B 160 3.36 -15.84 -10.09
C ARG B 160 3.13 -14.66 -11.02
N TYR B 161 4.01 -13.66 -10.97
CA TYR B 161 3.87 -12.55 -11.92
C TYR B 161 4.00 -13.08 -13.36
N LYS B 162 5.06 -13.84 -13.63
CA LYS B 162 5.15 -14.45 -14.95
C LYS B 162 3.88 -15.24 -15.25
N ALA B 163 3.38 -16.01 -14.28
CA ALA B 163 2.21 -16.85 -14.52
C ALA B 163 0.98 -16.00 -14.80
N ALA B 164 0.84 -14.87 -14.12
CA ALA B 164 -0.30 -14.01 -14.40
C ALA B 164 -0.32 -13.62 -15.86
N PHE B 165 0.84 -13.22 -16.38
CA PHE B 165 0.88 -12.79 -17.78
C PHE B 165 0.74 -13.98 -18.73
N THR B 166 1.39 -15.10 -18.42
CA THR B 166 1.30 -16.25 -19.33
C THR B 166 -0.13 -16.70 -19.52
N GLU B 167 -0.94 -16.64 -18.47
CA GLU B 167 -2.33 -17.02 -18.60
C GLU B 167 -3.19 -15.91 -19.18
N CYS B 168 -3.17 -14.73 -18.55
CA CYS B 168 -4.20 -13.74 -18.83
C CYS B 168 -4.01 -13.05 -20.18
N CYS B 169 -2.84 -13.14 -20.80
CA CYS B 169 -2.72 -12.48 -22.09
C CYS B 169 -3.30 -13.36 -23.19
N GLN B 170 -3.61 -14.61 -22.87
CA GLN B 170 -4.38 -15.49 -23.73
C GLN B 170 -5.87 -15.40 -23.47
N ALA B 171 -6.30 -14.62 -22.50
CA ALA B 171 -7.71 -14.61 -22.18
C ALA B 171 -8.51 -13.77 -23.17
N ALA B 172 -9.80 -14.11 -23.28
CA ALA B 172 -10.70 -13.36 -24.14
C ALA B 172 -10.92 -11.95 -23.60
N ASP B 173 -10.91 -11.80 -22.26
CA ASP B 173 -10.99 -10.50 -21.61
C ASP B 173 -9.74 -10.33 -20.74
N LYS B 174 -8.66 -9.79 -21.31
CA LYS B 174 -7.37 -9.74 -20.61
C LYS B 174 -7.49 -9.04 -19.24
N ALA B 175 -8.25 -7.94 -19.16
CA ALA B 175 -8.20 -7.15 -17.93
C ALA B 175 -8.97 -7.79 -16.79
N ALA B 176 -10.14 -8.40 -17.07
CA ALA B 176 -10.87 -9.06 -15.99
C ALA B 176 -10.10 -10.23 -15.44
N CYS B 177 -9.17 -10.77 -16.22
CA CYS B 177 -8.32 -11.86 -15.82
C CYS B 177 -7.12 -11.36 -15.05
N LEU B 178 -6.42 -10.36 -15.60
CA LEU B 178 -5.07 -10.04 -15.17
C LEU B 178 -5.05 -9.09 -13.97
N LEU B 179 -5.88 -8.04 -13.98
CA LEU B 179 -5.75 -7.01 -12.94
C LEU B 179 -6.01 -7.51 -11.53
N PRO B 180 -7.04 -8.33 -11.23
CA PRO B 180 -7.13 -8.92 -9.88
C PRO B 180 -5.87 -9.67 -9.50
N LYS B 181 -5.32 -10.42 -10.44
CA LYS B 181 -4.09 -11.16 -10.16
C LYS B 181 -2.97 -10.22 -9.79
N LEU B 182 -2.90 -9.07 -10.46
CA LEU B 182 -1.83 -8.12 -10.25
C LEU B 182 -2.03 -7.33 -8.97
N ASP B 183 -3.26 -6.88 -8.70
CA ASP B 183 -3.51 -6.18 -7.45
C ASP B 183 -3.21 -7.06 -6.25
N GLU B 184 -3.56 -8.34 -6.33
CA GLU B 184 -3.27 -9.26 -5.25
C GLU B 184 -1.77 -9.38 -5.03
N LEU B 185 -1.01 -9.63 -6.11
CA LEU B 185 0.44 -9.74 -5.96
C LEU B 185 1.04 -8.44 -5.39
N ARG B 186 0.64 -7.29 -5.95
CA ARG B 186 1.12 -6.01 -5.44
C ARG B 186 0.84 -5.85 -3.95
N ASP B 187 -0.38 -6.19 -3.51
CA ASP B 187 -0.68 -6.13 -2.07
C ASP B 187 0.11 -7.17 -1.28
N GLU B 188 0.16 -8.42 -1.80
CA GLU B 188 0.90 -9.47 -1.10
C GLU B 188 2.37 -9.11 -0.98
N GLY B 189 2.97 -8.63 -2.07
CA GLY B 189 4.35 -8.20 -2.00
C GLY B 189 4.60 -7.12 -0.97
N LYS B 190 3.70 -6.12 -0.91
CA LYS B 190 3.91 -5.04 0.04
C LYS B 190 3.89 -5.56 1.46
N ALA B 191 2.99 -6.50 1.75
CA ALA B 191 2.94 -7.09 3.09
C ALA B 191 4.15 -7.98 3.35
N SER B 192 4.60 -8.74 2.35
CA SER B 192 5.79 -9.57 2.55
C SER B 192 6.98 -8.70 2.96
N SER B 193 7.18 -7.58 2.25
CA SER B 193 8.34 -6.75 2.53
C SER B 193 8.25 -6.11 3.92
N ALA B 194 7.04 -5.77 4.38
CA ALA B 194 6.95 -5.18 5.71
C ALA B 194 7.29 -6.20 6.81
N LYS B 195 6.87 -7.47 6.65
CA LYS B 195 7.24 -8.52 7.60
C LYS B 195 8.74 -8.73 7.59
N GLN B 196 9.36 -8.77 6.40
CA GLN B 196 10.80 -8.98 6.32
C GLN B 196 11.55 -7.83 6.95
N ARG B 197 11.11 -6.59 6.70
CA ARG B 197 11.78 -5.44 7.31
C ARG B 197 11.77 -5.56 8.83
N LEU B 198 10.70 -6.10 9.41
CA LEU B 198 10.67 -6.25 10.85
C LEU B 198 11.71 -7.26 11.30
N LYS B 199 11.89 -8.33 10.54
CA LYS B 199 12.90 -9.32 10.91
C LYS B 199 14.28 -8.69 10.89
N CYS B 200 14.62 -7.98 9.82
CA CYS B 200 15.95 -7.39 9.72
C CYS B 200 16.14 -6.33 10.80
N ALA B 201 15.08 -5.59 11.13
CA ALA B 201 15.18 -4.61 12.21
C ALA B 201 15.43 -5.28 13.55
N SER B 202 14.71 -6.37 13.83
CA SER B 202 14.94 -7.10 15.08
C SER B 202 16.38 -7.56 15.17
N LEU B 203 16.91 -8.15 14.09
CA LEU B 203 18.32 -8.55 14.09
C LEU B 203 19.23 -7.38 14.35
N GLN B 204 18.93 -6.22 13.75
CA GLN B 204 19.87 -5.10 13.76
C GLN B 204 19.88 -4.35 15.09
N LYS B 205 18.71 -4.05 15.64
CA LYS B 205 18.60 -3.21 16.82
C LYS B 205 18.66 -3.99 18.12
N PHE B 206 18.57 -5.31 18.07
CA PHE B 206 18.42 -6.09 19.28
C PHE B 206 19.20 -7.39 19.32
N GLY B 207 19.75 -7.84 18.20
CA GLY B 207 20.69 -8.94 18.27
C GLY B 207 20.07 -10.28 17.89
N GLU B 208 20.95 -11.22 17.59
CA GLU B 208 20.53 -12.59 17.28
C GLU B 208 19.71 -13.16 18.43
N ARG B 209 20.12 -12.91 19.67
CA ARG B 209 19.40 -13.50 20.80
C ARG B 209 17.94 -13.14 20.76
N ALA B 210 17.63 -11.88 20.43
CA ALA B 210 16.24 -11.44 20.36
C ALA B 210 15.49 -12.16 19.26
N PHE B 211 16.08 -12.21 18.07
CA PHE B 211 15.42 -12.88 16.95
C PHE B 211 15.17 -14.34 17.26
N LYS B 212 16.19 -15.01 17.80
CA LYS B 212 16.05 -16.42 18.14
C LYS B 212 14.86 -16.64 19.06
N ALA B 213 14.62 -15.74 20.01
CA ALA B 213 13.47 -15.89 20.88
C ALA B 213 12.18 -15.84 20.07
N TRP B 214 11.99 -14.77 19.30
CA TRP B 214 10.84 -14.70 18.41
C TRP B 214 10.64 -16.03 17.67
N ALA B 215 11.72 -16.59 17.12
CA ALA B 215 11.61 -17.82 16.34
C ALA B 215 11.10 -18.98 17.19
N VAL B 216 11.68 -19.17 18.38
CA VAL B 216 11.23 -20.22 19.30
C VAL B 216 9.74 -20.07 19.57
N ALA B 217 9.33 -18.86 19.94
CA ALA B 217 7.92 -18.63 20.21
C ALA B 217 7.10 -18.95 18.96
N ARG B 218 7.47 -18.38 17.81
CA ARG B 218 6.62 -18.55 16.65
C ARG B 218 6.58 -20.01 16.21
N LEU B 219 7.71 -20.71 16.23
CA LEU B 219 7.73 -22.09 15.74
C LEU B 219 7.09 -23.07 16.72
N SER B 220 7.15 -22.79 18.03
CA SER B 220 6.47 -23.67 18.98
C SER B 220 4.95 -23.55 18.87
N GLN B 221 4.43 -22.35 18.58
CA GLN B 221 3.02 -22.26 18.24
C GLN B 221 2.69 -23.08 17.01
N ARG B 222 3.58 -23.07 16.02
CA ARG B 222 3.27 -23.69 14.75
C ARG B 222 3.39 -25.21 14.85
N PHE B 223 4.38 -25.71 15.58
CA PHE B 223 4.76 -27.11 15.66
C PHE B 223 4.71 -27.63 17.09
N PRO B 224 3.60 -27.49 17.81
CA PRO B 224 3.62 -27.76 19.27
C PRO B 224 3.87 -29.21 19.60
N LYS B 225 3.79 -30.14 18.63
CA LYS B 225 4.15 -31.51 18.91
C LYS B 225 5.65 -31.76 18.83
N ALA B 226 6.41 -30.85 18.22
CA ALA B 226 7.83 -31.09 18.01
C ALA B 226 8.57 -31.14 19.34
N GLU B 227 9.58 -32.00 19.40
CA GLU B 227 10.46 -31.98 20.55
C GLU B 227 11.20 -30.65 20.61
N PHE B 228 11.56 -30.23 21.83
CA PHE B 228 12.21 -28.94 22.00
C PHE B 228 13.48 -28.86 21.16
N ALA B 229 14.32 -29.90 21.20
CA ALA B 229 15.56 -29.82 20.42
C ALA B 229 15.28 -29.61 18.95
N GLU B 230 14.20 -30.22 18.43
CA GLU B 230 13.85 -30.02 17.04
C GLU B 230 13.48 -28.58 16.77
N VAL B 231 12.64 -27.99 17.62
CA VAL B 231 12.37 -26.57 17.48
C VAL B 231 13.69 -25.79 17.49
N SER B 232 14.60 -26.12 18.41
CA SER B 232 15.88 -25.42 18.48
C SER B 232 16.69 -25.54 17.18
N LYS B 233 16.74 -26.74 16.58
CA LYS B 233 17.44 -26.94 15.31
C LYS B 233 16.84 -26.05 14.21
N LEU B 234 15.50 -26.05 14.11
CA LEU B 234 14.82 -25.21 13.14
C LEU B 234 15.09 -23.74 13.40
N VAL B 235 15.03 -23.31 14.67
CA VAL B 235 15.33 -21.91 14.98
C VAL B 235 16.76 -21.55 14.57
N THR B 236 17.71 -22.43 14.82
CA THR B 236 19.08 -22.11 14.43
C THR B 236 19.19 -22.01 12.91
N ASP B 237 18.61 -22.98 12.19
CA ASP B 237 18.66 -22.93 10.74
C ASP B 237 17.94 -21.71 10.19
N LEU B 238 16.78 -21.39 10.80
CA LEU B 238 15.98 -20.24 10.38
C LEU B 238 16.70 -18.91 10.64
N THR B 239 17.46 -18.83 11.72
CA THR B 239 18.20 -17.60 12.02
C THR B 239 19.36 -17.39 11.05
N LYS B 240 20.04 -18.47 10.63
CA LYS B 240 21.11 -18.28 9.68
C LYS B 240 20.54 -17.80 8.34
N VAL B 241 19.33 -18.27 7.99
CA VAL B 241 18.71 -17.88 6.74
C VAL B 241 18.50 -16.37 6.71
N HIS B 242 17.80 -15.85 7.72
CA HIS B 242 17.46 -14.43 7.73
C HIS B 242 18.67 -13.57 8.01
N THR B 243 19.66 -14.08 8.75
CA THR B 243 20.87 -13.30 8.91
C THR B 243 21.57 -13.11 7.56
N GLU B 244 21.58 -14.16 6.74
CA GLU B 244 22.21 -14.08 5.43
C GLU B 244 21.43 -13.16 4.50
N CYS B 245 20.07 -13.22 4.53
CA CYS B 245 19.41 -12.34 3.56
C CYS B 245 19.43 -10.91 4.08
N CYS B 246 19.23 -10.70 5.38
CA CYS B 246 19.20 -9.32 5.89
C CYS B 246 20.55 -8.64 5.77
N HIS B 247 21.64 -9.39 5.56
CA HIS B 247 22.97 -8.84 5.41
C HIS B 247 23.51 -8.91 3.98
N GLY B 248 22.63 -9.14 3.01
CA GLY B 248 22.96 -9.07 1.60
C GLY B 248 23.40 -10.38 0.95
N ASP B 249 23.54 -11.47 1.72
CA ASP B 249 24.09 -12.71 1.19
C ASP B 249 22.97 -13.55 0.60
N LEU B 250 22.48 -13.07 -0.54
CA LEU B 250 21.25 -13.62 -1.10
C LEU B 250 21.46 -15.03 -1.63
N LEU B 251 22.55 -15.27 -2.37
CA LEU B 251 22.78 -16.60 -2.91
C LEU B 251 22.83 -17.63 -1.78
N GLU B 252 23.57 -17.34 -0.70
CA GLU B 252 23.64 -18.29 0.40
C GLU B 252 22.31 -18.37 1.12
N CYS B 253 21.58 -17.26 1.23
CA CYS B 253 20.37 -17.49 1.99
C CYS B 253 19.33 -18.22 1.17
N ALA B 254 19.28 -17.99 -0.13
CA ALA B 254 18.35 -18.76 -0.94
C ALA B 254 18.71 -20.24 -0.88
N ASP B 255 20.00 -20.55 -1.02
CA ASP B 255 20.41 -21.94 -0.95
C ASP B 255 20.04 -22.54 0.42
N ASP B 256 20.28 -21.81 1.50
CA ASP B 256 20.02 -22.36 2.80
C ASP B 256 18.53 -22.44 3.10
N ARG B 257 17.71 -21.60 2.46
CA ARG B 257 16.28 -21.74 2.66
C ARG B 257 15.78 -23.01 2.01
N ALA B 258 16.32 -23.35 0.84
CA ALA B 258 16.00 -24.63 0.20
C ALA B 258 16.38 -25.78 1.11
N ASP B 259 17.64 -25.81 1.55
CA ASP B 259 18.07 -26.89 2.44
C ASP B 259 17.11 -27.07 3.60
N LEU B 260 16.57 -25.95 4.11
CA LEU B 260 15.72 -25.99 5.29
C LEU B 260 14.37 -26.60 4.98
N ALA B 261 13.76 -26.18 3.87
CA ALA B 261 12.52 -26.83 3.43
C ALA B 261 12.75 -28.31 3.23
N LYS B 262 13.83 -28.66 2.52
CA LYS B 262 14.15 -30.07 2.33
C LYS B 262 14.21 -30.79 3.66
N TYR B 263 14.91 -30.21 4.63
CA TYR B 263 14.98 -30.83 5.94
C TYR B 263 13.58 -31.02 6.52
N ILE B 264 12.74 -29.99 6.48
CA ILE B 264 11.44 -30.09 7.13
C ILE B 264 10.60 -31.20 6.50
N CYS B 265 10.51 -31.22 5.17
CA CYS B 265 9.68 -32.24 4.55
C CYS B 265 10.21 -33.64 4.81
N GLU B 266 11.54 -33.80 4.84
CA GLU B 266 12.10 -35.10 5.16
C GLU B 266 11.82 -35.52 6.60
N ASN B 267 11.45 -34.59 7.49
CA ASN B 267 11.21 -34.89 8.89
C ASN B 267 9.82 -34.46 9.34
N GLN B 268 8.81 -34.63 8.48
CA GLN B 268 7.45 -34.26 8.82
C GLN B 268 6.99 -34.92 10.11
N ASP B 269 7.27 -36.22 10.23
CA ASP B 269 6.75 -36.99 11.37
C ASP B 269 7.23 -36.40 12.69
N SER B 270 8.43 -35.85 12.71
CA SER B 270 8.98 -35.21 13.89
C SER B 270 8.57 -33.74 14.04
N ILE B 271 7.71 -33.21 13.16
CA ILE B 271 7.49 -31.76 13.18
C ILE B 271 6.03 -31.34 13.16
N SER B 272 5.29 -31.73 12.14
CA SER B 272 3.89 -31.30 12.07
C SER B 272 3.10 -32.25 11.21
N SER B 273 1.80 -32.31 11.45
CA SER B 273 0.92 -33.11 10.63
C SER B 273 0.33 -32.30 9.49
N LYS B 274 0.64 -31.03 9.43
CA LYS B 274 -0.03 -30.13 8.51
C LYS B 274 0.83 -29.81 7.30
N LEU B 275 1.99 -30.45 7.17
CA LEU B 275 2.93 -30.20 6.09
C LEU B 275 2.75 -31.08 4.85
N LYS B 276 1.78 -31.99 4.81
CA LYS B 276 1.79 -33.00 3.75
C LYS B 276 1.61 -32.37 2.37
N GLU B 277 0.68 -31.42 2.22
CA GLU B 277 0.49 -30.79 0.91
C GLU B 277 1.63 -29.85 0.58
N CYS B 278 2.12 -29.11 1.58
CA CYS B 278 3.26 -28.24 1.34
C CYS B 278 4.40 -29.00 0.69
N CYS B 279 4.70 -30.18 1.23
CA CYS B 279 5.94 -30.87 0.87
C CYS B 279 5.83 -31.57 -0.47
N GLU B 280 4.62 -31.65 -1.04
CA GLU B 280 4.48 -32.16 -2.39
C GLU B 280 4.51 -31.04 -3.43
N LYS B 281 4.66 -29.79 -3.03
CA LYS B 281 4.71 -28.71 -4.01
C LYS B 281 6.12 -28.55 -4.58
N PRO B 282 6.26 -27.86 -5.70
CA PRO B 282 7.61 -27.62 -6.25
C PRO B 282 8.38 -26.60 -5.43
N LEU B 283 9.66 -26.38 -5.77
CA LEU B 283 10.64 -25.79 -4.86
C LEU B 283 10.20 -24.45 -4.25
N LEU B 284 9.82 -23.49 -5.10
CA LEU B 284 9.54 -22.17 -4.54
C LEU B 284 8.21 -22.14 -3.78
N GLU B 285 7.22 -22.89 -4.28
CA GLU B 285 5.95 -23.00 -3.58
C GLU B 285 6.11 -23.76 -2.28
N LYS B 286 7.00 -24.76 -2.26
CA LYS B 286 7.22 -25.53 -1.04
C LYS B 286 7.62 -24.61 0.11
N SER B 287 8.64 -23.79 -0.08
CA SER B 287 9.09 -22.90 0.99
C SER B 287 8.00 -21.89 1.34
N HIS B 288 7.26 -21.42 0.36
CA HIS B 288 6.21 -20.44 0.65
C HIS B 288 5.11 -21.08 1.47
N CYS B 289 4.63 -22.26 1.04
CA CYS B 289 3.57 -22.97 1.75
C CYS B 289 3.96 -23.22 3.20
N ILE B 290 5.17 -23.72 3.43
CA ILE B 290 5.61 -24.09 4.77
C ILE B 290 5.53 -22.91 5.72
N ALA B 291 5.93 -21.71 5.27
CA ALA B 291 5.97 -20.61 6.21
C ALA B 291 4.60 -20.01 6.50
N GLU B 292 3.57 -20.46 5.78
CA GLU B 292 2.19 -19.99 5.91
C GLU B 292 1.28 -21.03 6.56
N VAL B 293 1.83 -22.15 7.03
CA VAL B 293 1.03 -23.33 7.35
C VAL B 293 0.27 -23.14 8.65
N GLU B 294 -0.88 -23.81 8.75
CA GLU B 294 -1.72 -23.68 9.94
C GLU B 294 -1.00 -24.27 11.14
N ASN B 295 -1.30 -23.74 12.33
CA ASN B 295 -0.76 -24.34 13.54
C ASN B 295 -1.21 -25.78 13.65
N ASP B 296 -0.29 -26.65 14.07
CA ASP B 296 -0.66 -28.03 14.31
C ASP B 296 -1.60 -28.12 15.51
N GLU B 297 -2.28 -29.26 15.60
CA GLU B 297 -3.03 -29.51 16.82
C GLU B 297 -2.08 -29.58 17.98
N MET B 298 -2.51 -29.06 19.12
CA MET B 298 -1.62 -29.17 20.26
C MET B 298 -1.74 -30.58 20.84
N PRO B 299 -0.65 -31.13 21.35
CA PRO B 299 -0.70 -32.48 21.91
C PRO B 299 -1.68 -32.54 23.07
N ALA B 300 -2.07 -33.78 23.39
CA ALA B 300 -3.25 -34.07 24.19
C ALA B 300 -3.25 -33.42 25.57
N ASP B 301 -2.48 -33.96 26.51
CA ASP B 301 -2.77 -33.61 27.91
C ASP B 301 -1.62 -32.87 28.56
N LEU B 302 -1.23 -31.74 28.03
CA LEU B 302 0.01 -31.11 28.47
C LEU B 302 -0.11 -30.70 29.92
N PRO B 303 0.81 -31.11 30.78
CA PRO B 303 0.75 -30.66 32.17
C PRO B 303 1.05 -29.18 32.27
N SER B 304 0.45 -28.57 33.28
CA SER B 304 0.70 -27.18 33.59
C SER B 304 2.17 -26.92 33.89
N LEU B 305 2.62 -25.69 33.62
CA LEU B 305 4.00 -25.27 33.87
C LEU B 305 4.29 -24.91 35.33
N ALA B 306 3.26 -24.72 36.16
CA ALA B 306 3.51 -24.11 37.46
C ALA B 306 4.52 -24.91 38.29
N ALA B 307 4.47 -26.23 38.21
CA ALA B 307 5.36 -27.03 39.03
C ALA B 307 6.83 -26.78 38.68
N ASP B 308 7.18 -26.90 37.40
CA ASP B 308 8.58 -26.84 37.01
C ASP B 308 9.14 -25.41 37.01
N PHE B 309 8.33 -24.40 36.71
CA PHE B 309 8.89 -23.07 36.49
C PHE B 309 8.54 -22.04 37.56
N VAL B 310 7.70 -22.34 38.54
CA VAL B 310 7.47 -21.30 39.54
C VAL B 310 7.43 -21.86 40.95
N GLU B 311 6.90 -23.08 41.12
CA GLU B 311 6.65 -23.64 42.46
C GLU B 311 7.74 -24.58 42.97
N SER B 312 8.53 -25.18 42.08
CA SER B 312 9.69 -25.96 42.50
C SER B 312 10.65 -25.10 43.33
N LYS B 313 11.29 -25.72 44.33
CA LYS B 313 12.34 -24.97 45.02
C LYS B 313 13.65 -24.95 44.26
N ASP B 314 13.80 -25.77 43.23
CA ASP B 314 15.07 -25.88 42.50
C ASP B 314 15.08 -25.06 41.23
N VAL B 315 14.09 -24.18 41.03
CA VAL B 315 14.03 -23.42 39.78
C VAL B 315 15.34 -22.72 39.56
N CYS B 316 15.89 -22.19 40.64
CA CYS B 316 17.03 -21.32 40.52
C CYS B 316 18.32 -22.07 40.19
N LYS B 317 18.56 -23.23 40.80
CA LYS B 317 19.72 -24.04 40.41
C LYS B 317 19.61 -24.46 38.95
N ASN B 318 18.43 -24.87 38.51
CA ASN B 318 18.30 -25.35 37.14
C ASN B 318 18.43 -24.21 36.13
N TYR B 319 18.00 -23.01 36.49
CA TYR B 319 18.16 -21.87 35.59
C TYR B 319 19.64 -21.57 35.37
N ALA B 320 20.42 -21.62 36.46
CA ALA B 320 21.81 -21.18 36.40
C ALA B 320 22.70 -22.13 35.58
N GLU B 321 22.33 -23.40 35.46
CA GLU B 321 23.15 -24.34 34.70
C GLU B 321 23.18 -24.02 33.22
N ALA B 322 22.12 -23.42 32.72
CA ALA B 322 22.01 -23.15 31.30
C ALA B 322 20.88 -22.18 31.07
N LYS B 323 21.14 -20.90 31.33
CA LYS B 323 20.07 -19.91 31.32
C LYS B 323 19.35 -19.89 30.01
N ASP B 324 20.07 -19.77 28.89
CA ASP B 324 19.39 -19.64 27.60
C ASP B 324 18.57 -20.89 27.29
N VAL B 325 18.99 -22.05 27.78
CA VAL B 325 18.23 -23.26 27.53
C VAL B 325 16.99 -23.27 28.42
N PHE B 326 17.16 -22.88 29.67
CA PHE B 326 16.04 -22.83 30.61
C PHE B 326 14.98 -21.83 30.15
N LEU B 327 15.38 -20.63 29.67
CA LEU B 327 14.38 -19.68 29.18
C LEU B 327 13.73 -20.18 27.89
N GLY B 328 14.53 -20.74 26.97
CA GLY B 328 13.97 -21.32 25.75
C GLY B 328 12.94 -22.40 26.02
N MET B 329 13.24 -23.32 26.95
CA MET B 329 12.23 -24.28 27.37
C MET B 329 10.99 -23.57 27.86
N PHE B 330 11.18 -22.58 28.73
CA PHE B 330 10.02 -21.89 29.27
C PHE B 330 9.21 -21.29 28.14
N LEU B 331 9.87 -20.57 27.23
CA LEU B 331 9.15 -20.00 26.10
C LEU B 331 8.50 -21.08 25.24
N TYR B 332 9.25 -22.13 24.93
CA TYR B 332 8.70 -23.22 24.12
C TYR B 332 7.46 -23.82 24.77
N GLU B 333 7.51 -24.07 26.09
CA GLU B 333 6.35 -24.66 26.77
C GLU B 333 5.17 -23.70 26.79
N TYR B 334 5.45 -22.42 27.04
CA TYR B 334 4.33 -21.50 27.11
C TYR B 334 3.72 -21.31 25.74
N ALA B 335 4.56 -21.13 24.71
CA ALA B 335 4.07 -20.87 23.37
C ALA B 335 3.22 -22.01 22.82
N ARG B 336 3.71 -23.25 22.90
CA ARG B 336 2.96 -24.34 22.29
C ARG B 336 1.61 -24.54 22.93
N ARG B 337 1.41 -24.06 24.15
CA ARG B 337 0.09 -24.17 24.75
C ARG B 337 -0.81 -23.00 24.42
N HIS B 338 -0.31 -21.97 23.74
CA HIS B 338 -1.07 -20.72 23.58
C HIS B 338 -0.99 -20.20 22.15
N PRO B 339 -1.57 -20.93 21.20
CA PRO B 339 -1.71 -20.35 19.85
C PRO B 339 -2.59 -19.11 19.85
N ASP B 340 -3.46 -18.95 20.85
CA ASP B 340 -4.32 -17.78 20.97
C ASP B 340 -3.58 -16.54 21.46
N TYR B 341 -2.30 -16.64 21.82
CA TYR B 341 -1.55 -15.49 22.24
C TYR B 341 -0.77 -14.93 21.05
N SER B 342 -0.62 -13.61 21.01
CA SER B 342 0.27 -13.03 20.03
C SER B 342 1.69 -13.46 20.37
N VAL B 343 2.55 -13.52 19.34
CA VAL B 343 3.94 -13.89 19.59
C VAL B 343 4.61 -12.84 20.49
N VAL B 344 4.37 -11.58 20.20
CA VAL B 344 5.06 -10.54 20.96
C VAL B 344 4.60 -10.55 22.42
N LEU B 345 3.38 -10.99 22.71
CA LEU B 345 2.98 -11.14 24.10
C LEU B 345 3.73 -12.29 24.77
N LEU B 346 3.93 -13.40 24.04
CA LEU B 346 4.72 -14.51 24.56
C LEU B 346 6.12 -14.06 24.89
N LEU B 347 6.71 -13.26 24.00
CA LEU B 347 8.01 -12.67 24.25
C LEU B 347 7.98 -11.76 25.47
N ARG B 348 6.91 -10.96 25.59
CA ARG B 348 6.75 -10.09 26.75
C ARG B 348 6.69 -10.92 28.02
N LEU B 349 5.99 -12.06 27.97
CA LEU B 349 5.85 -12.87 29.17
C LEU B 349 7.19 -13.48 29.54
N ALA B 350 7.92 -14.01 28.54
CA ALA B 350 9.21 -14.60 28.82
C ALA B 350 10.19 -13.56 29.31
N LYS B 351 10.15 -12.34 28.76
CA LYS B 351 10.99 -11.27 29.30
C LYS B 351 10.63 -10.97 30.76
N THR B 352 9.34 -11.00 31.10
CA THR B 352 8.99 -10.82 32.50
C THR B 352 9.56 -11.94 33.36
N TYR B 353 9.48 -13.17 32.87
CA TYR B 353 10.02 -14.31 33.61
C TYR B 353 11.51 -14.17 33.85
N GLU B 354 12.28 -13.91 32.79
CA GLU B 354 13.71 -13.71 32.96
C GLU B 354 13.97 -12.62 34.01
N THR B 355 13.29 -11.48 33.91
CA THR B 355 13.54 -10.38 34.82
C THR B 355 13.35 -10.80 36.27
N THR B 356 12.26 -11.51 36.57
CA THR B 356 12.08 -11.93 37.96
C THR B 356 13.11 -12.98 38.36
N LEU B 357 13.44 -13.89 37.46
CA LEU B 357 14.40 -14.92 37.82
C LEU B 357 15.74 -14.30 38.22
N GLU B 358 16.23 -13.35 37.41
CA GLU B 358 17.47 -12.63 37.75
C GLU B 358 17.35 -11.89 39.09
N LYS B 359 16.24 -11.17 39.29
CA LYS B 359 16.06 -10.43 40.54
C LYS B 359 15.87 -11.38 41.72
N CYS B 360 15.02 -12.39 41.56
CA CYS B 360 14.61 -13.18 42.71
C CYS B 360 15.68 -14.15 43.14
N CYS B 361 16.42 -14.67 42.19
CA CYS B 361 17.46 -15.63 42.52
C CYS B 361 18.67 -14.99 43.18
N ALA B 362 18.77 -13.67 43.13
CA ALA B 362 19.80 -12.94 43.86
C ALA B 362 19.37 -12.57 45.28
N ALA B 363 18.10 -12.78 45.63
CA ALA B 363 17.58 -12.35 46.91
C ALA B 363 17.70 -13.46 47.95
N ALA B 364 17.23 -13.15 49.16
CA ALA B 364 17.46 -13.96 50.35
C ALA B 364 16.69 -15.27 50.31
N ASP B 365 15.37 -15.20 50.07
CA ASP B 365 14.50 -16.37 50.00
C ASP B 365 13.96 -16.45 48.59
N PRO B 366 14.65 -17.14 47.67
CA PRO B 366 14.24 -17.05 46.25
C PRO B 366 12.90 -17.70 45.96
N HIS B 367 12.57 -18.82 46.62
CA HIS B 367 11.34 -19.52 46.27
C HIS B 367 10.10 -18.68 46.59
N GLU B 368 10.10 -17.97 47.72
CA GLU B 368 8.95 -17.14 48.09
C GLU B 368 8.84 -15.87 47.24
N CYS B 369 9.91 -15.47 46.56
CA CYS B 369 9.94 -14.27 45.74
C CYS B 369 9.46 -14.51 44.31
N TYR B 370 9.80 -15.64 43.69
CA TYR B 370 9.33 -15.89 42.33
C TYR B 370 8.01 -16.65 42.27
N ALA B 371 7.46 -17.06 43.41
CA ALA B 371 6.17 -17.75 43.42
C ALA B 371 5.06 -16.94 42.77
N LYS B 372 5.20 -15.62 42.69
CA LYS B 372 4.12 -14.78 42.22
C LYS B 372 4.21 -14.37 40.74
N VAL B 373 5.12 -14.97 39.95
CA VAL B 373 5.33 -14.41 38.60
C VAL B 373 4.12 -14.63 37.72
N PHE B 374 3.32 -15.66 37.99
CA PHE B 374 2.14 -15.83 37.15
C PHE B 374 1.12 -14.76 37.47
N ASP B 375 1.15 -14.22 38.69
CA ASP B 375 0.31 -13.07 38.99
C ASP B 375 0.72 -11.86 38.18
N GLU B 376 2.00 -11.75 37.84
CA GLU B 376 2.42 -10.67 36.95
C GLU B 376 1.97 -10.87 35.50
N PHE B 377 1.62 -12.11 35.09
CA PHE B 377 1.25 -12.34 33.70
C PHE B 377 -0.19 -11.92 33.40
N LYS B 378 -1.11 -12.11 34.34
CA LYS B 378 -2.51 -11.81 34.08
C LYS B 378 -2.70 -10.42 33.52
N PRO B 379 -2.17 -9.35 34.12
CA PRO B 379 -2.33 -8.01 33.54
C PRO B 379 -1.79 -7.90 32.14
N LEU B 380 -0.61 -8.47 31.88
CA LEU B 380 -0.01 -8.42 30.54
C LEU B 380 -0.83 -9.21 29.51
N VAL B 381 -1.66 -10.14 29.95
CA VAL B 381 -2.50 -10.85 29.00
C VAL B 381 -3.79 -10.08 28.72
N GLU B 382 -4.40 -9.49 29.76
CA GLU B 382 -5.65 -8.79 29.56
C GLU B 382 -5.45 -7.46 28.82
N GLU B 383 -4.30 -6.82 29.00
CA GLU B 383 -4.12 -5.52 28.35
C GLU B 383 -4.38 -5.60 26.86
N PRO B 384 -3.74 -6.49 26.11
CA PRO B 384 -4.02 -6.56 24.68
C PRO B 384 -5.41 -7.11 24.37
N GLN B 385 -5.87 -8.13 25.10
CA GLN B 385 -7.19 -8.67 24.82
C GLN B 385 -8.26 -7.58 24.91
N ASN B 386 -8.13 -6.67 25.88
CA ASN B 386 -9.13 -5.62 26.05
C ASN B 386 -8.95 -4.49 25.05
N LEU B 387 -7.70 -4.18 24.66
CA LEU B 387 -7.48 -3.23 23.56
C LEU B 387 -8.13 -3.73 22.28
N ILE B 388 -7.87 -4.98 21.93
CA ILE B 388 -8.46 -5.57 20.73
C ILE B 388 -9.98 -5.56 20.84
N LYS B 389 -10.51 -6.00 21.98
CA LYS B 389 -11.96 -6.06 22.11
C LYS B 389 -12.58 -4.67 21.93
N GLN B 390 -12.01 -3.65 22.59
CA GLN B 390 -12.56 -2.31 22.45
C GLN B 390 -12.36 -1.77 21.05
N ASN B 391 -11.17 -1.97 20.46
CA ASN B 391 -10.96 -1.38 19.14
C ASN B 391 -11.72 -2.14 18.07
N CYS B 392 -11.98 -3.41 18.31
CA CYS B 392 -12.75 -4.20 17.37
C CYS B 392 -14.25 -3.88 17.43
N GLU B 393 -14.80 -3.55 18.60
CA GLU B 393 -16.16 -3.03 18.66
C GLU B 393 -16.28 -1.70 17.93
N LEU B 394 -15.28 -0.82 18.11
CA LEU B 394 -15.24 0.44 17.38
C LEU B 394 -15.29 0.21 15.87
N PHE B 395 -14.49 -0.74 15.37
CA PHE B 395 -14.49 -1.02 13.94
C PHE B 395 -15.86 -1.52 13.46
N GLU B 396 -16.56 -2.29 14.29
CA GLU B 396 -17.87 -2.81 13.92
C GLU B 396 -18.87 -1.68 13.71
N GLN B 397 -18.67 -0.53 14.34
CA GLN B 397 -19.57 0.61 14.19
C GLN B 397 -19.17 1.60 13.10
N LEU B 398 -17.97 1.51 12.54
CA LEU B 398 -17.50 2.57 11.66
C LEU B 398 -17.11 2.15 10.24
N GLY B 399 -16.64 0.93 10.01
CA GLY B 399 -16.09 0.56 8.72
C GLY B 399 -14.63 0.94 8.56
N GLU B 400 -13.98 0.39 7.51
CA GLU B 400 -12.53 0.59 7.36
C GLU B 400 -12.20 2.07 7.29
N TYR B 401 -12.91 2.82 6.42
CA TYR B 401 -12.60 4.23 6.22
C TYR B 401 -12.80 5.03 7.50
N LYS B 402 -14.04 5.05 8.00
CA LYS B 402 -14.32 5.84 9.20
C LYS B 402 -13.58 5.31 10.41
N PHE B 403 -13.18 4.03 10.40
CA PHE B 403 -12.31 3.51 11.45
C PHE B 403 -10.88 4.02 11.31
N GLN B 404 -10.36 4.07 10.09
CA GLN B 404 -9.05 4.68 9.85
C GLN B 404 -9.03 6.11 10.36
N ASN B 405 -10.10 6.87 10.09
CA ASN B 405 -10.18 8.24 10.56
C ASN B 405 -10.17 8.30 12.08
N ALA B 406 -10.83 7.36 12.74
CA ALA B 406 -10.81 7.36 14.19
C ALA B 406 -9.40 7.21 14.73
N LEU B 407 -8.63 6.27 14.16
CA LEU B 407 -7.24 6.09 14.57
C LEU B 407 -6.39 7.30 14.22
N LEU B 408 -6.76 8.01 13.15
CA LEU B 408 -6.00 9.17 12.68
C LEU B 408 -5.90 10.28 13.74
N VAL B 409 -7.04 10.75 14.27
CA VAL B 409 -6.95 11.75 15.33
C VAL B 409 -6.27 11.15 16.56
N ARG B 410 -6.61 9.91 16.91
CA ARG B 410 -6.01 9.30 18.09
C ARG B 410 -4.49 9.33 18.01
N TYR B 411 -3.92 8.84 16.91
CA TYR B 411 -2.46 8.75 16.83
C TYR B 411 -1.81 10.08 16.49
N THR B 412 -2.50 10.96 15.76
CA THR B 412 -1.94 12.28 15.47
C THR B 412 -1.75 13.10 16.75
N LYS B 413 -2.68 12.98 17.70
CA LYS B 413 -2.61 13.67 18.99
C LYS B 413 -1.58 13.05 19.93
N LYS B 414 -1.19 11.80 19.72
CA LYS B 414 -0.13 11.21 20.53
C LYS B 414 1.23 11.80 20.13
N VAL B 415 1.45 11.96 18.82
CA VAL B 415 2.75 12.37 18.30
C VAL B 415 2.52 13.40 17.21
N PRO B 416 1.98 14.58 17.54
CA PRO B 416 1.69 15.57 16.48
C PRO B 416 2.92 16.00 15.71
N GLN B 417 4.13 15.76 16.22
CA GLN B 417 5.33 16.28 15.56
C GLN B 417 5.65 15.56 14.26
N VAL B 418 5.16 14.34 14.05
CA VAL B 418 5.53 13.61 12.84
C VAL B 418 4.80 14.20 11.64
N SER B 419 5.46 14.15 10.49
CA SER B 419 4.90 14.74 9.28
C SER B 419 3.53 14.13 8.98
N THR B 420 2.69 14.91 8.32
CA THR B 420 1.37 14.43 7.95
C THR B 420 1.43 13.19 7.07
N PRO B 421 2.23 13.13 5.99
CA PRO B 421 2.19 11.93 5.13
C PRO B 421 2.42 10.62 5.88
N THR B 422 3.42 10.55 6.77
CA THR B 422 3.66 9.33 7.53
C THR B 422 2.46 9.02 8.43
N LEU B 423 1.86 10.03 9.04
CA LEU B 423 0.66 9.81 9.84
C LEU B 423 -0.44 9.16 9.01
N VAL B 424 -0.58 9.56 7.74
CA VAL B 424 -1.61 8.98 6.90
C VAL B 424 -1.35 7.50 6.61
N GLU B 425 -0.09 7.13 6.34
CA GLU B 425 0.17 5.74 5.94
C GLU B 425 -0.03 4.77 7.10
N VAL B 426 0.50 5.08 8.29
CA VAL B 426 0.26 4.22 9.44
C VAL B 426 -1.22 4.18 9.78
N SER B 427 -1.86 5.35 9.89
CA SER B 427 -3.27 5.37 10.28
C SER B 427 -4.12 4.52 9.35
N ARG B 428 -3.88 4.59 8.05
CA ARG B 428 -4.61 3.73 7.12
C ARG B 428 -4.23 2.26 7.32
N ASN B 429 -2.94 1.96 7.46
CA ASN B 429 -2.56 0.58 7.69
C ASN B 429 -3.01 0.09 9.06
N LEU B 430 -2.85 0.91 10.10
CA LEU B 430 -3.40 0.53 11.40
C LEU B 430 -4.85 0.13 11.28
N GLY B 431 -5.61 0.85 10.45
CA GLY B 431 -7.03 0.55 10.26
C GLY B 431 -7.28 -0.71 9.45
N LYS B 432 -6.29 -1.18 8.69
CA LYS B 432 -6.53 -2.41 7.96
C LYS B 432 -6.57 -3.60 8.90
N VAL B 433 -6.20 -3.39 10.17
CA VAL B 433 -6.36 -4.43 11.17
C VAL B 433 -7.81 -4.87 11.26
N GLY B 434 -8.73 -3.90 11.12
CA GLY B 434 -10.15 -4.17 11.20
C GLY B 434 -10.57 -5.25 10.25
N SER B 435 -10.55 -4.94 8.94
CA SER B 435 -10.89 -5.94 7.94
C SER B 435 -10.07 -7.21 8.13
N LYS B 436 -8.79 -7.07 8.45
CA LYS B 436 -7.89 -8.21 8.49
C LYS B 436 -8.19 -9.15 9.66
N CYS B 437 -8.45 -8.61 10.86
CA CYS B 437 -8.43 -9.45 12.05
C CYS B 437 -9.75 -9.52 12.80
N CYS B 438 -10.59 -8.51 12.71
CA CYS B 438 -11.75 -8.46 13.56
C CYS B 438 -12.83 -9.48 13.19
N LYS B 439 -12.76 -10.09 12.01
CA LYS B 439 -13.68 -11.17 11.68
C LYS B 439 -13.36 -12.46 12.45
N HIS B 440 -12.08 -12.81 12.62
CA HIS B 440 -11.77 -14.09 13.26
C HIS B 440 -12.37 -14.18 14.66
N PRO B 441 -12.55 -15.39 15.16
CA PRO B 441 -13.01 -15.57 16.56
C PRO B 441 -11.94 -15.18 17.58
N GLU B 442 -12.38 -14.88 18.80
CA GLU B 442 -11.45 -14.36 19.81
C GLU B 442 -10.23 -15.26 19.98
N ALA B 443 -10.39 -16.57 19.78
CA ALA B 443 -9.27 -17.48 19.91
C ALA B 443 -8.18 -17.23 18.88
N LYS B 444 -8.43 -16.38 17.88
CA LYS B 444 -7.44 -16.02 16.89
C LYS B 444 -7.25 -14.52 16.70
N ARG B 445 -8.02 -13.67 17.39
CA ARG B 445 -7.89 -12.23 17.16
C ARG B 445 -6.50 -11.74 17.56
N MET B 446 -6.02 -12.11 18.76
CA MET B 446 -4.81 -11.47 19.27
C MET B 446 -3.56 -11.75 18.45
N PRO B 447 -3.25 -12.99 18.08
CA PRO B 447 -2.08 -13.19 17.21
C PRO B 447 -2.21 -12.47 15.87
N CYS B 448 -3.37 -12.54 15.21
CA CYS B 448 -3.57 -11.79 13.98
C CYS B 448 -3.23 -10.32 14.16
N ALA B 449 -3.87 -9.66 15.13
CA ALA B 449 -3.82 -8.20 15.20
C ALA B 449 -2.49 -7.68 15.78
N GLU B 450 -2.07 -8.19 16.93
CA GLU B 450 -0.92 -7.54 17.55
C GLU B 450 0.36 -7.81 16.76
N ASP B 451 0.43 -8.99 16.12
CA ASP B 451 1.58 -9.30 15.28
C ASP B 451 1.58 -8.42 14.04
N TYR B 452 0.41 -8.20 13.45
CA TYR B 452 0.29 -7.23 12.36
C TYR B 452 0.63 -5.82 12.85
N LEU B 453 0.13 -5.42 14.02
CA LEU B 453 0.43 -4.10 14.55
C LEU B 453 1.94 -3.89 14.71
N SER B 454 2.66 -4.96 15.04
CA SER B 454 4.10 -4.85 15.14
C SER B 454 4.73 -4.39 13.82
N VAL B 455 4.27 -4.96 12.70
CA VAL B 455 4.80 -4.59 11.39
C VAL B 455 4.53 -3.14 11.08
N VAL B 456 3.28 -2.71 11.25
CA VAL B 456 2.92 -1.33 10.97
C VAL B 456 3.75 -0.39 11.83
N LEU B 457 3.78 -0.62 13.14
CA LEU B 457 4.56 0.26 13.98
C LEU B 457 6.03 0.28 13.58
N ASN B 458 6.59 -0.88 13.22
CA ASN B 458 7.99 -0.91 12.80
C ASN B 458 8.20 -0.11 11.52
N GLN B 459 7.21 -0.09 10.62
CA GLN B 459 7.33 0.78 9.47
C GLN B 459 7.40 2.24 9.91
N LEU B 460 6.59 2.61 10.89
CA LEU B 460 6.65 3.96 11.44
C LEU B 460 8.06 4.28 11.93
N CYS B 461 8.61 3.36 12.74
CA CYS B 461 9.96 3.55 13.30
C CYS B 461 11.03 3.65 12.22
N VAL B 462 10.95 2.80 11.18
CA VAL B 462 11.97 2.86 10.14
C VAL B 462 11.87 4.18 9.39
N LEU B 463 10.64 4.57 9.02
CA LEU B 463 10.39 5.86 8.35
C LEU B 463 10.84 7.03 9.23
N HIS B 464 10.45 7.02 10.51
CA HIS B 464 10.76 8.16 11.36
C HIS B 464 12.24 8.27 11.64
N GLU B 465 12.91 7.13 11.87
CA GLU B 465 14.33 7.12 12.21
C GLU B 465 15.19 7.82 11.16
N LYS B 466 14.75 7.81 9.89
CA LYS B 466 15.49 8.45 8.81
C LYS B 466 15.61 9.96 9.02
N THR B 467 14.50 10.61 9.34
CA THR B 467 14.47 12.05 9.61
C THR B 467 13.58 12.26 10.83
N PRO B 468 14.18 12.22 12.02
CA PRO B 468 13.39 12.22 13.27
C PRO B 468 12.90 13.61 13.66
N VAL B 469 11.68 13.63 14.23
CA VAL B 469 11.01 14.89 14.58
C VAL B 469 10.26 14.76 15.91
N SER B 470 9.99 13.54 16.36
CA SER B 470 9.20 13.31 17.57
C SER B 470 10.00 12.46 18.56
N ASP B 471 10.44 13.06 19.67
CA ASP B 471 11.18 12.29 20.67
C ASP B 471 10.35 11.14 21.24
N ARG B 472 9.03 11.32 21.35
CA ARG B 472 8.20 10.24 21.90
C ARG B 472 8.20 9.04 20.96
N VAL B 473 8.10 9.28 19.65
CA VAL B 473 8.22 8.20 18.69
C VAL B 473 9.60 7.55 18.80
N THR B 474 10.64 8.38 18.93
CA THR B 474 11.98 7.82 19.02
C THR B 474 12.10 6.90 20.22
N LYS B 475 11.52 7.32 21.36
CA LYS B 475 11.60 6.50 22.57
C LYS B 475 10.85 5.18 22.43
N CYS B 476 9.62 5.22 21.89
CA CYS B 476 8.88 3.97 21.79
C CYS B 476 9.56 2.99 20.86
N CYS B 477 10.28 3.47 19.85
CA CYS B 477 10.86 2.56 18.88
C CYS B 477 12.12 1.90 19.39
N THR B 478 12.90 2.60 20.20
CA THR B 478 14.23 2.14 20.60
C THR B 478 14.23 1.38 21.90
N GLU B 479 13.21 1.57 22.74
CA GLU B 479 13.30 1.16 24.14
C GLU B 479 13.06 -0.34 24.32
N SER B 480 12.32 -0.96 23.41
CA SER B 480 11.92 -2.35 23.56
C SER B 480 11.14 -2.76 22.34
N LEU B 481 11.70 -3.66 21.54
CA LEU B 481 11.02 -4.19 20.37
C LEU B 481 9.64 -4.78 20.72
N VAL B 482 9.60 -5.68 21.72
CA VAL B 482 8.37 -6.39 22.06
C VAL B 482 7.32 -5.49 22.70
N ASN B 483 7.70 -4.38 23.33
CA ASN B 483 6.74 -3.55 24.06
C ASN B 483 6.33 -2.31 23.25
N ARG B 484 6.70 -2.25 21.97
CA ARG B 484 6.39 -1.08 21.15
C ARG B 484 4.89 -0.83 21.12
N ARG B 485 4.09 -1.85 20.81
CA ARG B 485 2.67 -1.57 20.69
C ARG B 485 2.08 -1.02 21.99
N PRO B 486 2.33 -1.62 23.16
CA PRO B 486 1.85 -0.98 24.41
C PRO B 486 2.43 0.40 24.65
N CYS B 487 3.72 0.59 24.37
CA CYS B 487 4.31 1.91 24.56
C CYS B 487 3.54 2.99 23.79
N PHE B 488 3.13 2.70 22.55
CA PHE B 488 2.36 3.67 21.77
C PHE B 488 0.95 3.83 22.32
N SER B 489 0.27 2.71 22.55
CA SER B 489 -1.07 2.78 23.10
C SER B 489 -1.10 3.57 24.41
N ALA B 490 -0.04 3.44 25.21
CA ALA B 490 0.00 4.10 26.51
C ALA B 490 0.22 5.60 26.39
N LEU B 491 0.69 6.08 25.22
CA LEU B 491 0.95 7.50 25.08
C LEU B 491 -0.33 8.29 25.29
N GLU B 492 -0.23 9.34 26.11
CA GLU B 492 -1.30 10.29 26.29
C GLU B 492 -1.21 11.38 25.23
N VAL B 493 -2.24 12.22 25.18
CA VAL B 493 -2.19 13.38 24.29
C VAL B 493 -0.97 14.20 24.62
N ASP B 494 -0.30 14.71 23.58
CA ASP B 494 0.92 15.49 23.81
C ASP B 494 0.51 16.90 24.18
N GLU B 495 0.51 17.19 25.48
CA GLU B 495 0.07 18.49 26.01
C GLU B 495 1.17 19.53 25.99
N THR B 496 2.41 19.14 25.69
CA THR B 496 3.53 20.05 25.50
C THR B 496 3.55 20.68 24.11
N TYR B 497 2.67 20.20 23.21
CA TYR B 497 2.72 20.54 21.80
C TYR B 497 2.18 21.93 21.52
N VAL B 498 2.96 22.72 20.76
CA VAL B 498 2.55 24.07 20.36
C VAL B 498 1.72 23.96 19.09
N PRO B 499 0.44 24.34 19.11
CA PRO B 499 -0.42 24.16 17.93
C PRO B 499 0.06 24.79 16.63
N LYS B 500 -0.31 24.15 15.52
CA LYS B 500 -0.11 24.73 14.20
C LYS B 500 -1.05 25.92 14.05
N GLU B 501 -0.54 27.03 13.53
CA GLU B 501 -1.37 28.22 13.41
C GLU B 501 -2.36 27.97 12.28
N PHE B 502 -3.56 28.50 12.45
CA PHE B 502 -4.66 28.23 11.54
C PHE B 502 -4.33 28.77 10.15
N ASN B 503 -4.27 27.87 9.16
CA ASN B 503 -4.06 28.22 7.77
C ASN B 503 -5.36 27.95 7.01
N ALA B 504 -5.95 29.01 6.46
CA ALA B 504 -7.27 28.93 5.83
C ALA B 504 -7.25 28.18 4.50
N GLU B 505 -6.07 27.96 3.93
CA GLU B 505 -5.94 27.29 2.62
C GLU B 505 -6.04 25.77 2.69
N THR B 506 -5.56 25.17 3.78
CA THR B 506 -5.60 23.71 3.90
C THR B 506 -6.98 23.13 3.61
N PHE B 507 -8.06 23.91 3.82
CA PHE B 507 -9.41 23.37 3.77
C PHE B 507 -10.15 23.68 2.46
N THR B 508 -9.44 24.06 1.38
CA THR B 508 -10.08 24.23 0.08
C THR B 508 -9.42 23.29 -0.92
N PHE B 509 -8.87 23.81 -2.03
CA PHE B 509 -8.30 23.05 -3.16
C PHE B 509 -9.29 22.66 -4.25
N HIS B 510 -8.75 22.45 -5.46
CA HIS B 510 -9.49 22.28 -6.71
C HIS B 510 -10.55 21.17 -6.67
N ALA B 511 -11.29 21.14 -7.79
CA ALA B 511 -12.29 20.14 -8.18
C ALA B 511 -11.69 18.95 -8.91
N ASP B 512 -10.43 19.04 -9.37
CA ASP B 512 -9.78 17.91 -10.03
C ASP B 512 -9.66 16.69 -9.13
N ILE B 513 -9.91 16.83 -7.83
CA ILE B 513 -9.86 15.68 -6.92
C ILE B 513 -11.12 14.83 -7.06
N CYS B 514 -12.17 15.37 -7.68
CA CYS B 514 -13.41 14.65 -7.96
C CYS B 514 -13.26 13.73 -9.16
N THR B 515 -12.13 13.81 -9.85
CA THR B 515 -11.66 12.92 -10.91
C THR B 515 -10.79 11.77 -10.40
N LEU B 516 -10.58 11.65 -9.09
CA LEU B 516 -9.62 10.70 -8.52
C LEU B 516 -10.17 9.30 -8.30
N SER B 517 -9.22 8.36 -8.12
CA SER B 517 -9.47 6.97 -7.80
C SER B 517 -10.05 6.92 -6.40
N GLU B 518 -10.70 5.79 -6.09
CA GLU B 518 -11.27 5.62 -4.75
C GLU B 518 -10.18 5.72 -3.70
N LYS B 519 -9.07 5.01 -3.92
CA LYS B 519 -7.99 4.91 -2.94
C LYS B 519 -7.37 6.29 -2.73
N GLU B 520 -7.15 7.04 -3.82
CA GLU B 520 -6.42 8.32 -3.76
C GLU B 520 -7.26 9.49 -3.27
N ARG B 521 -8.58 9.39 -3.31
CA ARG B 521 -9.44 10.49 -2.90
C ARG B 521 -9.53 10.62 -1.38
N GLN B 522 -9.71 9.49 -0.68
CA GLN B 522 -9.75 9.50 0.77
C GLN B 522 -8.40 9.91 1.37
N ILE B 523 -7.29 9.57 0.70
CA ILE B 523 -5.97 9.94 1.19
C ILE B 523 -5.86 11.46 1.37
N LYS B 524 -6.47 12.22 0.46
CA LYS B 524 -6.47 13.67 0.56
C LYS B 524 -7.49 14.18 1.59
N LYS B 525 -8.64 13.51 1.72
CA LYS B 525 -9.59 13.92 2.76
C LYS B 525 -8.98 13.76 4.14
N GLN B 526 -8.18 12.70 4.34
CA GLN B 526 -7.63 12.39 5.65
C GLN B 526 -6.45 13.30 6.00
N THR B 527 -5.65 13.65 4.99
CA THR B 527 -4.63 14.66 5.19
C THR B 527 -5.21 15.90 5.87
N ALA B 528 -6.36 16.35 5.38
CA ALA B 528 -6.94 17.59 5.92
C ALA B 528 -7.31 17.41 7.39
N LEU B 529 -7.88 16.26 7.74
CA LEU B 529 -8.20 15.99 9.15
C LEU B 529 -6.94 16.13 10.01
N VAL B 530 -5.81 15.65 9.49
CA VAL B 530 -4.56 15.74 10.24
C VAL B 530 -4.18 17.19 10.48
N GLU B 531 -4.17 18.01 9.42
CA GLU B 531 -3.75 19.40 9.55
C GLU B 531 -4.73 20.21 10.39
N LEU B 532 -5.99 19.80 10.43
CA LEU B 532 -6.93 20.46 11.34
C LEU B 532 -6.58 20.12 12.79
N VAL B 533 -6.37 18.83 13.08
CA VAL B 533 -5.99 18.44 14.43
C VAL B 533 -4.66 19.06 14.81
N LYS B 534 -3.76 19.22 13.85
CA LYS B 534 -2.50 19.89 14.15
C LYS B 534 -2.73 21.36 14.47
N HIS B 535 -3.81 21.97 13.96
CA HIS B 535 -4.12 23.35 14.32
C HIS B 535 -4.86 23.46 15.65
N LYS B 536 -5.80 22.57 15.91
CA LYS B 536 -6.66 22.66 17.09
C LYS B 536 -6.62 21.35 17.86
N PRO B 537 -5.49 21.05 18.54
CA PRO B 537 -5.38 19.80 19.30
C PRO B 537 -6.47 19.71 20.36
N LYS B 538 -7.26 20.79 20.45
CA LYS B 538 -8.42 20.86 21.32
C LYS B 538 -9.52 19.98 20.72
N ALA B 539 -10.08 20.43 19.59
CA ALA B 539 -11.02 19.63 18.81
C ALA B 539 -11.96 18.77 19.66
N THR B 540 -11.50 17.58 20.03
CA THR B 540 -12.27 16.55 20.73
C THR B 540 -13.31 15.89 19.83
N LYS B 541 -13.32 14.55 19.93
CA LYS B 541 -14.13 13.58 19.20
C LYS B 541 -15.38 14.11 18.48
N GLU B 542 -16.17 14.96 19.15
CA GLU B 542 -17.49 15.34 18.64
C GLU B 542 -17.41 16.19 17.37
N GLN B 543 -16.71 17.33 17.43
CA GLN B 543 -16.64 18.19 16.25
C GLN B 543 -15.90 17.51 15.10
N LEU B 544 -14.92 16.65 15.41
CA LEU B 544 -14.03 16.15 14.37
C LEU B 544 -14.72 15.13 13.47
N LYS B 545 -15.49 14.22 14.06
CA LYS B 545 -16.34 13.36 13.24
C LYS B 545 -17.38 14.19 12.48
N ALA B 546 -18.04 15.13 13.18
CA ALA B 546 -19.07 15.97 12.55
C ALA B 546 -18.49 16.87 11.46
N VAL B 547 -17.40 17.58 11.76
CA VAL B 547 -16.86 18.53 10.80
C VAL B 547 -16.35 17.82 9.55
N MET B 548 -15.57 16.75 9.71
CA MET B 548 -15.00 16.10 8.53
C MET B 548 -16.05 15.49 7.62
N ASP B 549 -17.24 15.14 8.14
CA ASP B 549 -18.33 14.72 7.27
C ASP B 549 -19.05 15.93 6.69
N ASP B 550 -19.15 17.02 7.44
CA ASP B 550 -19.51 18.30 6.85
C ASP B 550 -18.57 18.60 5.68
N PHE B 551 -17.29 18.20 5.81
CA PHE B 551 -16.32 18.41 4.75
C PHE B 551 -16.67 17.57 3.52
N ALA B 552 -16.85 16.25 3.71
CA ALA B 552 -17.13 15.34 2.60
C ALA B 552 -18.40 15.72 1.86
N ALA B 553 -19.44 16.14 2.59
CA ALA B 553 -20.65 16.66 1.96
C ALA B 553 -20.32 17.85 1.07
N PHE B 554 -19.68 18.87 1.65
CA PHE B 554 -19.19 20.07 0.98
C PHE B 554 -18.72 19.77 -0.44
N VAL B 555 -17.98 18.67 -0.64
CA VAL B 555 -17.45 18.36 -1.97
C VAL B 555 -18.58 17.99 -2.92
N GLU B 556 -19.53 17.15 -2.47
CA GLU B 556 -20.65 16.75 -3.32
C GLU B 556 -21.62 17.90 -3.58
N LYS B 557 -21.72 18.87 -2.66
CA LYS B 557 -22.55 20.03 -2.95
C LYS B 557 -21.90 20.98 -3.97
N CYS B 558 -20.65 20.73 -4.35
CA CYS B 558 -20.02 21.47 -5.44
C CYS B 558 -19.54 20.57 -6.59
N CYS B 559 -19.26 19.29 -6.32
CA CYS B 559 -18.87 18.31 -7.33
C CYS B 559 -19.98 17.43 -7.89
N LYS B 560 -19.68 16.13 -7.98
CA LYS B 560 -20.51 15.06 -8.50
C LYS B 560 -21.28 15.52 -9.73
N ALA B 561 -20.58 15.54 -10.88
CA ALA B 561 -21.05 16.17 -12.09
C ALA B 561 -20.78 17.67 -12.01
N ASP B 562 -21.66 18.46 -12.62
CA ASP B 562 -21.59 19.92 -12.53
C ASP B 562 -20.51 20.46 -13.47
N ASP B 563 -20.17 21.75 -13.34
CA ASP B 563 -19.10 22.36 -14.13
C ASP B 563 -18.94 23.84 -13.79
N LYS B 564 -19.46 24.27 -12.64
CA LYS B 564 -19.25 25.63 -12.13
C LYS B 564 -17.86 25.84 -11.52
N GLU B 565 -16.92 24.93 -11.76
CA GLU B 565 -15.53 25.06 -11.34
C GLU B 565 -15.36 25.11 -9.83
N THR B 566 -14.24 25.68 -9.36
CA THR B 566 -14.00 25.87 -7.93
C THR B 566 -15.11 26.66 -7.25
N CYS B 567 -16.31 26.07 -7.19
CA CYS B 567 -17.38 26.61 -6.36
C CYS B 567 -16.98 26.59 -4.90
N PHE B 568 -16.12 25.63 -4.52
CA PHE B 568 -15.68 25.48 -3.13
C PHE B 568 -14.91 26.70 -2.63
N ALA B 569 -14.05 27.28 -3.47
CA ALA B 569 -13.24 28.42 -3.03
C ALA B 569 -14.12 29.46 -2.33
N GLU B 570 -15.32 29.70 -2.85
CA GLU B 570 -16.30 30.62 -2.25
C GLU B 570 -17.12 29.91 -1.18
N GLU B 571 -17.76 28.79 -1.55
CA GLU B 571 -18.51 27.98 -0.59
C GLU B 571 -17.63 27.45 0.53
N GLY B 572 -16.31 27.37 0.31
CA GLY B 572 -15.34 26.88 1.27
C GLY B 572 -14.92 27.88 2.33
N LYS B 573 -14.78 29.15 1.93
CA LYS B 573 -14.47 30.22 2.88
C LYS B 573 -15.54 30.40 3.94
N LYS B 574 -16.78 29.99 3.68
CA LYS B 574 -17.82 30.07 4.70
C LYS B 574 -17.65 29.00 5.77
N LEU B 575 -17.30 27.78 5.37
CA LEU B 575 -17.06 26.71 6.34
C LEU B 575 -15.80 26.94 7.17
N VAL B 576 -14.78 27.59 6.60
CA VAL B 576 -13.51 27.75 7.30
C VAL B 576 -13.66 28.66 8.52
N ALA B 577 -14.51 29.69 8.43
CA ALA B 577 -14.74 30.58 9.56
C ALA B 577 -15.42 29.89 10.73
N ALA B 578 -16.40 29.02 10.46
CA ALA B 578 -17.18 28.37 11.51
C ALA B 578 -16.32 27.57 12.48
N SER B 579 -15.21 26.98 12.02
CA SER B 579 -14.40 26.11 12.88
C SER B 579 -13.83 26.86 14.08
N GLN B 580 -13.24 28.04 13.86
CA GLN B 580 -12.68 28.81 14.98
C GLN B 580 -13.74 29.59 15.74
N ALA B 581 -14.64 30.27 15.03
CA ALA B 581 -15.72 31.03 15.65
C ALA B 581 -16.53 30.19 16.65
N ALA B 582 -16.78 28.92 16.31
CA ALA B 582 -17.43 27.99 17.23
C ALA B 582 -16.73 26.63 17.29
N ALA C 2 -44.38 -8.62 -28.29
CA ALA C 2 -43.07 -9.13 -27.87
C ALA C 2 -42.83 -8.94 -26.36
N HIS C 3 -41.68 -8.36 -26.02
CA HIS C 3 -41.24 -8.14 -24.64
C HIS C 3 -39.83 -7.58 -24.64
N LYS C 4 -39.66 -6.43 -25.30
CA LYS C 4 -38.31 -5.99 -25.64
C LYS C 4 -37.45 -5.67 -24.42
N SER C 5 -38.02 -5.33 -23.25
CA SER C 5 -37.19 -4.99 -22.09
C SER C 5 -37.66 -5.72 -20.84
N GLU C 6 -36.84 -6.67 -20.36
CA GLU C 6 -37.27 -7.49 -19.23
C GLU C 6 -37.35 -6.69 -17.93
N VAL C 7 -36.37 -5.83 -17.67
CA VAL C 7 -36.38 -5.14 -16.37
C VAL C 7 -37.65 -4.29 -16.26
N ALA C 8 -38.09 -3.67 -17.36
CA ALA C 8 -39.34 -2.90 -17.34
C ALA C 8 -40.55 -3.78 -17.09
N HIS C 9 -40.56 -4.95 -17.70
CA HIS C 9 -41.66 -5.89 -17.50
C HIS C 9 -41.77 -6.27 -16.03
N ARG C 10 -40.67 -6.66 -15.40
CA ARG C 10 -40.77 -7.02 -13.99
C ARG C 10 -41.17 -5.83 -13.14
N PHE C 11 -40.61 -4.66 -13.45
CA PHE C 11 -40.98 -3.47 -12.71
C PHE C 11 -42.48 -3.24 -12.77
N LYS C 12 -43.08 -3.35 -13.96
CA LYS C 12 -44.53 -3.12 -14.04
C LYS C 12 -45.29 -4.19 -13.25
N ASP C 13 -44.86 -5.44 -13.31
CA ASP C 13 -45.59 -6.53 -12.68
C ASP C 13 -45.56 -6.41 -11.17
N LEU C 14 -44.44 -5.97 -10.63
CA LEU C 14 -44.30 -5.97 -9.19
C LEU C 14 -44.65 -4.64 -8.54
N GLY C 15 -44.65 -3.54 -9.31
CA GLY C 15 -44.81 -2.22 -8.72
C GLY C 15 -43.53 -1.68 -8.10
N GLU C 16 -43.33 -0.36 -8.14
CA GLU C 16 -42.06 0.19 -7.67
C GLU C 16 -41.69 -0.28 -6.26
N GLU C 17 -42.65 -0.30 -5.33
CA GLU C 17 -42.30 -0.53 -3.93
C GLU C 17 -41.72 -1.93 -3.73
N ASN C 18 -42.39 -2.96 -4.26
CA ASN C 18 -41.87 -4.32 -4.12
C ASN C 18 -40.60 -4.53 -4.94
N PHE C 19 -40.51 -3.90 -6.11
CA PHE C 19 -39.33 -4.00 -6.97
C PHE C 19 -38.08 -3.53 -6.23
N LYS C 20 -38.12 -2.33 -5.63
CA LYS C 20 -36.98 -1.86 -4.86
C LYS C 20 -36.61 -2.87 -3.77
N ALA C 21 -37.61 -3.38 -3.05
CA ALA C 21 -37.29 -4.28 -1.95
C ALA C 21 -36.61 -5.53 -2.47
N LEU C 22 -37.14 -6.11 -3.56
CA LEU C 22 -36.56 -7.33 -4.12
C LEU C 22 -35.13 -7.10 -4.62
N VAL C 23 -34.86 -5.94 -5.26
CA VAL C 23 -33.49 -5.63 -5.65
C VAL C 23 -32.57 -5.58 -4.43
N LEU C 24 -32.91 -4.76 -3.44
CA LEU C 24 -32.13 -4.71 -2.21
C LEU C 24 -31.91 -6.10 -1.62
N ILE C 25 -32.96 -6.93 -1.59
CA ILE C 25 -32.75 -8.29 -1.08
C ILE C 25 -31.76 -9.02 -1.97
N ALA C 26 -31.97 -8.96 -3.29
CA ALA C 26 -31.16 -9.72 -4.25
C ALA C 26 -29.67 -9.42 -4.12
N PHE C 27 -29.30 -8.16 -3.96
CA PHE C 27 -27.88 -7.85 -3.84
C PHE C 27 -27.35 -8.20 -2.46
N ALA C 28 -28.17 -8.01 -1.42
CA ALA C 28 -27.68 -8.24 -0.06
C ALA C 28 -27.47 -9.73 0.22
N GLN C 29 -28.25 -10.59 -0.43
CA GLN C 29 -28.05 -12.01 -0.17
C GLN C 29 -26.74 -12.49 -0.76
N TYR C 30 -26.23 -11.83 -1.81
CA TYR C 30 -24.90 -12.19 -2.29
C TYR C 30 -23.81 -11.36 -1.63
N LEU C 31 -23.98 -10.03 -1.59
CA LEU C 31 -22.93 -9.14 -1.10
C LEU C 31 -23.08 -8.88 0.40
N GLN C 32 -23.01 -9.95 1.19
CA GLN C 32 -23.36 -9.84 2.60
C GLN C 32 -22.35 -9.01 3.37
N GLN C 33 -21.17 -8.77 2.82
CA GLN C 33 -20.25 -7.99 3.61
C GLN C 33 -20.19 -6.52 3.18
N CYS C 34 -20.87 -6.15 2.13
CA CYS C 34 -20.81 -4.74 1.77
C CYS C 34 -21.71 -3.93 2.67
N PRO C 35 -21.32 -2.70 3.00
CA PRO C 35 -22.07 -1.91 3.96
C PRO C 35 -23.43 -1.48 3.43
N PHE C 36 -24.28 -1.08 4.38
CA PHE C 36 -25.65 -0.69 4.05
C PHE C 36 -25.68 0.43 3.01
N GLU C 37 -24.84 1.44 3.20
CA GLU C 37 -24.82 2.58 2.31
C GLU C 37 -24.59 2.16 0.85
N ASP C 38 -23.74 1.16 0.63
CA ASP C 38 -23.52 0.68 -0.74
C ASP C 38 -24.80 0.08 -1.31
N HIS C 39 -25.55 -0.65 -0.50
CA HIS C 39 -26.80 -1.20 -1.01
C HIS C 39 -27.84 -0.12 -1.25
N VAL C 40 -27.86 0.93 -0.42
CA VAL C 40 -28.77 2.05 -0.66
C VAL C 40 -28.48 2.70 -2.02
N LYS C 41 -27.25 3.14 -2.24
CA LYS C 41 -26.85 3.70 -3.53
C LYS C 41 -27.24 2.77 -4.69
N LEU C 42 -26.99 1.48 -4.52
CA LEU C 42 -27.20 0.52 -5.60
C LEU C 42 -28.68 0.41 -5.98
N VAL C 43 -29.56 0.31 -4.97
CA VAL C 43 -30.99 0.27 -5.24
C VAL C 43 -31.46 1.52 -5.96
N ASN C 44 -31.03 2.69 -5.49
CA ASN C 44 -31.50 3.91 -6.15
C ASN C 44 -31.13 3.91 -7.63
N GLU C 45 -29.91 3.49 -7.97
CA GLU C 45 -29.51 3.48 -9.39
C GLU C 45 -30.33 2.48 -10.19
N VAL C 46 -30.49 1.26 -9.68
CA VAL C 46 -31.30 0.27 -10.38
C VAL C 46 -32.70 0.81 -10.59
N THR C 47 -33.30 1.42 -9.55
CA THR C 47 -34.64 1.96 -9.69
C THR C 47 -34.67 3.06 -10.75
N GLU C 48 -33.75 4.00 -10.67
CA GLU C 48 -33.66 5.03 -11.71
C GLU C 48 -33.60 4.38 -13.10
N PHE C 49 -32.79 3.34 -13.24
CA PHE C 49 -32.69 2.67 -14.52
C PHE C 49 -34.01 2.02 -14.93
N ALA C 50 -34.67 1.33 -13.99
CA ALA C 50 -35.94 0.67 -14.31
C ALA C 50 -36.98 1.66 -14.80
N LYS C 51 -37.13 2.77 -14.09
CA LYS C 51 -38.09 3.78 -14.52
C LYS C 51 -37.74 4.28 -15.92
N THR C 52 -36.45 4.41 -16.21
CA THR C 52 -36.06 4.82 -17.55
C THR C 52 -36.56 3.84 -18.59
N CYS C 53 -36.49 2.52 -18.27
CA CYS C 53 -36.82 1.53 -19.27
C CYS C 53 -38.32 1.39 -19.47
N VAL C 54 -39.08 1.52 -18.39
CA VAL C 54 -40.54 1.55 -18.48
C VAL C 54 -41.02 2.70 -19.36
N ALA C 55 -40.37 3.87 -19.27
CA ALA C 55 -40.81 4.97 -20.13
C ALA C 55 -40.40 4.70 -21.58
N ASP C 56 -39.11 4.49 -21.82
CA ASP C 56 -38.58 4.32 -23.17
C ASP C 56 -37.81 2.99 -23.20
N GLU C 57 -38.42 1.95 -23.80
CA GLU C 57 -37.78 0.65 -23.77
C GLU C 57 -36.48 0.59 -24.56
N SER C 58 -36.27 1.53 -25.48
CA SER C 58 -35.06 1.60 -26.28
C SER C 58 -33.95 2.36 -25.59
N ALA C 59 -34.13 2.73 -24.31
CA ALA C 59 -33.09 3.49 -23.62
C ALA C 59 -31.86 2.60 -23.41
N GLU C 60 -30.76 3.22 -23.01
CA GLU C 60 -29.50 2.47 -22.91
C GLU C 60 -29.68 1.28 -22.00
N ASN C 61 -29.28 0.11 -22.49
CA ASN C 61 -29.12 -1.14 -21.74
C ASN C 61 -30.43 -1.82 -21.37
N CYS C 62 -31.58 -1.34 -21.84
CA CYS C 62 -32.86 -1.83 -21.36
C CYS C 62 -33.24 -3.18 -21.97
N ASP C 63 -32.68 -3.52 -23.11
CA ASP C 63 -32.92 -4.78 -23.79
C ASP C 63 -31.97 -5.89 -23.37
N LYS C 64 -31.08 -5.65 -22.41
CA LYS C 64 -30.28 -6.73 -21.87
C LYS C 64 -31.11 -7.57 -20.91
N SER C 65 -30.66 -8.80 -20.69
CA SER C 65 -31.36 -9.72 -19.81
C SER C 65 -31.04 -9.42 -18.34
N LEU C 66 -31.88 -9.94 -17.45
CA LEU C 66 -31.66 -9.71 -16.03
C LEU C 66 -30.34 -10.31 -15.57
N HIS C 67 -29.98 -11.48 -16.09
CA HIS C 67 -28.70 -12.05 -15.68
C HIS C 67 -27.52 -11.13 -16.03
N THR C 68 -27.41 -10.70 -17.30
CA THR C 68 -26.24 -9.91 -17.64
C THR C 68 -26.25 -8.59 -16.88
N LEU C 69 -27.43 -7.96 -16.72
CA LEU C 69 -27.51 -6.72 -15.96
C LEU C 69 -27.11 -6.94 -14.51
N PHE C 70 -27.72 -7.95 -13.87
CA PHE C 70 -27.43 -8.25 -12.47
C PHE C 70 -25.96 -8.61 -12.29
N GLY C 71 -25.45 -9.53 -13.10
CA GLY C 71 -24.04 -9.83 -13.03
C GLY C 71 -23.19 -8.59 -13.15
N ASP C 72 -23.46 -7.76 -14.14
CA ASP C 72 -22.69 -6.53 -14.35
C ASP C 72 -22.68 -5.65 -13.10
N LYS C 73 -23.83 -5.49 -12.46
CA LYS C 73 -23.89 -4.58 -11.32
C LYS C 73 -23.22 -5.21 -10.11
N LEU C 74 -23.48 -6.52 -9.89
CA LEU C 74 -22.81 -7.24 -8.81
C LEU C 74 -21.32 -7.09 -8.92
N CYS C 75 -20.79 -7.20 -10.14
CA CYS C 75 -19.36 -7.22 -10.30
C CYS C 75 -18.77 -5.85 -10.06
N THR C 76 -19.37 -4.79 -10.63
CA THR C 76 -18.77 -3.47 -10.43
C THR C 76 -18.87 -3.03 -8.98
N VAL C 77 -19.91 -3.43 -8.28
CA VAL C 77 -20.00 -3.11 -6.86
C VAL C 77 -18.95 -3.91 -6.09
N ALA C 78 -18.98 -5.24 -6.21
CA ALA C 78 -18.12 -6.07 -5.38
C ALA C 78 -16.64 -5.79 -5.64
N THR C 79 -16.29 -5.44 -6.88
CA THR C 79 -14.90 -5.16 -7.27
C THR C 79 -14.46 -3.78 -6.87
N LEU C 80 -15.38 -2.92 -6.43
CA LEU C 80 -15.06 -1.52 -6.18
C LEU C 80 -13.91 -1.38 -5.19
N ARG C 81 -14.09 -1.93 -3.99
CA ARG C 81 -13.01 -2.11 -3.04
C ARG C 81 -12.78 -3.61 -2.98
N GLU C 82 -11.55 -4.01 -2.70
CA GLU C 82 -11.07 -5.38 -2.93
C GLU C 82 -11.23 -5.70 -4.42
N THR C 83 -10.17 -5.44 -5.20
CA THR C 83 -10.25 -5.67 -6.62
C THR C 83 -10.14 -7.17 -6.94
N TYR C 84 -9.66 -7.96 -5.97
CA TYR C 84 -9.62 -9.41 -5.98
C TYR C 84 -10.61 -9.89 -4.92
N GLY C 85 -10.58 -11.16 -4.58
CA GLY C 85 -11.58 -11.66 -3.64
C GLY C 85 -12.44 -12.74 -4.25
N GLU C 86 -13.49 -13.13 -3.51
CA GLU C 86 -14.29 -14.28 -3.95
C GLU C 86 -15.01 -13.96 -5.25
N MET C 87 -15.56 -12.75 -5.35
CA MET C 87 -16.30 -12.34 -6.55
C MET C 87 -15.39 -12.01 -7.72
N ALA C 88 -14.12 -11.67 -7.50
CA ALA C 88 -13.31 -11.34 -8.65
C ALA C 88 -13.23 -12.53 -9.62
N ASP C 89 -13.15 -13.76 -9.10
CA ASP C 89 -13.11 -14.92 -9.98
C ASP C 89 -14.40 -15.04 -10.78
N CYS C 90 -15.53 -14.90 -10.13
CA CYS C 90 -16.79 -15.02 -10.85
C CYS C 90 -16.86 -13.98 -11.94
N CYS C 91 -16.35 -12.79 -11.66
CA CYS C 91 -16.48 -11.69 -12.59
C CYS C 91 -15.54 -11.77 -13.78
N ALA C 92 -14.58 -12.69 -13.77
CA ALA C 92 -13.80 -12.97 -14.97
C ALA C 92 -14.51 -13.91 -15.92
N LYS C 93 -15.61 -14.53 -15.50
CA LYS C 93 -16.32 -15.43 -16.39
C LYS C 93 -17.32 -14.64 -17.23
N GLN C 94 -17.70 -15.20 -18.37
CA GLN C 94 -18.82 -14.62 -19.11
C GLN C 94 -20.11 -15.31 -18.69
N GLU C 95 -21.24 -14.70 -19.03
CA GLU C 95 -22.48 -15.43 -18.83
C GLU C 95 -22.54 -16.59 -19.82
N PRO C 96 -23.15 -17.73 -19.42
CA PRO C 96 -23.87 -18.01 -18.18
C PRO C 96 -23.01 -18.55 -17.04
N GLU C 97 -21.73 -18.85 -17.29
CA GLU C 97 -20.89 -19.45 -16.25
C GLU C 97 -20.74 -18.51 -15.07
N ARG C 98 -20.67 -17.21 -15.35
CA ARG C 98 -20.56 -16.20 -14.30
C ARG C 98 -21.73 -16.27 -13.33
N ASN C 99 -22.95 -16.27 -13.84
CA ASN C 99 -24.07 -16.24 -12.94
C ASN C 99 -24.07 -17.47 -12.04
N GLU C 100 -23.72 -18.63 -12.60
CA GLU C 100 -23.78 -19.82 -11.78
C GLU C 100 -22.70 -19.77 -10.72
N CYS C 101 -21.56 -19.17 -11.04
CA CYS C 101 -20.44 -19.07 -10.11
C CYS C 101 -20.83 -18.34 -8.83
N PHE C 102 -21.68 -17.31 -8.93
CA PHE C 102 -22.12 -16.61 -7.73
C PHE C 102 -22.66 -17.57 -6.67
N LEU C 103 -23.38 -18.61 -7.10
CA LEU C 103 -24.08 -19.47 -6.16
C LEU C 103 -23.19 -19.91 -5.01
N GLN C 104 -21.92 -20.13 -5.29
CA GLN C 104 -21.10 -20.62 -4.19
C GLN C 104 -20.79 -19.53 -3.17
N HIS C 105 -21.13 -18.29 -3.42
CA HIS C 105 -20.65 -17.23 -2.56
C HIS C 105 -21.70 -16.66 -1.60
N LYS C 106 -22.79 -17.39 -1.37
CA LYS C 106 -23.68 -17.11 -0.25
C LYS C 106 -23.14 -17.83 0.97
N ASP C 107 -22.66 -17.07 1.96
CA ASP C 107 -22.21 -17.70 3.20
C ASP C 107 -23.41 -17.92 4.10
N ASP C 108 -23.52 -19.15 4.63
CA ASP C 108 -24.75 -19.56 5.32
C ASP C 108 -24.79 -19.04 6.73
N ASN C 109 -23.71 -19.16 7.46
CA ASN C 109 -23.65 -18.57 8.78
C ASN C 109 -22.48 -17.60 8.77
N PRO C 110 -22.69 -16.41 8.21
CA PRO C 110 -21.59 -15.46 8.03
C PRO C 110 -21.12 -14.86 9.34
N ASN C 111 -19.88 -14.40 9.32
CA ASN C 111 -19.25 -13.88 10.53
C ASN C 111 -19.67 -12.41 10.68
N LEU C 112 -20.76 -12.21 11.39
CA LEU C 112 -21.38 -10.91 11.55
C LEU C 112 -21.77 -10.71 13.00
N PRO C 113 -21.61 -9.50 13.52
CA PRO C 113 -21.95 -9.25 14.93
C PRO C 113 -23.39 -9.61 15.19
N ARG C 114 -23.66 -10.10 16.39
CA ARG C 114 -25.05 -10.33 16.73
C ARG C 114 -25.85 -9.04 16.56
N LEU C 115 -27.12 -9.19 16.29
CA LEU C 115 -28.01 -8.07 16.08
C LEU C 115 -28.76 -7.81 17.38
N VAL C 116 -28.38 -6.75 18.10
CA VAL C 116 -28.99 -6.43 19.40
C VAL C 116 -29.82 -5.16 19.24
N ARG C 117 -31.11 -5.26 19.47
CA ARG C 117 -31.90 -4.08 19.19
C ARG C 117 -31.89 -3.13 20.38
N PRO C 118 -31.92 -1.84 20.12
CA PRO C 118 -31.88 -0.84 21.20
C PRO C 118 -33.17 -0.69 21.99
N GLU C 119 -33.17 0.32 22.89
CA GLU C 119 -34.38 0.66 23.65
C GLU C 119 -35.53 1.06 22.72
N VAL C 120 -36.76 0.85 23.21
CA VAL C 120 -37.93 1.09 22.37
C VAL C 120 -38.03 2.55 21.96
N ASP C 121 -37.75 3.47 22.88
CA ASP C 121 -37.87 4.88 22.52
C ASP C 121 -36.94 5.23 21.36
N VAL C 122 -35.72 4.70 21.35
CA VAL C 122 -34.81 5.06 20.28
C VAL C 122 -35.25 4.46 18.95
N MET C 123 -35.73 3.21 18.98
CA MET C 123 -36.21 2.61 17.74
C MET C 123 -37.37 3.41 17.17
N CYS C 124 -38.31 3.84 18.02
CA CYS C 124 -39.45 4.58 17.49
C CYS C 124 -39.00 5.92 16.93
N THR C 125 -38.04 6.57 17.59
CA THR C 125 -37.46 7.80 17.04
C THR C 125 -36.84 7.56 15.66
N ALA C 126 -36.14 6.44 15.49
CA ALA C 126 -35.54 6.12 14.19
C ALA C 126 -36.61 5.92 13.13
N PHE C 127 -37.63 5.13 13.45
CA PHE C 127 -38.68 4.84 12.49
C PHE C 127 -39.40 6.11 12.06
N HIS C 128 -39.69 7.01 13.00
CA HIS C 128 -40.35 8.26 12.64
C HIS C 128 -39.46 9.20 11.83
N ASP C 129 -38.16 9.22 12.11
CA ASP C 129 -37.31 10.17 11.42
C ASP C 129 -37.18 9.83 9.93
N ASN C 130 -37.24 8.55 9.58
CA ASN C 130 -37.27 8.15 8.19
C ASN C 130 -37.71 6.71 8.06
N GLU C 131 -39.02 6.51 7.85
CA GLU C 131 -39.59 5.16 7.78
C GLU C 131 -38.93 4.35 6.68
N GLU C 132 -38.75 4.95 5.51
CA GLU C 132 -38.26 4.18 4.38
C GLU C 132 -36.87 3.63 4.69
N THR C 133 -36.01 4.44 5.29
CA THR C 133 -34.65 3.97 5.60
C THR C 133 -34.66 2.91 6.70
N PHE C 134 -35.45 3.14 7.74
CA PHE C 134 -35.57 2.19 8.85
C PHE C 134 -35.94 0.81 8.34
N LEU C 135 -36.85 0.73 7.36
CA LEU C 135 -37.26 -0.56 6.85
C LEU C 135 -36.22 -1.19 5.94
N LYS C 136 -35.51 -0.39 5.15
CA LYS C 136 -34.40 -0.95 4.38
C LYS C 136 -33.36 -1.59 5.31
N LYS C 137 -33.04 -0.94 6.45
CA LYS C 137 -32.09 -1.57 7.35
C LYS C 137 -32.62 -2.90 7.86
N TYR C 138 -33.93 -3.02 8.05
CA TYR C 138 -34.49 -4.33 8.40
C TYR C 138 -34.26 -5.34 7.27
N LEU C 139 -34.69 -4.99 6.06
CA LEU C 139 -34.50 -5.86 4.89
C LEU C 139 -33.03 -6.24 4.72
N TYR C 140 -32.14 -5.25 4.84
CA TYR C 140 -30.73 -5.51 4.60
C TYR C 140 -30.19 -6.48 5.64
N GLU C 141 -30.43 -6.18 6.92
CA GLU C 141 -29.85 -7.00 7.99
C GLU C 141 -30.38 -8.43 7.99
N ILE C 142 -31.62 -8.64 7.54
CA ILE C 142 -32.13 -10.00 7.50
C ILE C 142 -31.53 -10.73 6.31
N ALA C 143 -31.66 -10.13 5.14
CA ALA C 143 -31.22 -10.78 3.91
C ALA C 143 -29.77 -11.20 3.99
N ARG C 144 -28.91 -10.33 4.51
CA ARG C 144 -27.50 -10.64 4.51
C ARG C 144 -27.14 -11.72 5.52
N ARG C 145 -27.99 -11.91 6.56
CA ARG C 145 -27.76 -12.93 7.57
C ARG C 145 -28.46 -14.23 7.24
N HIS C 146 -29.42 -14.17 6.31
CA HIS C 146 -30.20 -15.31 5.87
C HIS C 146 -30.30 -15.30 4.35
N PRO C 147 -29.21 -15.63 3.66
CA PRO C 147 -29.16 -15.44 2.19
C PRO C 147 -30.05 -16.38 1.39
N TYR C 148 -30.75 -17.33 2.02
CA TYR C 148 -31.71 -18.14 1.29
C TYR C 148 -33.14 -17.82 1.68
N PHE C 149 -33.36 -16.68 2.31
CA PHE C 149 -34.71 -16.30 2.70
C PHE C 149 -35.58 -16.24 1.47
N TYR C 150 -36.75 -16.86 1.57
CA TYR C 150 -37.74 -16.83 0.51
C TYR C 150 -38.19 -15.39 0.26
N ALA C 151 -37.73 -14.76 -0.81
CA ALA C 151 -37.85 -13.30 -0.90
C ALA C 151 -39.28 -12.80 -0.84
N PRO C 152 -40.23 -13.35 -1.58
CA PRO C 152 -41.61 -12.83 -1.47
C PRO C 152 -42.12 -12.89 -0.04
N GLU C 153 -41.76 -13.96 0.67
CA GLU C 153 -42.17 -14.16 2.05
C GLU C 153 -41.53 -13.11 2.95
N LEU C 154 -40.30 -12.69 2.63
CA LEU C 154 -39.66 -11.62 3.38
C LEU C 154 -40.44 -10.31 3.24
N LEU C 155 -40.84 -9.96 2.01
CA LEU C 155 -41.69 -8.78 1.79
C LEU C 155 -42.85 -8.76 2.76
N PHE C 156 -43.45 -9.93 2.98
CA PHE C 156 -44.55 -10.05 3.92
C PHE C 156 -44.09 -9.71 5.33
N PHE C 157 -42.96 -10.28 5.76
CA PHE C 157 -42.43 -9.90 7.08
C PHE C 157 -42.17 -8.41 7.15
N ALA C 158 -41.57 -7.85 6.10
CA ALA C 158 -41.32 -6.42 6.10
C ALA C 158 -42.62 -5.65 6.26
N LYS C 159 -43.71 -6.16 5.69
CA LYS C 159 -45.00 -5.47 5.85
C LYS C 159 -45.45 -5.47 7.30
N ARG C 160 -45.24 -6.59 8.00
CA ARG C 160 -45.63 -6.72 9.39
C ARG C 160 -44.67 -5.96 10.31
N TYR C 161 -43.38 -5.94 9.98
CA TYR C 161 -42.46 -5.14 10.79
C TYR C 161 -42.88 -3.68 10.75
N LYS C 162 -43.05 -3.14 9.54
CA LYS C 162 -43.50 -1.76 9.41
C LYS C 162 -44.81 -1.57 10.18
N ALA C 163 -45.71 -2.53 10.07
CA ALA C 163 -47.01 -2.38 10.71
C ALA C 163 -46.87 -2.32 12.22
N ALA C 164 -45.96 -3.13 12.78
CA ALA C 164 -45.74 -3.09 14.23
C ALA C 164 -45.33 -1.70 14.67
N PHE C 165 -44.39 -1.08 13.93
CA PHE C 165 -43.95 0.24 14.33
C PHE C 165 -45.03 1.28 14.07
N THR C 166 -45.77 1.16 12.97
CA THR C 166 -46.80 2.16 12.74
C THR C 166 -47.84 2.11 13.84
N GLU C 167 -48.14 0.92 14.35
CA GLU C 167 -49.12 0.84 15.42
C GLU C 167 -48.49 1.17 16.77
N CYS C 168 -47.44 0.46 17.15
CA CYS C 168 -47.00 0.47 18.54
C CYS C 168 -46.26 1.74 18.94
N CYS C 169 -45.81 2.56 18.01
CA CYS C 169 -45.09 3.75 18.44
C CYS C 169 -46.06 4.85 18.84
N GLN C 170 -47.34 4.68 18.53
CA GLN C 170 -48.43 5.49 19.03
C GLN C 170 -49.02 4.98 20.33
N ALA C 171 -48.54 3.87 20.85
CA ALA C 171 -49.17 3.29 22.01
C ALA C 171 -48.78 4.06 23.27
N ALA C 172 -49.67 3.98 24.28
CA ALA C 172 -49.36 4.60 25.56
C ALA C 172 -48.21 3.89 26.25
N ASP C 173 -48.07 2.59 26.04
CA ASP C 173 -46.95 1.81 26.57
C ASP C 173 -46.21 1.18 25.40
N LYS C 174 -45.21 1.89 24.85
CA LYS C 174 -44.58 1.44 23.62
C LYS C 174 -44.04 0.02 23.72
N ALA C 175 -43.39 -0.33 24.83
CA ALA C 175 -42.71 -1.62 24.88
C ALA C 175 -43.68 -2.79 25.05
N ALA C 176 -44.75 -2.61 25.83
CA ALA C 176 -45.68 -3.73 25.99
C ALA C 176 -46.40 -4.04 24.68
N CYS C 177 -46.50 -3.06 23.79
CA CYS C 177 -47.11 -3.28 22.49
C CYS C 177 -46.11 -3.92 21.55
N LEU C 178 -44.90 -3.35 21.49
CA LEU C 178 -43.97 -3.61 20.39
C LEU C 178 -43.15 -4.87 20.61
N LEU C 179 -42.60 -5.05 21.80
CA LEU C 179 -41.68 -6.15 22.02
C LEU C 179 -42.32 -7.52 21.78
N PRO C 180 -43.54 -7.81 22.25
CA PRO C 180 -44.15 -9.07 21.81
C PRO C 180 -44.27 -9.14 20.31
N LYS C 181 -44.68 -8.04 19.63
CA LYS C 181 -44.84 -8.11 18.17
C LYS C 181 -43.51 -8.43 17.49
N LEU C 182 -42.43 -7.85 17.98
CA LEU C 182 -41.12 -7.98 17.36
C LEU C 182 -40.54 -9.38 17.59
N ASP C 183 -40.65 -9.89 18.83
CA ASP C 183 -40.15 -11.22 19.12
C ASP C 183 -40.83 -12.28 18.25
N GLU C 184 -42.15 -12.16 18.04
CA GLU C 184 -42.84 -13.10 17.18
C GLU C 184 -42.28 -13.04 15.75
N LEU C 185 -42.11 -11.83 15.19
CA LEU C 185 -41.51 -11.75 13.87
C LEU C 185 -40.13 -12.39 13.87
N ARG C 186 -39.32 -12.07 14.86
CA ARG C 186 -37.97 -12.61 14.85
C ARG C 186 -38.04 -14.14 14.77
N ASP C 187 -38.87 -14.77 15.62
CA ASP C 187 -39.00 -16.23 15.59
C ASP C 187 -39.63 -16.73 14.29
N GLU C 188 -40.69 -16.08 13.83
CA GLU C 188 -41.30 -16.50 12.57
C GLU C 188 -40.32 -16.38 11.41
N GLY C 189 -39.60 -15.26 11.34
CA GLY C 189 -38.57 -15.14 10.33
C GLY C 189 -37.52 -16.25 10.39
N LYS C 190 -37.05 -16.58 11.60
CA LYS C 190 -36.01 -17.60 11.70
C LYS C 190 -36.54 -18.94 11.21
N ALA C 191 -37.77 -19.30 11.59
CA ALA C 191 -38.37 -20.54 11.15
C ALA C 191 -38.66 -20.51 9.66
N SER C 192 -39.05 -19.34 9.13
CA SER C 192 -39.25 -19.24 7.69
C SER C 192 -37.96 -19.57 6.95
N SER C 193 -36.84 -19.01 7.39
CA SER C 193 -35.62 -19.20 6.64
C SER C 193 -35.14 -20.66 6.71
N ALA C 194 -35.33 -21.32 7.85
CA ALA C 194 -34.89 -22.70 7.90
C ALA C 194 -35.71 -23.58 6.96
N LYS C 195 -37.01 -23.29 6.85
CA LYS C 195 -37.88 -24.02 5.96
C LYS C 195 -37.42 -23.88 4.51
N GLN C 196 -37.17 -22.64 4.04
CA GLN C 196 -36.66 -22.48 2.67
C GLN C 196 -35.31 -23.13 2.49
N ARG C 197 -34.40 -22.92 3.45
CA ARG C 197 -33.07 -23.48 3.30
C ARG C 197 -33.15 -24.97 3.06
N LEU C 198 -34.15 -25.64 3.65
CA LEU C 198 -34.37 -27.06 3.37
C LEU C 198 -34.79 -27.27 1.94
N LYS C 199 -35.65 -26.39 1.41
CA LYS C 199 -36.03 -26.47 0.02
C LYS C 199 -34.82 -26.28 -0.88
N CYS C 200 -34.03 -25.24 -0.62
CA CYS C 200 -32.86 -24.99 -1.48
C CYS C 200 -31.84 -26.11 -1.34
N ALA C 201 -31.73 -26.71 -0.14
CA ALA C 201 -30.79 -27.80 0.01
C ALA C 201 -31.21 -29.01 -0.80
N SER C 202 -32.49 -29.38 -0.75
CA SER C 202 -33.01 -30.52 -1.50
C SER C 202 -32.76 -30.34 -3.00
N LEU C 203 -33.08 -29.16 -3.51
CA LEU C 203 -32.84 -28.87 -4.91
C LEU C 203 -31.38 -29.09 -5.24
N GLN C 204 -30.49 -28.65 -4.35
CA GLN C 204 -29.07 -28.61 -4.67
C GLN C 204 -28.43 -29.97 -4.54
N LYS C 205 -28.72 -30.69 -3.48
CA LYS C 205 -28.02 -31.93 -3.16
C LYS C 205 -28.68 -33.15 -3.76
N PHE C 206 -29.92 -33.00 -4.25
CA PHE C 206 -30.71 -34.16 -4.62
C PHE C 206 -31.52 -34.00 -5.88
N GLY C 207 -31.64 -32.81 -6.44
CA GLY C 207 -32.15 -32.64 -7.77
C GLY C 207 -33.59 -32.19 -7.82
N GLU C 208 -33.97 -31.67 -8.99
CA GLU C 208 -35.34 -31.23 -9.22
C GLU C 208 -36.33 -32.34 -8.94
N ARG C 209 -36.03 -33.56 -9.41
CA ARG C 209 -36.97 -34.66 -9.21
C ARG C 209 -37.31 -34.83 -7.72
N ALA C 210 -36.30 -34.71 -6.87
CA ALA C 210 -36.51 -34.88 -5.44
C ALA C 210 -37.48 -33.83 -4.93
N PHE C 211 -37.26 -32.58 -5.30
CA PHE C 211 -38.16 -31.54 -4.84
C PHE C 211 -39.57 -31.78 -5.37
N LYS C 212 -39.69 -32.12 -6.67
CA LYS C 212 -41.02 -32.35 -7.22
C LYS C 212 -41.76 -33.41 -6.41
N ALA C 213 -41.08 -34.49 -6.03
CA ALA C 213 -41.73 -35.53 -5.27
C ALA C 213 -42.25 -35.00 -3.94
N TRP C 214 -41.37 -34.37 -3.17
CA TRP C 214 -41.78 -33.67 -1.96
C TRP C 214 -43.02 -32.83 -2.24
N ALA C 215 -43.00 -32.08 -3.33
CA ALA C 215 -44.11 -31.18 -3.62
C ALA C 215 -45.40 -31.96 -3.87
N VAL C 216 -45.31 -33.02 -4.68
CA VAL C 216 -46.49 -33.84 -4.94
C VAL C 216 -47.07 -34.34 -3.63
N ALA C 217 -46.22 -34.92 -2.78
CA ALA C 217 -46.71 -35.40 -1.49
C ALA C 217 -47.37 -34.28 -0.72
N ARG C 218 -46.65 -33.18 -0.49
CA ARG C 218 -47.24 -32.21 0.40
C ARG C 218 -48.51 -31.67 -0.22
N LEU C 219 -48.50 -31.42 -1.53
CA LEU C 219 -49.68 -30.81 -2.14
C LEU C 219 -50.86 -31.78 -2.22
N SER C 220 -50.60 -33.09 -2.39
CA SER C 220 -51.69 -34.05 -2.41
C SER C 220 -52.35 -34.20 -1.04
N GLN C 221 -51.59 -34.07 0.05
CA GLN C 221 -52.20 -34.04 1.38
C GLN C 221 -53.13 -32.84 1.54
N ARG C 222 -52.68 -31.67 1.07
CA ARG C 222 -53.39 -30.43 1.32
C ARG C 222 -54.65 -30.34 0.45
N PHE C 223 -54.56 -30.82 -0.80
CA PHE C 223 -55.60 -30.68 -1.80
C PHE C 223 -56.10 -32.05 -2.28
N PRO C 224 -56.52 -32.90 -1.35
CA PRO C 224 -56.74 -34.31 -1.71
C PRO C 224 -57.85 -34.52 -2.73
N LYS C 225 -58.71 -33.53 -2.94
CA LYS C 225 -59.77 -33.66 -3.96
C LYS C 225 -59.30 -33.28 -5.35
N ALA C 226 -58.16 -32.59 -5.47
CA ALA C 226 -57.71 -32.15 -6.78
C ALA C 226 -57.33 -33.35 -7.64
N GLU C 227 -57.64 -33.27 -8.93
CA GLU C 227 -57.27 -34.33 -9.85
C GLU C 227 -55.74 -34.42 -9.94
N PHE C 228 -55.22 -35.61 -10.26
CA PHE C 228 -53.77 -35.79 -10.31
C PHE C 228 -53.08 -34.76 -11.25
N ALA C 229 -53.66 -34.53 -12.44
CA ALA C 229 -53.04 -33.56 -13.35
C ALA C 229 -53.03 -32.16 -12.77
N GLU C 230 -54.06 -31.79 -11.98
CA GLU C 230 -54.05 -30.47 -11.35
C GLU C 230 -52.93 -30.35 -10.33
N VAL C 231 -52.79 -31.34 -9.43
CA VAL C 231 -51.68 -31.30 -8.49
C VAL C 231 -50.38 -31.18 -9.28
N SER C 232 -50.24 -32.00 -10.33
CA SER C 232 -49.04 -31.94 -11.16
C SER C 232 -48.80 -30.55 -11.75
N LYS C 233 -49.87 -29.88 -12.26
CA LYS C 233 -49.70 -28.52 -12.78
C LYS C 233 -49.16 -27.60 -11.70
N LEU C 234 -49.80 -27.60 -10.52
CA LEU C 234 -49.34 -26.76 -9.41
C LEU C 234 -47.92 -27.13 -9.01
N VAL C 235 -47.63 -28.42 -8.93
CA VAL C 235 -46.26 -28.83 -8.58
C VAL C 235 -45.26 -28.21 -9.53
N THR C 236 -45.55 -28.22 -10.82
CA THR C 236 -44.58 -27.70 -11.76
C THR C 236 -44.39 -26.20 -11.52
N ASP C 237 -45.49 -25.48 -11.31
CA ASP C 237 -45.40 -24.05 -11.08
C ASP C 237 -44.62 -23.75 -9.80
N LEU C 238 -44.87 -24.55 -8.76
CA LEU C 238 -44.24 -24.39 -7.46
C LEU C 238 -42.73 -24.64 -7.53
N THR C 239 -42.34 -25.61 -8.37
CA THR C 239 -40.93 -25.91 -8.55
C THR C 239 -40.21 -24.82 -9.38
N LYS C 240 -40.87 -24.22 -10.37
CA LYS C 240 -40.20 -23.13 -11.08
C LYS C 240 -39.95 -21.96 -10.14
N VAL C 241 -40.89 -21.72 -9.21
CA VAL C 241 -40.76 -20.61 -8.27
C VAL C 241 -39.55 -20.83 -7.36
N HIS C 242 -39.45 -22.00 -6.74
CA HIS C 242 -38.37 -22.21 -5.76
C HIS C 242 -37.02 -22.35 -6.43
N THR C 243 -36.99 -22.86 -7.67
CA THR C 243 -35.77 -22.83 -8.43
C THR C 243 -35.31 -21.39 -8.67
N GLU C 244 -36.27 -20.52 -8.98
CA GLU C 244 -35.90 -19.15 -9.29
C GLU C 244 -35.44 -18.42 -8.05
N CYS C 245 -36.09 -18.61 -6.87
CA CYS C 245 -35.59 -17.86 -5.72
C CYS C 245 -34.31 -18.48 -5.19
N CYS C 246 -34.24 -19.82 -5.15
CA CYS C 246 -33.03 -20.47 -4.62
C CYS C 246 -31.77 -20.17 -5.45
N HIS C 247 -31.92 -19.72 -6.69
CA HIS C 247 -30.77 -19.41 -7.56
C HIS C 247 -30.61 -17.93 -7.81
N GLY C 248 -31.29 -17.09 -7.02
CA GLY C 248 -31.09 -15.66 -7.03
C GLY C 248 -32.01 -14.87 -7.91
N ASP C 249 -32.88 -15.50 -8.66
CA ASP C 249 -33.70 -14.78 -9.64
C ASP C 249 -34.95 -14.28 -8.92
N LEU C 250 -34.70 -13.28 -8.06
CA LEU C 250 -35.72 -12.85 -7.11
C LEU C 250 -36.90 -12.18 -7.82
N LEU C 251 -36.63 -11.27 -8.76
CA LEU C 251 -37.73 -10.63 -9.44
C LEU C 251 -38.62 -11.67 -10.10
N GLU C 252 -38.00 -12.68 -10.72
CA GLU C 252 -38.78 -13.66 -11.46
C GLU C 252 -39.61 -14.53 -10.52
N CYS C 253 -39.07 -14.91 -9.34
CA CYS C 253 -39.89 -15.76 -8.50
C CYS C 253 -40.96 -15.01 -7.74
N ALA C 254 -40.70 -13.76 -7.35
CA ALA C 254 -41.77 -12.99 -6.76
C ALA C 254 -42.91 -12.85 -7.76
N ASP C 255 -42.59 -12.51 -9.00
CA ASP C 255 -43.64 -12.41 -10.00
C ASP C 255 -44.31 -13.75 -10.22
N ASP C 256 -43.54 -14.83 -10.25
CA ASP C 256 -44.19 -16.10 -10.55
C ASP C 256 -45.01 -16.61 -9.38
N ARG C 257 -44.62 -16.27 -8.16
CA ARG C 257 -45.41 -16.70 -7.03
C ARG C 257 -46.75 -16.00 -7.02
N ALA C 258 -46.78 -14.72 -7.34
CA ALA C 258 -48.05 -14.00 -7.51
C ALA C 258 -48.93 -14.69 -8.53
N ASP C 259 -48.39 -14.94 -9.73
CA ASP C 259 -49.17 -15.61 -10.76
C ASP C 259 -49.71 -16.93 -10.24
N LEU C 260 -48.92 -17.64 -9.44
CA LEU C 260 -49.40 -18.94 -8.96
C LEU C 260 -50.55 -18.74 -8.00
N ALA C 261 -50.40 -17.79 -7.08
CA ALA C 261 -51.49 -17.44 -6.19
C ALA C 261 -52.74 -17.06 -6.98
N LYS C 262 -52.58 -16.19 -7.98
CA LYS C 262 -53.71 -15.83 -8.82
C LYS C 262 -54.36 -17.07 -9.43
N TYR C 263 -53.56 -17.98 -10.00
CA TYR C 263 -54.15 -19.19 -10.60
C TYR C 263 -54.97 -19.98 -9.58
N ILE C 264 -54.40 -20.25 -8.39
CA ILE C 264 -55.05 -21.09 -7.38
C ILE C 264 -56.39 -20.50 -6.98
N CYS C 265 -56.42 -19.19 -6.71
CA CYS C 265 -57.68 -18.56 -6.33
C CYS C 265 -58.69 -18.59 -7.47
N GLU C 266 -58.22 -18.42 -8.70
CA GLU C 266 -59.11 -18.51 -9.85
C GLU C 266 -59.63 -19.93 -10.07
N ASN C 267 -58.99 -20.95 -9.51
CA ASN C 267 -59.45 -22.31 -9.74
C ASN C 267 -59.67 -23.03 -8.40
N GLN C 268 -60.19 -22.30 -7.41
CA GLN C 268 -60.43 -22.89 -6.12
C GLN C 268 -61.22 -24.19 -6.22
N ASP C 269 -62.33 -24.16 -6.97
CA ASP C 269 -63.24 -25.30 -7.03
C ASP C 269 -62.55 -26.56 -7.51
N SER C 270 -61.58 -26.44 -8.41
CA SER C 270 -60.81 -27.60 -8.82
C SER C 270 -59.67 -27.96 -7.86
N ILE C 271 -59.57 -27.31 -6.69
CA ILE C 271 -58.36 -27.45 -5.88
C ILE C 271 -58.70 -27.76 -4.43
N SER C 272 -59.43 -26.85 -3.79
CA SER C 272 -59.72 -27.03 -2.38
C SER C 272 -60.90 -26.17 -1.99
N SER C 273 -61.58 -26.59 -0.94
CA SER C 273 -62.66 -25.81 -0.38
C SER C 273 -62.18 -24.89 0.73
N LYS C 274 -60.89 -24.92 1.04
CA LYS C 274 -60.39 -24.21 2.20
C LYS C 274 -59.70 -22.89 1.87
N LEU C 275 -59.68 -22.48 0.59
CA LEU C 275 -58.97 -21.31 0.11
C LEU C 275 -59.80 -20.03 0.08
N LYS C 276 -61.09 -20.08 0.42
CA LYS C 276 -61.94 -18.94 0.14
C LYS C 276 -61.48 -17.69 0.89
N GLU C 277 -61.13 -17.82 2.17
CA GLU C 277 -60.69 -16.66 2.94
C GLU C 277 -59.29 -16.20 2.51
N CYS C 278 -58.41 -17.14 2.19
CA CYS C 278 -57.12 -16.71 1.66
C CYS C 278 -57.30 -15.78 0.47
N CYS C 279 -58.21 -16.13 -0.42
CA CYS C 279 -58.22 -15.51 -1.72
C CYS C 279 -58.84 -14.14 -1.71
N GLU C 280 -59.41 -13.72 -0.60
CA GLU C 280 -59.92 -12.36 -0.43
C GLU C 280 -58.89 -11.44 0.22
N LYS C 281 -57.73 -11.95 0.56
CA LYS C 281 -56.69 -11.11 1.13
C LYS C 281 -55.87 -10.44 0.04
N PRO C 282 -55.14 -9.39 0.39
CA PRO C 282 -54.32 -8.66 -0.59
C PRO C 282 -53.04 -9.45 -0.89
N LEU C 283 -52.29 -8.93 -1.87
CA LEU C 283 -51.34 -9.76 -2.62
C LEU C 283 -50.37 -10.53 -1.72
N LEU C 284 -49.67 -9.84 -0.81
CA LEU C 284 -48.65 -10.56 -0.05
C LEU C 284 -49.26 -11.46 1.01
N GLU C 285 -50.35 -11.01 1.65
CA GLU C 285 -51.00 -11.84 2.64
C GLU C 285 -51.64 -13.06 1.97
N LYS C 286 -52.21 -12.87 0.78
CA LYS C 286 -52.82 -13.98 0.06
C LYS C 286 -51.86 -15.14 -0.11
N SER C 287 -50.66 -14.90 -0.67
CA SER C 287 -49.73 -16.01 -0.88
C SER C 287 -49.35 -16.66 0.43
N HIS C 288 -49.23 -15.87 1.48
CA HIS C 288 -48.85 -16.45 2.77
C HIS C 288 -49.96 -17.35 3.30
N CYS C 289 -51.21 -16.89 3.22
CA CYS C 289 -52.34 -17.69 3.67
C CYS C 289 -52.40 -19.03 2.91
N ILE C 290 -52.30 -18.97 1.58
CA ILE C 290 -52.40 -20.20 0.81
C ILE C 290 -51.35 -21.20 1.26
N ALA C 291 -50.12 -20.76 1.50
CA ALA C 291 -49.15 -21.81 1.78
C ALA C 291 -49.26 -22.38 3.19
N GLU C 292 -50.11 -21.81 4.04
CA GLU C 292 -50.33 -22.27 5.39
C GLU C 292 -51.70 -22.95 5.54
N VAL C 293 -52.43 -23.16 4.43
CA VAL C 293 -53.87 -23.47 4.53
C VAL C 293 -54.07 -24.91 5.01
N GLU C 294 -55.18 -25.12 5.68
CA GLU C 294 -55.52 -26.42 6.24
C GLU C 294 -55.75 -27.45 5.14
N ASN C 295 -55.47 -28.71 5.47
CA ASN C 295 -55.78 -29.78 4.56
C ASN C 295 -57.30 -29.84 4.36
N ASP C 296 -57.73 -30.01 3.10
CA ASP C 296 -59.13 -30.26 2.85
C ASP C 296 -59.51 -31.65 3.32
N GLU C 297 -60.80 -31.88 3.48
CA GLU C 297 -61.30 -33.22 3.74
C GLU C 297 -60.97 -34.14 2.58
N MET C 298 -60.62 -35.39 2.87
CA MET C 298 -60.41 -36.20 1.69
C MET C 298 -61.73 -36.69 1.14
N PRO C 299 -61.81 -36.92 -0.17
CA PRO C 299 -63.08 -37.34 -0.76
C PRO C 299 -63.58 -38.63 -0.12
N ALA C 300 -64.88 -38.86 -0.31
CA ALA C 300 -65.66 -39.81 0.47
C ALA C 300 -65.13 -41.24 0.39
N ASP C 301 -65.28 -41.92 -0.75
CA ASP C 301 -65.14 -43.37 -0.67
C ASP C 301 -63.99 -43.94 -1.47
N LEU C 302 -62.79 -43.52 -1.15
CA LEU C 302 -61.64 -43.82 -2.01
C LEU C 302 -61.32 -45.30 -1.97
N PRO C 303 -61.09 -45.94 -3.11
CA PRO C 303 -60.64 -47.32 -3.10
C PRO C 303 -59.26 -47.46 -2.47
N SER C 304 -58.99 -48.65 -1.96
CA SER C 304 -57.64 -49.04 -1.57
C SER C 304 -56.71 -49.11 -2.79
N LEU C 305 -55.42 -48.84 -2.54
CA LEU C 305 -54.39 -48.86 -3.58
C LEU C 305 -53.93 -50.26 -3.99
N ALA C 306 -54.17 -51.29 -3.18
CA ALA C 306 -53.50 -52.55 -3.39
C ALA C 306 -53.73 -53.11 -4.79
N ALA C 307 -54.95 -52.93 -5.30
CA ALA C 307 -55.30 -53.56 -6.57
C ALA C 307 -54.47 -53.00 -7.73
N ASP C 308 -54.45 -51.67 -7.88
CA ASP C 308 -53.77 -51.07 -9.04
C ASP C 308 -52.26 -51.09 -8.88
N PHE C 309 -51.74 -51.08 -7.65
CA PHE C 309 -50.29 -50.93 -7.47
C PHE C 309 -49.57 -52.14 -6.89
N VAL C 310 -50.26 -53.22 -6.52
CA VAL C 310 -49.55 -54.33 -5.90
C VAL C 310 -50.04 -55.67 -6.40
N GLU C 311 -51.35 -55.83 -6.54
CA GLU C 311 -51.93 -57.14 -6.81
C GLU C 311 -52.22 -57.36 -8.29
N SER C 312 -52.38 -56.30 -9.07
CA SER C 312 -52.52 -56.44 -10.51
C SER C 312 -51.29 -57.13 -11.12
N LYS C 313 -51.52 -57.95 -12.14
CA LYS C 313 -50.41 -58.54 -12.87
C LYS C 313 -49.71 -57.55 -13.80
N ASP C 314 -50.31 -56.38 -14.06
CA ASP C 314 -49.87 -55.40 -15.04
C ASP C 314 -49.02 -54.29 -14.44
N VAL C 315 -48.57 -54.44 -13.20
CA VAL C 315 -47.83 -53.35 -12.57
C VAL C 315 -46.65 -52.95 -13.44
N CYS C 316 -45.91 -53.94 -13.91
CA CYS C 316 -44.64 -53.64 -14.57
C CYS C 316 -44.87 -52.97 -15.91
N LYS C 317 -45.85 -53.43 -16.69
CA LYS C 317 -46.18 -52.79 -17.96
C LYS C 317 -46.62 -51.33 -17.74
N ASN C 318 -47.47 -51.09 -16.75
CA ASN C 318 -47.97 -49.73 -16.61
C ASN C 318 -46.87 -48.80 -16.10
N TYR C 319 -45.97 -49.33 -15.28
CA TYR C 319 -44.86 -48.54 -14.79
C TYR C 319 -43.92 -48.11 -15.93
N ALA C 320 -43.62 -49.06 -16.84
CA ALA C 320 -42.63 -48.83 -17.88
C ALA C 320 -43.08 -47.84 -18.93
N GLU C 321 -44.38 -47.68 -19.16
CA GLU C 321 -44.85 -46.72 -20.16
C GLU C 321 -44.54 -45.30 -19.73
N ALA C 322 -44.42 -45.07 -18.43
CA ALA C 322 -44.17 -43.74 -17.92
C ALA C 322 -43.77 -43.81 -16.45
N LYS C 323 -42.50 -44.16 -16.19
CA LYS C 323 -42.07 -44.39 -14.82
C LYS C 323 -42.38 -43.19 -13.93
N ASP C 324 -42.07 -41.98 -14.39
CA ASP C 324 -42.29 -40.84 -13.51
C ASP C 324 -43.77 -40.59 -13.24
N VAL C 325 -44.64 -40.86 -14.21
CA VAL C 325 -46.06 -40.64 -14.00
C VAL C 325 -46.60 -41.72 -13.08
N PHE C 326 -46.17 -42.96 -13.27
CA PHE C 326 -46.68 -44.03 -12.43
C PHE C 326 -46.30 -43.81 -10.97
N LEU C 327 -45.05 -43.43 -10.69
CA LEU C 327 -44.67 -43.21 -9.29
C LEU C 327 -45.37 -41.97 -8.75
N GLY C 328 -45.51 -40.93 -9.59
CA GLY C 328 -46.22 -39.73 -9.18
C GLY C 328 -47.64 -40.02 -8.73
N MET C 329 -48.37 -40.82 -9.52
CA MET C 329 -49.71 -41.23 -9.12
C MET C 329 -49.67 -41.97 -7.79
N PHE C 330 -48.74 -42.91 -7.67
CA PHE C 330 -48.67 -43.70 -6.45
C PHE C 330 -48.50 -42.78 -5.24
N LEU C 331 -47.56 -41.84 -5.34
CA LEU C 331 -47.36 -40.91 -4.25
C LEU C 331 -48.62 -40.07 -4.01
N TYR C 332 -49.20 -39.54 -5.09
CA TYR C 332 -50.42 -38.74 -4.96
C TYR C 332 -51.54 -39.55 -4.29
N GLU C 333 -51.73 -40.80 -4.71
CA GLU C 333 -52.81 -41.58 -4.13
C GLU C 333 -52.56 -41.83 -2.64
N TYR C 334 -51.31 -42.13 -2.30
CA TYR C 334 -51.02 -42.45 -0.92
C TYR C 334 -51.09 -41.20 -0.04
N ALA C 335 -50.46 -40.11 -0.49
CA ALA C 335 -50.46 -38.89 0.31
C ALA C 335 -51.87 -38.37 0.55
N ARG C 336 -52.74 -38.35 -0.48
CA ARG C 336 -54.05 -37.77 -0.25
C ARG C 336 -54.88 -38.60 0.75
N ARG C 337 -54.57 -39.87 0.93
CA ARG C 337 -55.29 -40.68 1.92
C ARG C 337 -54.67 -40.62 3.31
N HIS C 338 -53.52 -39.96 3.45
CA HIS C 338 -52.72 -40.02 4.69
C HIS C 338 -52.22 -38.64 5.07
N PRO C 339 -53.12 -37.74 5.41
CA PRO C 339 -52.67 -36.48 6.00
C PRO C 339 -51.94 -36.69 7.31
N ASP C 340 -52.16 -37.85 7.97
CA ASP C 340 -51.52 -38.21 9.24
C ASP C 340 -50.09 -38.69 9.11
N TYR C 341 -49.55 -38.88 7.92
CA TYR C 341 -48.16 -39.26 7.73
C TYR C 341 -47.33 -38.01 7.46
N SER C 342 -46.09 -38.01 7.93
CA SER C 342 -45.21 -36.94 7.54
C SER C 342 -44.89 -37.02 6.04
N VAL C 343 -44.59 -35.87 5.45
CA VAL C 343 -44.19 -35.87 4.04
C VAL C 343 -42.99 -36.78 3.85
N VAL C 344 -42.02 -36.67 4.74
CA VAL C 344 -40.79 -37.41 4.55
C VAL C 344 -41.05 -38.92 4.69
N LEU C 345 -42.04 -39.30 5.49
CA LEU C 345 -42.40 -40.72 5.51
C LEU C 345 -43.04 -41.15 4.19
N LEU C 346 -43.90 -40.29 3.62
CA LEU C 346 -44.48 -40.60 2.31
C LEU C 346 -43.39 -40.75 1.25
N LEU C 347 -42.40 -39.85 1.24
CA LEU C 347 -41.30 -40.06 0.31
C LEU C 347 -40.54 -41.34 0.66
N ARG C 348 -40.34 -41.60 1.96
CA ARG C 348 -39.71 -42.86 2.34
C ARG C 348 -40.49 -44.05 1.77
N LEU C 349 -41.84 -43.96 1.79
CA LEU C 349 -42.62 -45.05 1.22
C LEU C 349 -42.51 -45.10 -0.30
N ALA C 350 -42.54 -43.95 -0.97
CA ALA C 350 -42.41 -44.01 -2.42
C ALA C 350 -41.05 -44.58 -2.82
N LYS C 351 -39.96 -44.18 -2.14
CA LYS C 351 -38.66 -44.75 -2.49
C LYS C 351 -38.68 -46.28 -2.39
N THR C 352 -39.34 -46.81 -1.35
CA THR C 352 -39.37 -48.26 -1.22
C THR C 352 -40.16 -48.89 -2.36
N TYR C 353 -41.27 -48.27 -2.74
CA TYR C 353 -42.04 -48.79 -3.87
C TYR C 353 -41.19 -48.78 -5.15
N GLU C 354 -40.59 -47.63 -5.48
CA GLU C 354 -39.78 -47.57 -6.68
C GLU C 354 -38.72 -48.65 -6.67
N THR C 355 -37.93 -48.68 -5.60
CA THR C 355 -36.85 -49.67 -5.51
C THR C 355 -37.37 -51.07 -5.73
N THR C 356 -38.53 -51.39 -5.15
CA THR C 356 -39.09 -52.72 -5.33
C THR C 356 -39.44 -52.96 -6.78
N LEU C 357 -40.04 -51.96 -7.43
CA LEU C 357 -40.46 -52.09 -8.81
C LEU C 357 -39.26 -52.28 -9.75
N GLU C 358 -38.23 -51.48 -9.57
CA GLU C 358 -36.99 -51.66 -10.33
C GLU C 358 -36.43 -53.06 -10.16
N LYS C 359 -36.34 -53.56 -8.93
CA LYS C 359 -35.86 -54.91 -8.72
C LYS C 359 -36.85 -55.95 -9.25
N CYS C 360 -38.12 -55.80 -8.93
CA CYS C 360 -39.03 -56.91 -9.23
C CYS C 360 -39.38 -56.98 -10.72
N CYS C 361 -39.46 -55.83 -11.39
CA CYS C 361 -39.82 -55.88 -12.79
C CYS C 361 -38.70 -56.42 -13.68
N ALA C 362 -37.48 -56.56 -13.16
CA ALA C 362 -36.40 -57.24 -13.87
C ALA C 362 -36.31 -58.72 -13.57
N ALA C 363 -37.06 -59.23 -12.59
CA ALA C 363 -36.90 -60.61 -12.16
C ALA C 363 -37.81 -61.56 -12.94
N ALA C 364 -37.75 -62.84 -12.57
CA ALA C 364 -38.38 -63.90 -13.36
C ALA C 364 -39.90 -63.84 -13.23
N ASP C 365 -40.41 -63.88 -12.00
CA ASP C 365 -41.84 -63.82 -11.72
C ASP C 365 -42.09 -62.49 -11.02
N PRO C 366 -42.31 -61.40 -11.75
CA PRO C 366 -42.35 -60.10 -11.07
C PRO C 366 -43.52 -60.00 -10.13
N HIS C 367 -44.67 -60.57 -10.50
CA HIS C 367 -45.85 -60.40 -9.68
C HIS C 367 -45.62 -60.99 -8.30
N GLU C 368 -44.94 -62.14 -8.25
CA GLU C 368 -44.78 -62.80 -6.96
C GLU C 368 -43.81 -62.09 -6.04
N CYS C 369 -42.90 -61.25 -6.54
CA CYS C 369 -42.05 -60.58 -5.55
C CYS C 369 -42.58 -59.22 -5.14
N TYR C 370 -43.32 -58.49 -6.00
CA TYR C 370 -43.85 -57.22 -5.50
C TYR C 370 -45.19 -57.36 -4.80
N ALA C 371 -45.79 -58.56 -4.77
CA ALA C 371 -47.03 -58.75 -4.02
C ALA C 371 -46.86 -58.35 -2.56
N LYS C 372 -45.65 -58.41 -2.03
CA LYS C 372 -45.39 -58.21 -0.63
C LYS C 372 -44.92 -56.80 -0.31
N VAL C 373 -45.06 -55.86 -1.23
CA VAL C 373 -44.34 -54.61 -0.99
C VAL C 373 -44.97 -53.80 0.14
N PHE C 374 -46.27 -53.96 0.39
CA PHE C 374 -46.83 -53.17 1.49
C PHE C 374 -46.37 -53.67 2.85
N ASP C 375 -46.02 -54.96 2.95
CA ASP C 375 -45.47 -55.46 4.20
C ASP C 375 -44.19 -54.72 4.57
N GLU C 376 -43.46 -54.22 3.58
CA GLU C 376 -42.30 -53.36 3.86
C GLU C 376 -42.71 -51.99 4.40
N PHE C 377 -43.95 -51.54 4.16
CA PHE C 377 -44.31 -50.21 4.63
C PHE C 377 -44.55 -50.19 6.14
N LYS C 378 -45.05 -51.27 6.73
CA LYS C 378 -45.43 -51.29 8.14
C LYS C 378 -44.30 -50.83 9.04
N PRO C 379 -43.13 -51.45 9.00
CA PRO C 379 -42.03 -50.94 9.84
C PRO C 379 -41.71 -49.49 9.56
N LEU C 380 -41.69 -49.08 8.29
CA LEU C 380 -41.37 -47.70 7.97
C LEU C 380 -42.40 -46.73 8.56
N VAL C 381 -43.64 -47.18 8.76
CA VAL C 381 -44.68 -46.34 9.32
C VAL C 381 -44.60 -46.34 10.84
N GLU C 382 -44.32 -47.49 11.45
CA GLU C 382 -44.33 -47.59 12.91
C GLU C 382 -43.11 -46.94 13.57
N GLU C 383 -41.95 -46.91 12.90
CA GLU C 383 -40.78 -46.28 13.52
C GLU C 383 -41.06 -44.83 13.89
N PRO C 384 -41.54 -43.98 12.98
CA PRO C 384 -41.81 -42.61 13.38
C PRO C 384 -42.95 -42.51 14.36
N GLN C 385 -44.01 -43.31 14.19
CA GLN C 385 -45.13 -43.22 15.13
C GLN C 385 -44.66 -43.45 16.56
N ASN C 386 -43.71 -44.38 16.77
CA ASN C 386 -43.27 -44.70 18.13
C ASN C 386 -42.26 -43.72 18.65
N LEU C 387 -41.37 -43.24 17.78
CA LEU C 387 -40.43 -42.20 18.20
C LEU C 387 -41.17 -40.99 18.73
N ILE C 388 -42.17 -40.52 17.98
CA ILE C 388 -42.98 -39.40 18.43
C ILE C 388 -43.69 -39.76 19.73
N LYS C 389 -44.29 -40.95 19.78
CA LYS C 389 -45.07 -41.31 20.96
C LYS C 389 -44.20 -41.35 22.20
N GLN C 390 -42.99 -41.93 22.09
CA GLN C 390 -42.10 -41.97 23.25
C GLN C 390 -41.60 -40.57 23.61
N ASN C 391 -41.20 -39.77 22.61
CA ASN C 391 -40.64 -38.49 23.00
C ASN C 391 -41.70 -37.50 23.47
N CYS C 392 -42.96 -37.68 23.06
CA CYS C 392 -43.97 -36.78 23.60
C CYS C 392 -44.28 -37.13 25.06
N GLU C 393 -44.22 -38.42 25.42
CA GLU C 393 -44.32 -38.78 26.85
C GLU C 393 -43.17 -38.17 27.64
N LEU C 394 -41.95 -38.26 27.10
CA LEU C 394 -40.83 -37.61 27.75
C LEU C 394 -41.09 -36.13 27.93
N PHE C 395 -41.56 -35.47 26.87
CA PHE C 395 -41.81 -34.04 26.94
C PHE C 395 -42.89 -33.70 27.96
N GLU C 396 -43.97 -34.50 28.02
CA GLU C 396 -45.07 -34.15 28.91
C GLU C 396 -44.65 -34.20 30.37
N GLN C 397 -43.72 -35.07 30.73
CA GLN C 397 -43.34 -35.15 32.14
C GLN C 397 -42.16 -34.27 32.49
N LEU C 398 -41.53 -33.64 31.51
CA LEU C 398 -40.27 -32.95 31.69
C LEU C 398 -40.32 -31.44 31.46
N GLY C 399 -41.19 -30.93 30.60
CA GLY C 399 -41.15 -29.53 30.22
C GLY C 399 -40.09 -29.25 29.15
N GLU C 400 -40.20 -28.07 28.53
CA GLU C 400 -39.32 -27.73 27.41
C GLU C 400 -37.85 -27.69 27.80
N TYR C 401 -37.51 -27.01 28.90
CA TYR C 401 -36.11 -26.89 29.28
C TYR C 401 -35.52 -28.27 29.57
N LYS C 402 -36.13 -29.01 30.50
CA LYS C 402 -35.59 -30.31 30.87
C LYS C 402 -35.64 -31.30 29.70
N PHE C 403 -36.61 -31.14 28.80
CA PHE C 403 -36.67 -31.98 27.61
C PHE C 403 -35.54 -31.66 26.66
N GLN C 404 -35.26 -30.36 26.48
CA GLN C 404 -34.07 -30.00 25.71
C GLN C 404 -32.80 -30.59 26.33
N ASN C 405 -32.68 -30.55 27.66
CA ASN C 405 -31.48 -31.13 28.25
C ASN C 405 -31.37 -32.62 27.92
N ALA C 406 -32.49 -33.34 27.90
CA ALA C 406 -32.42 -34.77 27.58
C ALA C 406 -31.94 -34.97 26.15
N LEU C 407 -32.51 -34.23 25.19
CA LEU C 407 -31.99 -34.32 23.83
C LEU C 407 -30.56 -33.80 23.76
N LEU C 408 -30.22 -32.84 24.61
CA LEU C 408 -28.86 -32.34 24.64
C LEU C 408 -27.87 -33.46 24.92
N VAL C 409 -28.06 -34.18 26.03
CA VAL C 409 -27.13 -35.27 26.29
C VAL C 409 -27.29 -36.34 25.23
N ARG C 410 -28.53 -36.62 24.82
CA ARG C 410 -28.72 -37.65 23.80
C ARG C 410 -27.88 -37.36 22.57
N TYR C 411 -28.00 -36.15 22.03
CA TYR C 411 -27.28 -35.89 20.80
C TYR C 411 -25.80 -35.67 21.04
N THR C 412 -25.41 -35.15 22.21
CA THR C 412 -23.99 -34.99 22.48
C THR C 412 -23.29 -36.35 22.52
N LYS C 413 -23.94 -37.37 23.08
CA LYS C 413 -23.30 -38.67 23.05
C LYS C 413 -23.33 -39.29 21.67
N LYS C 414 -24.27 -38.89 20.80
CA LYS C 414 -24.32 -39.44 19.45
C LYS C 414 -23.19 -38.88 18.58
N VAL C 415 -22.91 -37.59 18.65
CA VAL C 415 -21.92 -36.96 17.78
C VAL C 415 -21.06 -36.00 18.60
N PRO C 416 -20.28 -36.52 19.56
CA PRO C 416 -19.55 -35.64 20.47
C PRO C 416 -18.57 -34.73 19.80
N GLN C 417 -18.16 -35.06 18.59
CA GLN C 417 -17.12 -34.25 17.94
C GLN C 417 -17.65 -32.87 17.52
N VAL C 418 -18.97 -32.67 17.51
CA VAL C 418 -19.55 -31.40 17.08
C VAL C 418 -19.26 -30.32 18.10
N SER C 419 -19.13 -29.10 17.60
CA SER C 419 -18.84 -27.99 18.48
C SER C 419 -19.95 -27.81 19.50
N THR C 420 -19.59 -27.36 20.68
CA THR C 420 -20.61 -27.14 21.71
C THR C 420 -21.70 -26.21 21.22
N PRO C 421 -21.39 -25.04 20.66
CA PRO C 421 -22.47 -24.13 20.24
C PRO C 421 -23.44 -24.76 19.27
N THR C 422 -22.95 -25.46 18.26
CA THR C 422 -23.85 -26.12 17.32
C THR C 422 -24.72 -27.16 18.03
N LEU C 423 -24.14 -27.94 18.92
CA LEU C 423 -24.93 -28.89 19.71
C LEU C 423 -25.98 -28.18 20.55
N VAL C 424 -25.62 -27.06 21.18
CA VAL C 424 -26.60 -26.36 22.00
C VAL C 424 -27.73 -25.82 21.14
N GLU C 425 -27.39 -25.28 19.96
CA GLU C 425 -28.42 -24.72 19.09
C GLU C 425 -29.32 -25.80 18.52
N VAL C 426 -28.73 -26.86 17.94
CA VAL C 426 -29.56 -27.94 17.39
C VAL C 426 -30.42 -28.56 18.48
N SER C 427 -29.81 -28.96 19.61
CA SER C 427 -30.58 -29.61 20.67
C SER C 427 -31.74 -28.74 21.12
N ARG C 428 -31.50 -27.45 21.32
CA ARG C 428 -32.58 -26.60 21.77
C ARG C 428 -33.71 -26.53 20.74
N ASN C 429 -33.38 -26.42 19.45
CA ASN C 429 -34.41 -26.40 18.43
C ASN C 429 -35.10 -27.75 18.29
N LEU C 430 -34.35 -28.85 18.33
CA LEU C 430 -34.99 -30.16 18.34
C LEU C 430 -36.06 -30.23 19.43
N GLY C 431 -35.76 -29.67 20.61
CA GLY C 431 -36.66 -29.78 21.75
C GLY C 431 -37.94 -28.99 21.62
N LYS C 432 -38.01 -28.07 20.67
CA LYS C 432 -39.26 -27.35 20.48
C LYS C 432 -40.35 -28.16 19.76
N VAL C 433 -40.05 -29.37 19.24
CA VAL C 433 -41.14 -30.23 18.74
C VAL C 433 -42.18 -30.43 19.83
N GLY C 434 -41.73 -30.52 21.08
CA GLY C 434 -42.65 -30.70 22.18
C GLY C 434 -43.73 -29.65 22.15
N SER C 435 -43.35 -28.41 22.43
CA SER C 435 -44.30 -27.31 22.39
C SER C 435 -45.03 -27.25 21.06
N LYS C 436 -44.32 -27.46 19.95
CA LYS C 436 -44.96 -27.26 18.67
C LYS C 436 -45.99 -28.36 18.38
N CYS C 437 -45.68 -29.61 18.75
CA CYS C 437 -46.40 -30.75 18.18
C CYS C 437 -47.12 -31.65 19.18
N CYS C 438 -46.64 -31.78 20.42
CA CYS C 438 -47.22 -32.84 21.24
C CYS C 438 -48.61 -32.54 21.72
N LYS C 439 -49.08 -31.30 21.61
CA LYS C 439 -50.45 -30.96 21.96
C LYS C 439 -51.45 -31.60 21.00
N HIS C 440 -51.12 -31.66 19.70
CA HIS C 440 -52.03 -32.22 18.73
C HIS C 440 -52.32 -33.70 19.02
N PRO C 441 -53.49 -34.20 18.61
CA PRO C 441 -53.73 -35.65 18.70
C PRO C 441 -52.91 -36.38 17.66
N GLU C 442 -52.64 -37.65 17.93
CA GLU C 442 -51.69 -38.40 17.09
C GLU C 442 -52.01 -38.30 15.60
N ALA C 443 -53.27 -38.10 15.23
CA ALA C 443 -53.58 -37.98 13.81
C ALA C 443 -52.93 -36.77 13.16
N LYS C 444 -52.38 -35.84 13.93
CA LYS C 444 -51.70 -34.68 13.36
C LYS C 444 -50.28 -34.52 13.89
N ARG C 445 -49.85 -35.37 14.83
CA ARG C 445 -48.54 -35.28 15.44
C ARG C 445 -47.42 -35.60 14.46
N MET C 446 -47.56 -36.68 13.72
CA MET C 446 -46.40 -37.16 12.96
C MET C 446 -45.98 -36.15 11.90
N PRO C 447 -46.89 -35.59 11.11
CA PRO C 447 -46.48 -34.55 10.17
C PRO C 447 -45.96 -33.30 10.87
N CYS C 448 -46.62 -32.84 11.94
CA CYS C 448 -46.07 -31.70 12.67
C CYS C 448 -44.64 -31.94 13.03
N ALA C 449 -44.36 -33.07 13.67
CA ALA C 449 -43.07 -33.33 14.28
C ALA C 449 -42.01 -33.69 13.24
N GLU C 450 -42.28 -34.69 12.39
CA GLU C 450 -41.16 -35.16 11.60
C GLU C 450 -40.75 -34.15 10.56
N ASP C 451 -41.72 -33.42 10.01
CA ASP C 451 -41.40 -32.43 9.00
C ASP C 451 -40.57 -31.32 9.61
N TYR C 452 -40.89 -30.92 10.85
CA TYR C 452 -40.07 -29.96 11.61
C TYR C 452 -38.66 -30.50 11.88
N LEU C 453 -38.55 -31.75 12.34
CA LEU C 453 -37.22 -32.28 12.64
C LEU C 453 -36.31 -32.23 11.41
N SER C 454 -36.90 -32.46 10.22
CA SER C 454 -36.13 -32.37 8.99
C SER C 454 -35.49 -31.01 8.83
N VAL C 455 -36.25 -29.95 9.11
CA VAL C 455 -35.71 -28.60 9.02
C VAL C 455 -34.56 -28.44 10.00
N VAL C 456 -34.78 -28.83 11.26
CA VAL C 456 -33.71 -28.67 12.26
C VAL C 456 -32.47 -29.43 11.83
N LEU C 457 -32.62 -30.72 11.48
CA LEU C 457 -31.47 -31.51 11.08
C LEU C 457 -30.75 -30.90 9.87
N ASN C 458 -31.51 -30.35 8.92
CA ASN C 458 -30.81 -29.76 7.79
C ASN C 458 -30.01 -28.53 8.23
N GLN C 459 -30.46 -27.83 9.27
CA GLN C 459 -29.65 -26.74 9.78
C GLN C 459 -28.33 -27.28 10.33
N LEU C 460 -28.40 -28.41 11.03
CA LEU C 460 -27.18 -29.07 11.50
C LEU C 460 -26.26 -29.37 10.33
N CYS C 461 -26.82 -29.98 9.30
CA CYS C 461 -26.02 -30.35 8.14
C CYS C 461 -25.37 -29.14 7.50
N VAL C 462 -26.10 -28.03 7.35
CA VAL C 462 -25.47 -26.87 6.72
C VAL C 462 -24.39 -26.30 7.62
N LEU C 463 -24.67 -26.18 8.92
CA LEU C 463 -23.66 -25.71 9.85
C LEU C 463 -22.44 -26.60 9.82
N HIS C 464 -22.66 -27.92 9.89
CA HIS C 464 -21.54 -28.84 9.98
C HIS C 464 -20.74 -28.90 8.68
N GLU C 465 -21.41 -28.84 7.52
CA GLU C 465 -20.69 -28.94 6.26
C GLU C 465 -19.63 -27.85 6.14
N LYS C 466 -19.84 -26.70 6.77
CA LYS C 466 -18.92 -25.57 6.63
C LYS C 466 -17.55 -25.90 7.22
N THR C 467 -17.53 -26.48 8.42
CA THR C 467 -16.30 -26.90 9.06
C THR C 467 -16.58 -28.28 9.65
N PRO C 468 -16.34 -29.34 8.88
CA PRO C 468 -16.77 -30.68 9.29
C PRO C 468 -15.83 -31.29 10.31
N VAL C 469 -16.41 -32.05 11.25
CA VAL C 469 -15.69 -32.63 12.38
C VAL C 469 -16.16 -34.03 12.74
N SER C 470 -17.35 -34.41 12.28
CA SER C 470 -18.00 -35.67 12.65
C SER C 470 -18.33 -36.46 11.41
N ASP C 471 -17.63 -37.58 11.21
CA ASP C 471 -17.93 -38.41 10.05
C ASP C 471 -19.38 -38.89 10.07
N ARG C 472 -19.90 -39.18 11.26
CA ARG C 472 -21.26 -39.70 11.31
C ARG C 472 -22.26 -38.62 10.92
N VAL C 473 -22.06 -37.38 11.36
CA VAL C 473 -22.92 -36.28 10.91
C VAL C 473 -22.86 -36.15 9.40
N THR C 474 -21.65 -36.20 8.82
CA THR C 474 -21.55 -36.11 7.36
C THR C 474 -22.28 -37.25 6.65
N LYS C 475 -22.14 -38.48 7.16
CA LYS C 475 -22.81 -39.59 6.50
C LYS C 475 -24.33 -39.43 6.56
N CYS C 476 -24.87 -39.03 7.72
CA CYS C 476 -26.32 -38.93 7.83
C CYS C 476 -26.86 -37.80 6.96
N CYS C 477 -26.07 -36.75 6.73
CA CYS C 477 -26.54 -35.60 5.94
C CYS C 477 -26.54 -35.91 4.45
N THR C 478 -25.64 -36.78 4.05
CA THR C 478 -25.28 -37.03 2.68
C THR C 478 -26.05 -38.16 2.02
N GLU C 479 -26.53 -39.14 2.77
CA GLU C 479 -26.95 -40.38 2.11
C GLU C 479 -28.35 -40.31 1.58
N SER C 480 -29.15 -39.41 2.13
CA SER C 480 -30.55 -39.41 1.81
C SER C 480 -31.20 -38.30 2.60
N LEU C 481 -31.67 -37.28 1.88
CA LEU C 481 -32.46 -36.23 2.50
C LEU C 481 -33.64 -36.82 3.27
N VAL C 482 -34.37 -37.73 2.63
CA VAL C 482 -35.59 -38.27 3.20
C VAL C 482 -35.35 -39.07 4.46
N ASN C 483 -34.18 -39.68 4.60
CA ASN C 483 -33.91 -40.58 5.70
C ASN C 483 -33.02 -39.99 6.80
N ARG C 484 -32.75 -38.67 6.77
CA ARG C 484 -31.89 -38.07 7.78
C ARG C 484 -32.39 -38.33 9.19
N ARG C 485 -33.67 -38.04 9.45
CA ARG C 485 -34.13 -38.20 10.82
C ARG C 485 -34.00 -39.64 11.28
N PRO C 486 -34.38 -40.64 10.49
CA PRO C 486 -34.09 -42.02 10.91
C PRO C 486 -32.61 -42.26 11.09
N CYS C 487 -31.79 -41.79 10.14
CA CYS C 487 -30.35 -42.03 10.20
C CYS C 487 -29.78 -41.51 11.51
N PHE C 488 -30.25 -40.34 11.96
CA PHE C 488 -29.79 -39.81 13.24
C PHE C 488 -30.36 -40.61 14.40
N SER C 489 -31.68 -40.85 14.43
CA SER C 489 -32.26 -41.60 15.55
C SER C 489 -31.60 -42.95 15.72
N ALA C 490 -31.20 -43.58 14.61
CA ALA C 490 -30.63 -44.91 14.67
C ALA C 490 -29.21 -44.92 15.22
N LEU C 491 -28.54 -43.77 15.23
CA LEU C 491 -27.16 -43.65 15.71
C LEU C 491 -27.03 -44.10 17.16
N GLU C 492 -26.05 -44.95 17.42
CA GLU C 492 -25.74 -45.38 18.78
C GLU C 492 -24.75 -44.41 19.42
N VAL C 493 -24.52 -44.60 20.72
CA VAL C 493 -23.52 -43.83 21.45
C VAL C 493 -22.14 -44.04 20.82
N ASP C 494 -21.37 -42.96 20.71
CA ASP C 494 -20.01 -43.02 20.15
C ASP C 494 -19.02 -43.43 21.25
N GLU C 495 -18.64 -44.72 21.29
CA GLU C 495 -17.68 -45.17 22.30
C GLU C 495 -16.24 -45.02 21.87
N THR C 496 -15.97 -44.57 20.65
CA THR C 496 -14.58 -44.30 20.29
C THR C 496 -14.10 -42.94 20.78
N TYR C 497 -15.01 -42.09 21.29
CA TYR C 497 -14.66 -40.71 21.58
C TYR C 497 -13.82 -40.62 22.85
N VAL C 498 -12.71 -39.89 22.78
CA VAL C 498 -11.87 -39.70 23.95
C VAL C 498 -12.36 -38.55 24.82
N PRO C 499 -12.71 -38.80 26.08
CA PRO C 499 -13.28 -37.74 26.91
C PRO C 499 -12.41 -36.50 26.88
N LYS C 500 -13.07 -35.36 26.88
CA LYS C 500 -12.40 -34.07 26.94
C LYS C 500 -11.76 -33.88 28.31
N GLU C 501 -10.56 -33.33 28.32
CA GLU C 501 -9.85 -33.18 29.59
C GLU C 501 -10.58 -32.17 30.47
N PHE C 502 -10.52 -32.41 31.78
CA PHE C 502 -11.20 -31.53 32.70
C PHE C 502 -10.52 -30.17 32.75
N ASN C 503 -11.25 -29.14 32.38
CA ASN C 503 -10.83 -27.75 32.52
C ASN C 503 -11.70 -27.13 33.60
N ALA C 504 -11.07 -26.67 34.67
CA ALA C 504 -11.81 -26.20 35.84
C ALA C 504 -12.52 -24.89 35.58
N GLU C 505 -12.19 -24.18 34.49
CA GLU C 505 -12.81 -22.88 34.28
C GLU C 505 -14.21 -23.02 33.68
N THR C 506 -14.38 -23.99 32.80
CA THR C 506 -15.67 -24.22 32.17
C THR C 506 -16.79 -24.28 33.20
N PHE C 507 -16.48 -24.79 34.40
CA PHE C 507 -17.48 -25.04 35.42
C PHE C 507 -17.39 -24.03 36.57
N THR C 508 -16.87 -22.85 36.30
CA THR C 508 -16.90 -21.74 37.26
C THR C 508 -17.87 -20.69 36.75
N PHE C 509 -18.60 -20.04 37.67
CA PHE C 509 -19.72 -19.22 37.26
C PHE C 509 -19.75 -17.91 38.03
N HIS C 510 -20.25 -16.86 37.36
CA HIS C 510 -20.18 -15.51 37.92
C HIS C 510 -21.56 -14.87 37.96
N ALA C 511 -21.63 -13.68 38.57
CA ALA C 511 -22.93 -13.02 38.73
C ALA C 511 -23.42 -12.38 37.44
N ASP C 512 -22.56 -12.22 36.44
CA ASP C 512 -23.04 -11.76 35.15
C ASP C 512 -24.09 -12.70 34.56
N ILE C 513 -24.30 -13.88 35.16
CA ILE C 513 -25.34 -14.78 34.71
C ILE C 513 -26.72 -14.33 35.14
N CYS C 514 -26.83 -13.53 36.21
CA CYS C 514 -28.12 -13.03 36.64
C CYS C 514 -28.56 -11.73 35.99
N THR C 515 -27.67 -11.04 35.31
CA THR C 515 -28.14 -9.88 34.58
C THR C 515 -28.64 -10.27 33.19
N LEU C 516 -28.56 -11.57 32.87
CA LEU C 516 -28.89 -12.10 31.56
C LEU C 516 -30.37 -12.40 31.47
N SER C 517 -30.89 -12.42 30.24
CA SER C 517 -32.27 -12.83 30.00
C SER C 517 -32.44 -14.32 30.26
N GLU C 518 -33.69 -14.75 30.42
CA GLU C 518 -33.94 -16.17 30.64
C GLU C 518 -33.40 -17.01 29.49
N LYS C 519 -33.62 -16.58 28.26
CA LYS C 519 -33.14 -17.37 27.12
C LYS C 519 -31.62 -17.49 27.17
N GLU C 520 -30.94 -16.43 27.55
CA GLU C 520 -29.49 -16.49 27.57
C GLU C 520 -28.93 -17.19 28.81
N ARG C 521 -29.68 -17.25 29.90
CA ARG C 521 -29.21 -17.97 31.07
C ARG C 521 -29.28 -19.47 30.85
N GLN C 522 -30.36 -19.94 30.23
CA GLN C 522 -30.47 -21.36 29.98
C GLN C 522 -29.39 -21.82 29.01
N ILE C 523 -29.08 -21.00 28.01
CA ILE C 523 -28.02 -21.40 27.07
C ILE C 523 -26.67 -21.50 27.79
N LYS C 524 -26.39 -20.63 28.76
CA LYS C 524 -25.14 -20.86 29.47
C LYS C 524 -25.23 -22.10 30.34
N LYS C 525 -26.41 -22.37 30.92
CA LYS C 525 -26.55 -23.61 31.67
C LYS C 525 -26.43 -24.83 30.75
N GLN C 526 -26.97 -24.75 29.53
CA GLN C 526 -26.94 -25.91 28.65
C GLN C 526 -25.58 -26.11 28.03
N THR C 527 -24.87 -25.02 27.74
CA THR C 527 -23.47 -25.10 27.37
C THR C 527 -22.70 -25.96 28.36
N ALA C 528 -22.91 -25.71 29.66
CA ALA C 528 -22.16 -26.46 30.67
C ALA C 528 -22.54 -27.92 30.68
N LEU C 529 -23.82 -28.22 30.50
CA LEU C 529 -24.24 -29.62 30.42
C LEU C 529 -23.53 -30.34 29.28
N VAL C 530 -23.40 -29.70 28.12
CA VAL C 530 -22.71 -30.31 27.00
C VAL C 530 -21.24 -30.55 27.33
N GLU C 531 -20.57 -29.51 27.86
CA GLU C 531 -19.16 -29.65 28.19
C GLU C 531 -18.96 -30.69 29.28
N LEU C 532 -19.99 -30.90 30.10
CA LEU C 532 -19.96 -31.95 31.09
C LEU C 532 -20.05 -33.32 30.42
N VAL C 533 -21.03 -33.51 29.52
CA VAL C 533 -21.15 -34.79 28.83
C VAL C 533 -19.91 -35.07 28.01
N LYS C 534 -19.28 -34.05 27.46
CA LYS C 534 -18.02 -34.28 26.76
C LYS C 534 -16.91 -34.72 27.72
N HIS C 535 -17.01 -34.31 28.99
CA HIS C 535 -15.98 -34.70 29.96
C HIS C 535 -16.26 -36.08 30.54
N LYS C 536 -17.51 -36.42 30.77
CA LYS C 536 -17.85 -37.73 31.35
C LYS C 536 -18.88 -38.40 30.46
N PRO C 537 -18.49 -38.79 29.24
CA PRO C 537 -19.49 -39.26 28.27
C PRO C 537 -20.24 -40.51 28.68
N LYS C 538 -19.75 -41.29 29.64
CA LYS C 538 -20.50 -42.43 30.17
C LYS C 538 -21.40 -42.07 31.36
N ALA C 539 -21.41 -40.79 31.76
CA ALA C 539 -22.32 -40.36 32.80
C ALA C 539 -23.72 -40.79 32.45
N THR C 540 -24.45 -41.21 33.47
CA THR C 540 -25.75 -41.80 33.31
C THR C 540 -26.81 -40.71 33.14
N LYS C 541 -27.88 -41.04 32.42
CA LYS C 541 -29.03 -40.14 32.33
C LYS C 541 -29.48 -39.69 33.72
N GLU C 542 -29.54 -40.63 34.67
CA GLU C 542 -29.97 -40.27 36.03
C GLU C 542 -28.98 -39.30 36.65
N GLN C 543 -27.68 -39.64 36.60
CA GLN C 543 -26.68 -38.80 37.25
C GLN C 543 -26.70 -37.39 36.70
N LEU C 544 -27.00 -37.23 35.41
CA LEU C 544 -26.90 -35.93 34.76
C LEU C 544 -28.09 -35.03 35.10
N LYS C 545 -29.29 -35.60 35.18
CA LYS C 545 -30.42 -34.83 35.69
C LYS C 545 -30.14 -34.38 37.12
N ALA C 546 -29.56 -35.26 37.94
CA ALA C 546 -29.23 -34.91 39.32
C ALA C 546 -28.27 -33.73 39.35
N VAL C 547 -27.25 -33.76 38.50
CA VAL C 547 -26.30 -32.66 38.46
C VAL C 547 -27.03 -31.40 38.03
N MET C 548 -27.76 -31.48 36.92
CA MET C 548 -28.43 -30.29 36.43
C MET C 548 -29.45 -29.73 37.41
N ASP C 549 -29.91 -30.54 38.36
CA ASP C 549 -30.83 -29.98 39.34
C ASP C 549 -30.08 -29.22 40.44
N ASP C 550 -28.96 -29.78 40.90
CA ASP C 550 -28.09 -29.01 41.77
C ASP C 550 -27.65 -27.71 41.11
N PHE C 551 -27.37 -27.77 39.80
CA PHE C 551 -26.89 -26.62 39.06
C PHE C 551 -27.91 -25.51 39.07
N ALA C 552 -29.13 -25.80 38.61
CA ALA C 552 -30.14 -24.76 38.55
C ALA C 552 -30.39 -24.19 39.94
N ALA C 553 -30.37 -25.04 40.96
CA ALA C 553 -30.46 -24.56 42.33
C ALA C 553 -29.32 -23.60 42.65
N PHE C 554 -28.08 -24.07 42.52
CA PHE C 554 -26.90 -23.22 42.63
C PHE C 554 -27.13 -21.83 42.04
N VAL C 555 -27.66 -21.76 40.81
CA VAL C 555 -27.77 -20.46 40.14
C VAL C 555 -28.78 -19.55 40.83
N GLU C 556 -30.00 -20.05 41.07
CA GLU C 556 -30.99 -19.18 41.69
C GLU C 556 -30.70 -18.94 43.16
N LYS C 557 -30.12 -19.91 43.84
CA LYS C 557 -29.72 -19.77 45.24
C LYS C 557 -28.46 -18.94 45.41
N CYS C 558 -27.90 -18.40 44.32
CA CYS C 558 -26.76 -17.51 44.41
C CYS C 558 -27.07 -16.09 43.98
N CYS C 559 -28.17 -15.86 43.30
CA CYS C 559 -28.47 -14.48 42.94
C CYS C 559 -29.33 -13.77 43.99
N LYS C 560 -30.35 -14.43 44.53
CA LYS C 560 -31.10 -13.77 45.60
C LYS C 560 -30.22 -13.43 46.78
N ALA C 561 -28.99 -13.95 46.83
CA ALA C 561 -28.03 -13.55 47.85
C ALA C 561 -27.67 -12.08 47.67
N ASP C 562 -27.85 -11.30 48.74
CA ASP C 562 -27.46 -9.90 48.73
C ASP C 562 -26.08 -9.71 48.10
N ASP C 563 -25.12 -10.53 48.54
CA ASP C 563 -23.76 -10.51 48.01
C ASP C 563 -23.61 -11.64 46.99
N LYS C 564 -23.78 -11.31 45.71
CA LYS C 564 -23.50 -12.28 44.66
C LYS C 564 -21.98 -12.40 44.52
N GLU C 565 -21.49 -12.91 43.40
CA GLU C 565 -20.04 -12.98 43.19
C GLU C 565 -19.33 -13.84 44.22
N THR C 566 -19.10 -13.33 45.43
CA THR C 566 -18.49 -14.22 46.40
C THR C 566 -19.30 -15.49 46.55
N CYS C 567 -20.62 -15.40 46.38
CA CYS C 567 -21.46 -16.58 46.45
C CYS C 567 -21.17 -17.57 45.32
N PHE C 568 -20.90 -17.08 44.11
CA PHE C 568 -20.67 -17.98 42.98
C PHE C 568 -19.36 -18.73 43.14
N ALA C 569 -18.27 -18.00 43.39
CA ALA C 569 -16.97 -18.64 43.57
C ALA C 569 -17.03 -19.60 44.75
N GLU C 570 -17.84 -19.27 45.75
CA GLU C 570 -17.89 -20.04 47.00
C GLU C 570 -18.81 -21.26 46.93
N GLU C 571 -20.12 -21.04 46.73
CA GLU C 571 -21.06 -22.13 46.64
C GLU C 571 -20.89 -22.96 45.38
N GLY C 572 -20.15 -22.43 44.39
CA GLY C 572 -19.93 -23.09 43.12
C GLY C 572 -18.89 -24.18 43.19
N LYS C 573 -17.81 -23.93 43.91
CA LYS C 573 -16.85 -25.01 44.15
C LYS C 573 -17.41 -26.08 45.06
N LYS C 574 -18.44 -25.76 45.84
CA LYS C 574 -19.15 -26.81 46.57
C LYS C 574 -20.03 -27.63 45.62
N LEU C 575 -20.63 -26.98 44.63
CA LEU C 575 -21.40 -27.71 43.62
C LEU C 575 -20.53 -28.67 42.81
N VAL C 576 -19.28 -28.30 42.55
CA VAL C 576 -18.42 -29.15 41.74
C VAL C 576 -18.10 -30.44 42.49
N ALA C 577 -17.91 -30.35 43.82
CA ALA C 577 -17.67 -31.54 44.60
C ALA C 577 -18.89 -32.46 44.59
N ALA C 578 -20.08 -31.91 44.83
CA ALA C 578 -21.26 -32.77 44.84
C ALA C 578 -21.47 -33.47 43.50
N SER C 579 -21.20 -32.76 42.40
CA SER C 579 -21.36 -33.37 41.07
C SER C 579 -20.41 -34.55 40.92
N GLN C 580 -19.23 -34.45 41.51
CA GLN C 580 -18.23 -35.51 41.41
C GLN C 580 -18.77 -36.81 42.02
N ALA C 581 -19.63 -36.74 43.04
CA ALA C 581 -20.27 -37.93 43.60
C ALA C 581 -20.84 -38.83 42.50
N ALA C 582 -21.40 -38.23 41.46
CA ALA C 582 -21.78 -39.00 40.28
C ALA C 582 -21.30 -38.26 39.03
N 5PG D 1 54.43 64.54 -4.14
CA 5PG D 1 55.68 63.76 -4.19
C 5PG D 1 56.74 63.59 -5.32
O 5PG D 1 57.80 64.19 -5.19
CN 5PG D 1 54.21 65.18 -2.85
CB 5PG D 1 56.09 63.00 -2.94
CC1 5PG D 1 57.42 63.02 -2.57
CC2 5PG D 1 55.20 62.23 -2.20
CD1 5PG D 1 57.87 62.29 -1.49
CD2 5PG D 1 55.63 61.52 -1.10
CE 5PG D 1 56.97 61.53 -0.74
OH 5PG D 1 57.39 60.84 0.36
N TYR D 2 56.48 62.77 -6.35
CA TYR D 2 57.50 61.94 -7.01
C TYR D 2 58.98 62.06 -6.64
C HCL D 3 60.28 58.67 -5.77
N HCL D 3 59.67 60.93 -6.74
O HCL D 3 60.85 58.07 -6.67
CL HCL D 3 63.13 59.61 -4.56
C1 HCL D 3 60.74 60.83 -4.25
C2 HCL D 3 62.01 60.61 -3.72
C3 HCL D 3 62.37 61.06 -2.45
O3 HCL D 3 63.62 60.89 -1.94
C4 HCL D 3 61.42 61.69 -1.66
O4 HCL D 3 59.21 62.26 -1.17
C5 HCL D 3 59.80 61.47 -3.45
C6 HCL D 3 60.13 61.85 -2.16
CA HCL D 3 60.36 60.25 -5.63
N D4P D 4 59.55 58.09 -4.82
CA D4P D 4 59.42 56.65 -4.62
C D4P D 4 59.68 55.89 -3.30
O D4P D 4 58.75 55.33 -2.76
C1 D4P D 4 58.74 55.83 -5.72
C2 D4P D 4 58.24 56.43 -6.88
C3 D4P D 4 57.32 55.76 -7.68
C4 D4P D 4 56.84 54.50 -7.29
O4 D4P D 4 55.78 53.90 -7.94
C5 D4P D 4 57.37 53.89 -6.16
C6 D4P D 4 58.36 54.53 -5.43
N D4P D 5 60.91 55.90 -2.79
CA D4P D 5 61.33 54.85 -1.86
C D4P D 5 60.57 53.46 -2.01
O D4P D 5 61.08 52.56 -2.67
C1 D4P D 5 61.45 55.30 -0.40
C2 D4P D 5 60.39 55.86 0.29
C3 D4P D 5 60.48 56.19 1.65
C4 D4P D 5 61.71 55.95 2.30
O4 D4P D 5 61.89 56.21 3.62
C5 D4P D 5 62.77 55.41 1.60
C6 D4P D 5 62.64 55.08 0.27
N OMZ D 6 59.82 53.22 -0.93
CA OMZ D 6 59.75 51.89 -0.37
C OMZ D 6 59.54 52.06 1.13
O OMZ D 6 59.07 51.16 1.79
CB OMZ D 6 58.79 50.81 -0.91
OC OMZ D 6 58.62 49.53 -0.29
CG OMZ D 6 58.02 51.16 -2.16
CD1 OMZ D 6 57.12 52.21 -2.18
CD2 OMZ D 6 58.32 50.52 -3.34
CE1 OMZ D 6 56.61 52.65 -3.38
CL OMZ D 6 55.35 53.84 -3.37
CE2 OMZ D 6 57.84 50.98 -4.55
CZ OMZ D 6 57.02 52.08 -4.58
OH OMZ D 6 56.76 52.71 -5.79
N D3P D 7 59.89 53.25 1.64
CA D3P D 7 59.49 53.58 3.00
C D3P D 7 59.38 52.61 4.18
O D3P D 7 59.75 52.94 5.31
C1 D3P D 7 58.97 54.98 3.29
C2 D3P D 7 59.30 56.17 2.58
C3 D3P D 7 58.62 57.34 2.91
O3 D3P D 7 59.00 58.45 2.22
C4 D3P D 7 57.67 57.40 3.91
C5 D3P D 7 57.37 56.23 4.60
O5 D3P D 7 56.40 56.22 5.56
C6 D3P D 7 58.02 55.04 4.31
N DIB D 8 58.76 51.47 3.91
CA DIB D 8 57.58 51.00 4.64
CB DIB D 8 57.82 49.73 5.41
CG DIB D 8 58.67 48.71 4.68
ND DIB D 8 59.89 48.35 5.40
CE1 DIB D 8 59.58 47.61 6.63
CE2 DIB D 8 60.81 47.57 4.55
N 5PG E 1 46.79 -16.58 -10.74
CA 5PG E 1 46.47 -15.94 -12.03
C 5PG E 1 46.91 -14.58 -12.57
O 5PG E 1 47.84 -14.55 -13.37
CN 5PG E 1 47.04 -18.01 -10.88
CB 5PG E 1 45.68 -16.72 -13.06
CC1 5PG E 1 46.13 -16.69 -14.38
CC2 5PG E 1 44.55 -17.45 -12.76
CD1 5PG E 1 45.44 -17.34 -15.38
CD2 5PG E 1 43.86 -18.15 -13.74
CE 5PG E 1 44.30 -18.09 -15.07
OH 5PG E 1 43.62 -18.78 -16.02
N TYR E 2 46.24 -13.49 -12.20
CA TYR E 2 46.00 -12.36 -13.10
C TYR E 2 46.57 -12.32 -14.53
C HCL E 3 43.82 -11.69 -17.01
N HCL E 3 45.81 -11.65 -15.41
O HCL E 3 43.61 -10.56 -17.43
CL HCL E 3 45.75 -12.14 -19.64
C1 HCL E 3 45.69 -13.54 -17.31
C2 HCL E 3 45.93 -13.58 -18.69
C3 HCL E 3 46.22 -14.77 -19.36
O3 HCL E 3 46.44 -14.79 -20.70
C4 HCL E 3 46.23 -15.96 -18.63
O4 HCL E 3 45.83 -17.21 -16.71
C5 HCL E 3 45.72 -14.74 -16.61
C6 HCL E 3 45.95 -15.94 -17.28
CA HCL E 3 45.26 -12.23 -16.63
N D4P E 4 42.88 -12.62 -16.81
CA D4P E 4 41.47 -12.47 -17.15
C D4P E 4 40.73 -13.45 -18.12
O D4P E 4 40.05 -14.37 -17.67
C1 D4P E 4 40.67 -11.38 -16.42
C2 D4P E 4 41.24 -10.65 -15.39
C3 D4P E 4 40.44 -9.98 -14.47
C4 D4P E 4 39.06 -10.05 -14.57
O4 D4P E 4 38.24 -9.63 -13.54
C5 D4P E 4 38.49 -10.71 -15.66
C6 D4P E 4 39.29 -11.33 -16.60
N D4P E 5 40.95 -13.28 -19.43
CA D4P E 5 40.02 -13.74 -20.48
C D4P E 5 38.54 -13.40 -20.16
O D4P E 5 38.03 -12.39 -20.66
C1 D4P E 5 40.24 -15.16 -20.99
C2 D4P E 5 40.24 -16.27 -20.14
C3 D4P E 5 40.40 -17.58 -20.64
C4 D4P E 5 40.61 -17.74 -22.02
O4 D4P E 5 40.91 -18.97 -22.53
C5 D4P E 5 40.60 -16.64 -22.86
C6 D4P E 5 40.41 -15.37 -22.35
N OMZ E 6 37.84 -14.53 -19.94
CA OMZ E 6 36.51 -14.69 -20.50
C OMZ E 6 36.35 -16.13 -20.97
O OMZ E 6 35.25 -16.55 -21.32
CB OMZ E 6 35.27 -14.20 -19.72
OC OMZ E 6 33.94 -14.40 -20.20
CG OMZ E 6 35.53 -13.34 -18.50
CD1 OMZ E 6 36.18 -13.86 -17.39
CD2 OMZ E 6 35.26 -11.98 -18.56
CE1 OMZ E 6 36.63 -13.01 -16.40
CL OMZ E 6 37.39 -13.65 -14.98
CE2 OMZ E 6 35.72 -11.13 -17.58
CZ OMZ E 6 36.44 -11.63 -16.52
OH OMZ E 6 37.10 -10.76 -15.67
N D3P E 7 37.45 -16.89 -20.98
CA D3P E 7 37.38 -18.34 -21.02
C D3P E 7 36.26 -19.22 -21.61
O D3P E 7 36.51 -20.25 -22.22
C1 D3P E 7 38.43 -19.14 -20.28
C2 D3P E 7 39.76 -18.78 -19.98
C3 D3P E 7 40.51 -19.66 -19.19
O3 D3P E 7 41.79 -19.26 -18.94
C4 D3P E 7 40.03 -20.86 -18.74
C5 D3P E 7 38.73 -21.22 -19.06
O5 D3P E 7 38.18 -22.38 -18.60
C6 D3P E 7 37.94 -20.37 -19.82
N DIB E 8 35.03 -18.84 -21.28
CA DIB E 8 34.07 -19.75 -20.68
CB DIB E 8 32.85 -19.99 -21.55
CG DIB E 8 32.35 -18.76 -22.28
ND DIB E 8 32.34 -18.89 -23.74
CE1 DIB E 8 31.34 -19.89 -24.15
CE2 DIB E 8 32.07 -17.61 -24.38
N 5PG F 1 -26.86 1.21 -29.15
CA 5PG F 1 -26.32 2.29 -28.30
C 5PG F 1 -24.88 2.71 -28.01
O 5PG F 1 -24.44 3.67 -28.60
CN 5PG F 1 -28.05 1.61 -29.90
CB 5PG F 1 -27.31 3.24 -27.66
CC1 5PG F 1 -27.08 4.61 -27.77
CC2 5PG F 1 -28.44 2.82 -26.97
CD1 5PG F 1 -27.94 5.52 -27.19
CD2 5PG F 1 -29.32 3.72 -26.41
CE 5PG F 1 -29.09 5.08 -26.52
OH 5PG F 1 -30.00 5.94 -26.01
N TYR F 2 -24.17 2.04 -27.08
CA TYR F 2 -23.30 2.69 -26.12
C TYR F 2 -22.90 4.16 -26.28
C HCL F 3 -23.53 6.03 -23.09
N HCL F 3 -22.65 4.81 -25.14
O HCL F 3 -22.58 6.30 -22.35
CL HCL F 3 -23.15 8.96 -24.12
C1 HCL F 3 -24.36 6.90 -25.40
C2 HCL F 3 -24.25 8.28 -25.27
C3 HCL F 3 -25.13 9.15 -25.92
O3 HCL F 3 -24.98 10.50 -25.83
C4 HCL F 3 -26.19 8.63 -26.63
O4 HCL F 3 -27.61 6.87 -27.19
C5 HCL F 3 -25.43 6.40 -26.13
C6 HCL F 3 -26.36 7.26 -26.70
CA HCL F 3 -23.40 5.96 -24.64
N D4P F 4 -24.77 5.82 -22.65
CA D4P F 4 -25.20 5.94 -21.26
C D4P F 4 -26.35 6.86 -20.80
O D4P F 4 -27.44 6.36 -20.56
C1 D4P F 4 -24.64 4.95 -20.25
C2 D4P F 4 -23.76 3.96 -20.64
C3 D4P F 4 -23.59 2.81 -19.87
C4 D4P F 4 -24.32 2.66 -18.69
O4 D4P F 4 -24.33 1.46 -18.00
C5 D4P F 4 -25.14 3.69 -18.26
C6 D4P F 4 -25.27 4.85 -19.00
N D4P F 5 -26.12 8.17 -20.72
CA D4P F 5 -26.91 9.07 -19.88
C D4P F 5 -27.34 8.49 -18.51
O D4P F 5 -26.63 8.75 -17.53
C1 D4P F 5 -28.05 9.81 -20.58
C2 D4P F 5 -29.08 9.13 -21.23
C3 D4P F 5 -30.17 9.83 -21.78
C4 D4P F 5 -30.16 11.24 -21.72
O4 D4P F 5 -31.16 11.97 -22.26
C5 D4P F 5 -29.12 11.90 -21.10
C6 D4P F 5 -28.08 11.20 -20.53
N OMZ F 6 -28.66 8.30 -18.43
CA OMZ F 6 -29.37 8.58 -17.20
C OMZ F 6 -30.71 9.19 -17.59
O OMZ F 6 -31.56 9.44 -16.74
CB OMZ F 6 -29.52 7.56 -16.05
OC OMZ F 6 -30.21 7.83 -14.83
CG OMZ F 6 -28.71 6.30 -16.17
CD1 OMZ F 6 -28.99 5.36 -17.15
CD2 OMZ F 6 -27.57 6.16 -15.41
CE1 OMZ F 6 -28.09 4.35 -17.40
CL OMZ F 6 -28.52 3.07 -18.49
CE2 OMZ F 6 -26.65 5.16 -15.68
CZ OMZ F 6 -26.89 4.28 -16.71
OH OMZ F 6 -25.89 3.42 -17.12
N D3P F 7 -30.88 9.47 -18.88
CA D3P F 7 -32.20 9.74 -19.42
C D3P F 7 -33.45 10.26 -18.67
O D3P F 7 -34.23 11.03 -19.20
C1 D3P F 7 -32.48 9.32 -20.85
C2 D3P F 7 -31.55 9.22 -21.90
C3 D3P F 7 -31.99 8.71 -23.12
O3 D3P F 7 -31.06 8.64 -24.10
C4 D3P F 7 -33.29 8.34 -23.36
C5 D3P F 7 -34.20 8.48 -22.33
O5 D3P F 7 -35.51 8.15 -22.56
C6 D3P F 7 -33.80 8.95 -21.08
N DIB F 8 -33.66 9.72 -17.49
CA DIB F 8 -34.92 9.12 -17.13
CB DIB F 8 -35.64 9.87 -16.04
CG DIB F 8 -34.71 10.36 -14.94
ND DIB F 8 -34.83 11.78 -14.66
CE1 DIB F 8 -36.14 12.09 -14.09
CE2 DIB F 8 -33.77 12.20 -13.74
N 5PG G 1 -11.07 -30.50 47.44
CA 5PG G 1 -10.09 -29.44 47.16
C 5PG G 1 -10.52 -28.51 46.00
O 5PG G 1 -10.03 -27.39 45.87
CN 5PG G 1 -11.44 -31.52 46.43
CB 5PG G 1 -8.69 -29.98 46.85
CC1 5PG G 1 -7.75 -29.13 46.27
CC2 5PG G 1 -8.38 -31.32 47.00
CD1 5PG G 1 -6.56 -29.63 45.79
CD2 5PG G 1 -7.19 -31.83 46.54
CE 5PG G 1 -6.27 -30.99 45.91
OH 5PG G 1 -5.14 -31.52 45.36
N TYR G 2 -11.44 -29.02 45.16
CA TYR G 2 -11.39 -28.93 43.71
C TYR G 2 -10.87 -27.61 43.12
C HCL G 3 -8.71 -29.00 40.89
N HCL G 3 -10.40 -27.69 41.88
O HCL G 3 -8.85 -30.05 41.49
CL HCL G 3 -7.87 -24.89 41.35
C1 HCL G 3 -7.83 -27.33 42.50
C2 HCL G 3 -7.23 -26.07 42.44
C3 HCL G 3 -6.13 -25.73 43.22
O3 HCL G 3 -5.55 -24.50 43.12
C4 HCL G 3 -5.61 -26.66 44.10
O4 HCL G 3 -5.65 -28.85 45.09
C5 HCL G 3 -7.27 -28.25 43.40
C6 HCL G 3 -6.18 -27.92 44.19
CA HCL G 3 -8.97 -27.74 41.58
N D4P G 4 -8.23 -28.94 39.65
CA D4P G 4 -7.37 -30.03 39.19
C D4P G 4 -6.32 -29.36 38.43
O D4P G 4 -6.52 -28.21 38.05
C1 D4P G 4 -8.17 -31.13 38.49
C2 D4P G 4 -9.40 -31.49 39.02
C3 D4P G 4 -10.02 -32.65 38.63
C4 D4P G 4 -9.44 -33.45 37.66
O4 D4P G 4 -10.03 -34.64 37.32
C5 D4P G 4 -8.23 -33.08 37.08
C6 D4P G 4 -7.60 -31.91 37.49
N D4P G 5 -5.17 -30.00 38.24
CA D4P G 5 -4.22 -29.39 37.32
C D4P G 5 -4.07 -30.19 36.03
O D4P G 5 -4.43 -29.73 34.96
C1 D4P G 5 -2.91 -28.95 37.97
C2 D4P G 5 -1.98 -29.87 38.45
C3 D4P G 5 -0.68 -29.47 38.81
C4 D4P G 5 -0.37 -28.10 38.71
O4 D4P G 5 0.90 -27.66 38.91
C5 D4P G 5 -1.32 -27.19 38.33
C6 D4P G 5 -2.58 -27.60 37.96
CZ F93 G 6 -6.50 -33.71 35.53
CE1 F93 G 6 -5.39 -34.25 36.17
CD1 F93 G 6 -4.12 -33.96 35.72
CG F93 G 6 -3.93 -33.13 34.63
CD2 F93 G 6 -5.05 -32.65 33.97
CE2 F93 G 6 -6.32 -32.93 34.41
CB F93 G 6 -2.55 -32.66 34.28
CA F93 G 6 -2.22 -31.36 35.03
C F93 G 6 -0.80 -31.17 35.57
N F93 G 6 -3.10 -31.10 36.13
OC F93 G 6 -1.61 -33.66 34.62
OH F93 G 6 -7.74 -33.93 36.10
O F93 G 6 0.03 -30.54 34.92
CL1 F93 G 6 -5.60 -35.33 37.50
N D3P G 7 -0.56 -31.67 36.78
CA D3P G 7 0.77 -31.83 37.35
C D3P G 7 2.01 -31.20 36.71
O D3P G 7 2.23 -29.99 36.79
C1 D3P G 7 0.97 -31.38 38.79
C2 D3P G 7 0.31 -30.36 39.50
C3 D3P G 7 0.75 -30.05 40.80
O3 D3P G 7 0.50 -28.77 41.20
C4 D3P G 7 1.76 -30.76 41.42
C5 D3P G 7 2.44 -31.71 40.69
O5 D3P G 7 3.62 -32.25 41.08
C6 D3P G 7 2.03 -32.04 39.39
N DIB G 8 2.87 -32.07 36.18
CA DIB G 8 4.18 -31.67 35.67
CB DIB G 8 5.31 -32.36 36.41
CG DIB G 8 6.04 -31.44 37.35
ND DIB G 8 6.71 -32.12 38.46
CE1 DIB G 8 7.25 -31.12 39.38
CE2 DIB G 8 7.79 -32.97 37.97
N 5PG H 1 5.27 -19.55 -27.22
CA 5PG H 1 4.46 -20.63 -26.63
C 5PG H 1 3.63 -21.40 -27.71
O 5PG H 1 3.08 -22.46 -27.44
CN 5PG H 1 4.72 -18.46 -28.04
CB 5PG H 1 3.52 -20.13 -25.54
CC1 5PG H 1 2.48 -20.96 -25.10
CC2 5PG H 1 3.56 -18.83 -25.09
CD1 5PG H 1 1.45 -20.45 -24.33
CD2 5PG H 1 2.57 -18.32 -24.27
CE 5PG H 1 1.49 -19.12 -23.90
OH 5PG H 1 0.47 -18.58 -23.17
N TYR H 2 3.56 -20.80 -28.91
CA TYR H 2 2.34 -20.71 -29.69
C TYR H 2 1.48 -21.98 -29.69
C HCL H 3 -1.38 -20.39 -28.82
N HCL H 3 0.18 -21.79 -29.90
O HCL H 3 -0.71 -19.42 -28.52
CL HCL H 3 -2.01 -24.51 -28.30
C1 HCL H 3 -0.73 -22.31 -27.41
C2 HCL H 3 -1.27 -23.55 -27.08
C3 HCL H 3 -1.27 -24.03 -25.76
O3 HCL H 3 -1.81 -25.22 -25.43
C4 HCL H 3 -0.74 -23.24 -24.75
O4 HCL H 3 0.31 -21.19 -24.05
C5 HCL H 3 -0.21 -21.53 -26.37
C6 HCL H 3 -0.22 -21.99 -25.06
CA HCL H 3 -0.81 -21.73 -28.82
N D4P H 4 -2.68 -20.33 -29.09
CA D4P H 4 -3.47 -19.22 -28.60
C D4P H 4 -4.72 -19.83 -28.25
O D4P H 4 -5.10 -20.84 -28.84
C1 D4P H 4 -3.58 -18.09 -29.62
C2 D4P H 4 -2.42 -17.71 -30.28
C3 D4P H 4 -2.36 -16.51 -30.96
C4 D4P H 4 -3.48 -15.68 -31.00
O4 D4P H 4 -3.43 -14.46 -31.60
C5 D4P H 4 -4.65 -16.08 -30.36
C6 D4P H 4 -4.71 -17.30 -29.70
N D4P H 5 -5.41 -19.27 -27.26
CA D4P H 5 -6.72 -19.84 -26.98
C D4P H 5 -7.81 -18.99 -27.50
O D4P H 5 -8.47 -19.41 -28.45
C1 D4P H 5 -6.90 -20.38 -25.56
C2 D4P H 5 -7.00 -19.54 -24.46
C3 D4P H 5 -7.46 -20.02 -23.22
C4 D4P H 5 -7.77 -21.39 -23.12
O4 D4P H 5 -8.32 -21.91 -22.00
C5 D4P H 5 -7.58 -22.23 -24.19
C6 D4P H 5 -7.15 -21.73 -25.40
CZ F93 H 6 -6.78 -15.38 -29.52
CE1 F93 H 6 -6.77 -15.05 -28.17
CD1 F93 H 6 -7.86 -15.32 -27.38
CG F93 H 6 -8.98 -15.93 -27.92
CD2 F93 H 6 -8.99 -16.21 -29.27
CE2 F93 H 6 -7.90 -15.95 -30.07
CB F93 H 6 -10.07 -16.46 -27.02
CA F93 H 6 -9.67 -17.83 -26.46
C F93 H 6 -9.94 -18.19 -25.00
N F93 H 6 -8.26 -18.11 -26.62
OC F93 H 6 -10.32 -15.53 -25.99
OH F93 H 6 -5.67 -15.13 -30.30
O F93 H 6 -10.83 -18.98 -24.71
CL1 F93 H 6 -5.39 -14.26 -27.48
N D3P H 7 -9.09 -17.68 -24.11
CA D3P H 7 -9.36 -17.58 -22.68
C D3P H 7 -10.59 -18.13 -22.09
O D3P H 7 -10.75 -19.35 -22.00
C1 D3P H 7 -8.30 -18.15 -21.74
C2 D3P H 7 -7.41 -19.22 -21.96
C3 D3P H 7 -6.57 -19.62 -20.92
O3 D3P H 7 -6.23 -20.93 -20.96
C4 D3P H 7 -6.52 -18.94 -19.72
C5 D3P H 7 -7.44 -17.92 -19.50
O5 D3P H 7 -7.64 -17.35 -18.27
C6 D3P H 7 -8.30 -17.52 -20.50
N DIB H 8 -11.44 -17.24 -21.59
CA DIB H 8 -12.65 -17.64 -20.85
CB DIB H 8 -12.65 -17.20 -19.41
CG DIB H 8 -12.29 -18.26 -18.40
ND DIB H 8 -11.67 -17.74 -17.16
CE1 DIB H 8 -11.20 -18.83 -16.32
CE2 DIB H 8 -12.61 -16.90 -16.40
C38 JEF I . 24.59 37.20 -0.28
O12 JEF I . 26.02 37.20 -0.56
C37 JEF I . 26.42 37.36 -1.96
C36 JEF I . 26.14 36.21 -2.90
O11 JEF I . 25.72 36.63 -4.20
C33 JEF I . 25.02 35.64 -5.10
C34 JEF I . 25.53 34.21 -4.92
C32 JEF I . 23.51 35.77 -5.09
O10 JEF I . 22.77 34.57 -4.78
C19 JEF I . 22.09 33.95 -5.89
C40 JEF I . 23.05 33.32 -6.85
C20 JEF I . 21.11 32.94 -5.36
O JEF I . 21.30 31.62 -5.91
C JEF I . 20.50 31.32 -7.08
C18 JEF I . 19.05 31.20 -6.71
C17 JEF I . 20.98 30.10 -7.85
OH JEF I . 20.65 28.85 -7.22
C38 JEF J . 13.43 46.36 -10.25
O12 JEF J . 12.50 46.62 -11.31
C37 JEF J . 12.44 45.61 -12.30
C36 JEF J . 11.12 45.59 -13.02
O11 JEF J . 10.96 44.39 -13.81
C33 JEF J . 10.89 44.58 -15.23
C34 JEF J . 12.22 45.12 -15.69
C32 JEF J . 10.49 43.35 -16.02
O10 JEF J . 11.64 42.57 -16.38
C19 JEF J . 12.05 42.54 -17.79
C40 JEF J . 12.01 43.84 -18.55
C20 JEF J . 13.42 41.95 -17.77
O JEF J . 14.06 41.91 -19.06
C JEF J . 14.77 40.70 -19.34
C18 JEF J . 15.72 40.40 -18.20
C17 JEF J . 15.44 40.78 -20.68
OH JEF J . 15.54 39.48 -21.31
C38 JEF K . 12.72 -5.62 23.53
O12 JEF K . 12.86 -6.90 22.95
C37 JEF K . 14.09 -7.52 23.33
C36 JEF K . 13.93 -8.07 24.69
O11 JEF K . 13.81 -9.49 24.59
C33 JEF K . 14.95 -10.25 24.88
C34 JEF K . 15.63 -9.89 26.19
C32 JEF K . 14.47 -11.68 24.85
O10 JEF K . 14.49 -12.24 26.17
C19 JEF K . 14.24 -13.66 26.29
C40 JEF K . 12.77 -13.87 26.04
C20 JEF K . 15.18 -14.51 25.46
O JEF K . 14.98 -15.92 25.49
C JEF K . 16.09 -16.76 24.95
C18 JEF K . 17.24 -15.97 24.36
C17 JEF K . 15.59 -17.80 23.98
OH JEF K . 16.68 -18.56 23.42
C38 JEF L . 4.83 -15.73 10.62
O12 JEF L . 5.87 -15.66 9.61
C37 JEF L . 7.19 -16.02 10.05
C36 JEF L . 7.70 -17.38 9.63
O11 JEF L . 9.02 -17.29 9.10
C33 JEF L . 9.13 -17.13 7.66
C34 JEF L . 8.96 -15.70 7.18
C32 JEF L . 10.43 -17.73 7.18
O10 JEF L . 10.52 -17.61 5.75
C19 JEF L . 11.28 -18.62 5.07
C40 JEF L . 12.53 -18.97 5.84
C20 JEF L . 10.46 -19.82 4.75
O JEF L . 10.07 -20.60 5.89
C JEF L . 10.91 -21.73 6.27
C18 JEF L . 11.26 -22.65 5.12
C17 JEF L . 10.24 -22.48 7.40
OH JEF L . 9.83 -21.70 8.52
C38 JEF M . -48.96 -23.73 -1.75
O12 JEF M . -48.41 -23.12 -2.93
C37 JEF M . -48.80 -21.75 -3.13
C36 JEF M . -47.67 -20.80 -2.94
O11 JEF M . -46.84 -21.35 -1.91
C33 JEF M . -45.41 -21.09 -1.98
C34 JEF M . -45.33 -19.60 -1.85
C32 JEF M . -44.62 -21.84 -0.94
O10 JEF M . -44.88 -23.26 -0.94
C19 JEF M . -44.36 -24.05 0.17
C40 JEF M . -43.72 -23.22 1.27
C20 JEF M . -45.42 -25.00 0.69
O JEF M . -44.85 -26.03 1.50
C JEF M . -45.13 -25.98 2.94
C18 JEF M . -43.80 -25.83 3.66
C17 JEF M . -45.90 -27.21 3.36
OH JEF M . -45.43 -27.82 4.58
C38 JEF N . -42.53 -36.41 -10.59
O12 JEF N . -42.68 -37.37 -9.53
C37 JEF N . -41.43 -37.92 -9.09
C36 JEF N . -41.65 -39.09 -8.16
O11 JEF N . -40.43 -39.68 -7.70
C33 JEF N . -40.46 -40.25 -6.35
C34 JEF N . -41.70 -41.09 -6.18
C32 JEF N . -39.21 -41.06 -6.03
O10 JEF N . -38.00 -40.31 -5.89
C19 JEF N . -37.85 -39.47 -4.68
C40 JEF N . -38.42 -40.09 -3.41
C20 JEF N . -36.38 -39.13 -4.57
O JEF N . -35.97 -38.78 -3.24
C JEF N . -34.58 -39.07 -2.90
C18 JEF N . -34.29 -40.53 -3.09
C17 JEF N . -34.32 -38.60 -1.48
OH JEF N . -33.28 -39.29 -0.76
N F8F O . 54.21 51.30 -8.23
C12 F8F O . 55.62 51.51 -8.51
C13 F8F O . 56.08 50.44 -9.53
C14 F8F O . 56.13 50.98 -10.93
C15 F8F O . 57.05 52.18 -11.04
C16 F8F O . 56.05 52.94 -8.93
C87 F8F O . 57.91 52.40 -12.29
O1 F8F O . 56.79 53.24 -10.12
O24 F8F O . 58.23 51.46 -13.00
O25 F8F O . 58.21 53.66 -12.52
O26 F8F O . 55.35 50.39 -11.96
O27 F8F O . 56.48 49.12 -9.17
C1 M12 P . 53.43 52.17 -7.60
O1 M12 P . 53.08 53.23 -8.09
C2 M12 P . 52.97 51.73 -6.23
C3 M12 P . 52.69 50.23 -6.09
C4 M12 P . 51.61 49.74 -7.06
C5 M12 P . 50.55 48.84 -6.44
C6 M12 P . 49.13 49.30 -6.72
C7 M12 P . 48.11 48.17 -6.92
C8 M12 P . 47.25 47.91 -5.71
C9 M12 P . 46.25 46.79 -5.90
C10 M12 P . 45.09 47.08 -6.83
C11 M12 P . 44.34 48.30 -6.37
C12 M12 P . 44.14 45.88 -6.99
C1 MAN Q . 59.81 59.36 2.94
C2 MAN Q . 60.20 60.58 2.09
C3 MAN Q . 61.41 61.42 2.53
C4 MAN Q . 62.20 60.61 3.52
C5 MAN Q . 61.30 60.10 4.63
C6 MAN Q . 60.59 61.04 5.55
O2 MAN Q . 59.26 61.12 1.17
O3 MAN Q . 61.02 62.67 3.11
O4 MAN Q . 63.42 59.98 3.19
O5 MAN Q . 60.46 59.06 4.17
O6 MAN Q . 59.52 60.39 6.23
N F8F R . 35.36 -9.17 -12.72
C12 F8F R . 36.06 -8.49 -13.80
C13 F8F R . 35.38 -7.15 -14.05
C14 F8F R . 36.14 -5.99 -13.45
C15 F8F R . 37.58 -5.95 -13.96
C16 F8F R . 37.60 -8.38 -13.65
C87 F8F R . 38.31 -4.66 -14.36
O1 F8F R . 38.33 -7.15 -13.73
O24 F8F R . 37.70 -3.71 -14.82
O25 F8F R . 39.60 -4.69 -14.15
O26 F8F R . 35.48 -5.12 -12.55
O27 F8F R . 34.22 -6.98 -14.85
C1 M12 S . 35.81 -10.24 -12.08
O1 M12 S . 36.82 -10.24 -11.38
C2 M12 S . 34.97 -11.49 -12.27
C3 M12 S . 33.47 -11.20 -12.44
C4 M12 S . 32.85 -10.56 -11.20
C5 M12 S . 31.50 -11.11 -10.79
C6 M12 S . 31.42 -11.41 -9.31
C7 M12 S . 30.04 -11.23 -8.68
C8 M12 S . 29.31 -12.53 -8.43
C9 M12 S . 27.93 -12.35 -7.82
C10 M12 S . 27.89 -11.98 -6.37
C11 M12 S . 28.65 -12.97 -5.53
C12 M12 S . 26.48 -11.83 -5.85
C1 MAN T . 42.79 -19.91 -19.67
C2 MAN T . 44.18 -19.35 -19.37
C3 MAN T . 45.33 -19.63 -20.34
C4 MAN T . 44.71 -20.07 -21.65
C5 MAN T . 43.73 -21.20 -21.44
C6 MAN T . 44.14 -22.51 -20.83
O2 MAN T . 44.50 -18.93 -18.04
O3 MAN T . 46.23 -20.61 -19.85
O4 MAN T . 44.52 -19.14 -22.69
O5 MAN T . 42.55 -20.71 -20.84
O6 MAN T . 43.04 -23.17 -20.24
N F8F U . -25.26 0.25 -15.39
C12 F8F U . -24.25 1.29 -15.55
C13 F8F U . -23.31 1.22 -14.35
C14 F8F U . -21.99 0.58 -14.68
C15 F8F U . -21.28 1.31 -15.81
C16 F8F U . -23.48 1.31 -16.89
C87 F8F U . -19.77 1.50 -15.87
O1 F8F U . -22.09 1.56 -16.98
O24 F8F U . -19.11 1.65 -14.85
O25 F8F U . -19.28 1.50 -17.09
O26 F8F U . -21.57 -0.57 -13.95
O27 F8F U . -23.59 1.81 -13.07
C1 M12 V . -26.04 -0.20 -16.37
O1 M12 V . -25.60 -0.72 -17.39
C2 M12 V . -27.52 -0.06 -16.10
C3 M12 V . -27.93 -0.16 -14.63
C4 M12 V . -27.72 -1.55 -14.03
C5 M12 V . -28.89 -2.12 -13.22
C6 M12 V . -29.29 -3.50 -13.66
C7 M12 V . -29.71 -4.43 -12.56
C8 M12 V . -31.20 -4.67 -12.53
C9 M12 V . -31.64 -5.52 -11.35
C10 M12 V . -31.35 -6.99 -11.43
C11 M12 V . -32.00 -7.52 -12.68
C12 M12 V . -31.86 -7.72 -10.20
C1 MAN W . -31.20 9.58 -25.14
C2 MAN W . -30.08 9.47 -26.17
C3 MAN W . -29.82 10.65 -27.10
C4 MAN W . -30.45 11.86 -26.46
C5 MAN W . -31.91 11.63 -26.14
C6 MAN W . -32.92 11.37 -27.22
O2 MAN W . -29.59 8.18 -26.53
O3 MAN W . -30.37 10.41 -28.39
O4 MAN W . -29.68 12.82 -25.74
O5 MAN W . -32.05 10.74 -25.06
O6 MAN W . -34.11 10.83 -26.65
C1 M12 X . -13.41 -35.20 37.76
O1 M12 X . -13.50 -36.00 36.83
C2 M12 X . -14.41 -34.09 37.95
C3 M12 X . -15.59 -34.21 37.00
C4 M12 X . -16.27 -32.90 36.73
C5 M12 X . -17.28 -32.53 37.77
C6 M12 X . -17.67 -31.07 37.71
C7 M12 X . -18.77 -30.79 36.69
C8 M12 X . -19.95 -30.00 37.23
C9 M12 X . -20.61 -29.13 36.16
C10 M12 X . -22.04 -28.69 36.39
C11 M12 X . -22.73 -28.43 35.08
C12 M12 X . -22.10 -27.46 37.24
N2 F8X Y . -12.42 -35.25 38.67
C2 F8X Y . -11.31 -36.19 38.59
C3 F8X Y . -11.74 -37.63 38.32
C4 F8X Y . -10.54 -38.57 38.21
C5 F8X Y . -9.22 -37.87 38.51
C1 F8X Y . -9.91 -35.65 38.28
C6 F8X Y . -8.01 -38.70 38.19
O5 F8X Y . -9.11 -36.68 37.74
O6A F8X Y . -6.91 -38.23 38.04
O6B F8X Y . -8.28 -39.98 38.08
O4 F8X Y . -10.70 -39.67 39.09
O3 F8X Y . -12.59 -38.05 39.37
C1 WOO Z . -0.31 -28.43 42.30
C2 WOO Z . 0.60 -28.00 43.45
O2 WOO Z . 1.84 -27.47 43.01
C3 WOO Z . -0.18 -26.98 44.25
O3 WOO Z . 0.02 -25.69 43.69
C4 WOO Z . -1.67 -27.33 44.21
O4 WOO Z . -2.35 -26.59 43.20
C5 WOO Z . -1.89 -28.83 44.01
O5 WOO Z . -1.25 -29.34 42.81
C6 WOO Z . -1.41 -29.67 45.17
O6 WOO Z . -0.27 -29.13 45.83
C1 M12 AA . -1.38 -13.86 -34.19
O1 M12 AA . -2.27 -13.17 -34.69
C2 M12 AA . -0.62 -14.86 -35.01
C3 M12 AA . -0.73 -14.61 -36.50
C4 M12 AA . -0.68 -15.88 -37.30
C5 M12 AA . 0.72 -16.34 -37.61
C6 M12 AA . 0.81 -17.79 -38.03
C7 M12 AA . 0.45 -18.02 -39.48
C8 M12 AA . 1.44 -18.89 -40.22
C9 M12 AA . 0.82 -19.54 -41.43
C10 M12 AA . 1.76 -19.90 -42.57
C11 M12 AA . 1.02 -19.96 -43.88
C12 M12 AA . 2.43 -21.22 -42.29
N2 F8X BA . -1.06 -13.78 -32.90
C2 F8X BA . -1.69 -12.89 -31.94
C3 F8X BA . -1.73 -11.43 -32.39
C4 F8X BA . -2.28 -10.52 -31.29
C5 F8X BA . -2.73 -11.32 -30.07
C1 F8X BA . -2.67 -13.47 -30.93
C6 F8X BA . -3.60 -10.53 -29.10
O5 F8X BA . -3.50 -12.45 -30.47
O6A F8X BA . -3.48 -9.24 -29.18
O6B F8X BA . -4.33 -11.09 -28.33
O4 F8X BA . -1.32 -9.54 -30.86
O3 F8X BA . -0.41 -11.09 -32.77
C1 WOO CA . -4.91 -21.38 -21.13
C2 WOO CA . -4.49 -22.05 -19.82
O2 WOO CA . -5.58 -22.67 -19.16
C3 WOO CA . -3.44 -23.07 -20.18
O3 WOO CA . -4.09 -24.31 -20.44
C4 WOO CA . -2.66 -22.61 -21.41
O4 WOO CA . -3.22 -23.16 -22.60
C5 WOO CA . -2.61 -21.09 -21.53
O5 WOO CA . -3.91 -20.48 -21.49
C6 WOO CA . -1.80 -20.44 -20.43
O6 WOO CA . -2.01 -21.06 -19.15
#